data_6A58
# 
_entry.id   6A58 
# 
_audit_conform.dict_name       mmcif_pdbx.dic 
_audit_conform.dict_version    5.402 
_audit_conform.dict_location   http://mmcif.pdb.org/dictionaries/ascii/mmcif_pdbx.dic 
# 
loop_
_database_2.database_id 
_database_2.database_code 
_database_2.pdbx_database_accession 
_database_2.pdbx_DOI 
PDB   6A58         pdb_00006a58 10.2210/pdb6a58/pdb 
WWPDB D_1300008175 ?            ?                   
# 
loop_
_pdbx_audit_revision_history.ordinal 
_pdbx_audit_revision_history.data_content_type 
_pdbx_audit_revision_history.major_revision 
_pdbx_audit_revision_history.minor_revision 
_pdbx_audit_revision_history.revision_date 
_pdbx_audit_revision_history.part_number 
1 'Structure model' 1 0 2019-06-26 ? 
2 'Structure model' 1 1 2020-07-08 ? 
3 'Structure model' 1 2 2024-03-27 ? 
4 'Structure model' 1 3 2025-03-12 ? 
# 
_pdbx_audit_revision_details.ordinal             1 
_pdbx_audit_revision_details.revision_ordinal    1 
_pdbx_audit_revision_details.data_content_type   'Structure model' 
_pdbx_audit_revision_details.provider            repository 
_pdbx_audit_revision_details.type                'Initial release' 
_pdbx_audit_revision_details.description         ? 
_pdbx_audit_revision_details.details             ? 
# 
loop_
_pdbx_audit_revision_group.ordinal 
_pdbx_audit_revision_group.revision_ordinal 
_pdbx_audit_revision_group.data_content_type 
_pdbx_audit_revision_group.group 
1 2 'Structure model' 'Author supporting evidence' 
2 2 'Structure model' 'Database references'        
3 3 'Structure model' 'Data collection'            
4 3 'Structure model' 'Database references'        
5 4 'Structure model' 'Database references'        
6 4 'Structure model' 'Structure summary'          
# 
loop_
_pdbx_audit_revision_category.ordinal 
_pdbx_audit_revision_category.revision_ordinal 
_pdbx_audit_revision_category.data_content_type 
_pdbx_audit_revision_category.category 
1 2 'Structure model' citation              
2 2 'Structure model' citation_author       
3 2 'Structure model' pdbx_audit_support    
4 3 'Structure model' chem_comp_atom        
5 3 'Structure model' chem_comp_bond        
6 3 'Structure model' database_2            
7 4 'Structure model' pdbx_database_related 
8 4 'Structure model' pdbx_entry_details    
# 
loop_
_pdbx_audit_revision_item.ordinal 
_pdbx_audit_revision_item.revision_ordinal 
_pdbx_audit_revision_item.data_content_type 
_pdbx_audit_revision_item.item 
1  2 'Structure model' '_citation.country'                        
2  2 'Structure model' '_citation.journal_abbrev'                 
3  2 'Structure model' '_citation.journal_id_CSD'                 
4  2 'Structure model' '_citation.journal_id_ISSN'                
5  2 'Structure model' '_citation.journal_volume'                 
6  2 'Structure model' '_citation.page_first'                     
7  2 'Structure model' '_citation.page_last'                      
8  2 'Structure model' '_citation.pdbx_database_id_DOI'           
9  2 'Structure model' '_citation.pdbx_database_id_PubMed'        
10 2 'Structure model' '_citation.title'                          
11 2 'Structure model' '_citation.year'                           
12 2 'Structure model' '_pdbx_audit_support.funding_organization' 
13 3 'Structure model' '_database_2.pdbx_DOI'                     
14 3 'Structure model' '_database_2.pdbx_database_accession'      
15 4 'Structure model' '_pdbx_database_related.content_type'      
# 
_pdbx_database_status.status_code                     REL 
_pdbx_database_status.status_code_sf                  REL 
_pdbx_database_status.status_code_mr                  ? 
_pdbx_database_status.entry_id                        6A58 
_pdbx_database_status.recvd_initial_deposition_date   2018-06-22 
_pdbx_database_status.SG_entry                        N 
_pdbx_database_status.deposit_site                    PDBJ 
_pdbx_database_status.process_site                    PDBJ 
_pdbx_database_status.status_code_cs                  ? 
_pdbx_database_status.methods_development_category    ? 
_pdbx_database_status.pdb_format_compatible           Y 
_pdbx_database_status.status_code_nmr_data            ? 
# 
_pdbx_database_related.db_name        PDB 
_pdbx_database_related.details        . 
_pdbx_database_related.db_id          6A57 
_pdbx_database_related.content_type   unspecified 
# 
loop_
_audit_author.name 
_audit_author.pdbx_ordinal 
_audit_author.identifier_ORCID 
'Tian, Z.' 1 ?                   
'Chen, Z.' 2 0000-0003-1319-9664 
# 
_citation.abstract                  ? 
_citation.abstract_id_CAS           ? 
_citation.book_id_ISBN              ? 
_citation.book_publisher            ? 
_citation.book_publisher_city       ? 
_citation.book_title                ? 
_citation.coordinate_linkage        ? 
_citation.country                   UK 
_citation.database_id_Medline       ? 
_citation.details                   ? 
_citation.id                        primary 
_citation.journal_abbrev            'Cell Discov' 
_citation.journal_id_ASTM           ? 
_citation.journal_id_CSD            ? 
_citation.journal_id_ISSN           2056-5968 
_citation.journal_full              ? 
_citation.journal_issue             ? 
_citation.journal_volume            6 
_citation.language                  ? 
_citation.page_first                17 
_citation.page_last                 17 
_citation.title                     'Crystal structures of REF6 and its complex with DNA reveal diverse recognition mechanisms.' 
_citation.year                      2020 
_citation.database_id_CSD           ? 
_citation.pdbx_database_id_DOI      10.1038/s41421-020-0150-6 
_citation.pdbx_database_id_PubMed   32257379 
_citation.unpublished_flag          ? 
# 
loop_
_citation_author.citation_id 
_citation_author.name 
_citation_author.ordinal 
_citation_author.identifier_ORCID 
primary 'Tian, Z.'  1  ?                   
primary 'Li, X.'    2  ?                   
primary 'Li, M.'    3  ?                   
primary 'Wu, W.'    4  ?                   
primary 'Zhang, M.' 5  ?                   
primary 'Tang, C.'  6  ?                   
primary 'Li, Z.'    7  ?                   
primary 'Liu, Y.'   8  ?                   
primary 'Chen, Z.'  9  ?                   
primary 'Yang, M.'  10 ?                   
primary 'Ma, L.'    11 ?                   
primary 'Caba, C.'  12 ?                   
primary 'Tong, Y.'  13 ?                   
primary 'Lam, H.M.' 14 0000-0002-6673-8740 
primary 'Dai, S.'   15 ?                   
primary 'Chen, Z.'  16 ?                   
# 
loop_
_entity.id 
_entity.type 
_entity.src_method 
_entity.pdbx_description 
_entity.formula_weight 
_entity.pdbx_number_of_molecules 
_entity.pdbx_ec 
_entity.pdbx_mutation 
_entity.pdbx_fragment 
_entity.details 
1 polymer     man 'Lysine-specific demethylase REF6' 16521.723 1   1.14.11.- ? 'Ig gamma-1 chain C region' ? 
2 non-polymer syn 'ZINC ION'                         65.409    4   ?         ? ?                           ? 
3 water       nat water                              18.015    119 ?         ? ?                           ? 
# 
_entity_name_com.entity_id   1 
_entity_name_com.name        
'Jumonji domain-containing protein 12,Lysine-specific histone demethylase REF6,Protein RELATIVE OF EARLY FLOWERING 6' 
# 
_entity_poly.entity_id                      1 
_entity_poly.type                           'polypeptide(L)' 
_entity_poly.nstd_linkage                   no 
_entity_poly.nstd_monomer                   no 
_entity_poly.pdbx_seq_one_letter_code       
;GSVEEKEEEEEEEENEEEECAAYQCNMEGCTMSFSSEKQLMLHKRNICPIKGCGKNFFSHKYLVQHQRVHSDDRPLKCPW
KGCKMTFKWAWSRTEHIRVHTGARPYVCAEPDCGQTFRFVSDFSRHKRKTGHSVKKTNKR
;
_entity_poly.pdbx_seq_one_letter_code_can   
;GSVEEKEEEEEEEENEEEECAAYQCNMEGCTMSFSSEKQLMLHKRNICPIKGCGKNFFSHKYLVQHQRVHSDDRPLKCPW
KGCKMTFKWAWSRTEHIRVHTGARPYVCAEPDCGQTFRFVSDFSRHKRKTGHSVKKTNKR
;
_entity_poly.pdbx_strand_id                 A 
_entity_poly.pdbx_target_identifier         ? 
# 
loop_
_pdbx_entity_nonpoly.entity_id 
_pdbx_entity_nonpoly.name 
_pdbx_entity_nonpoly.comp_id 
2 'ZINC ION' ZN  
3 water      HOH 
# 
loop_
_entity_poly_seq.entity_id 
_entity_poly_seq.num 
_entity_poly_seq.mon_id 
_entity_poly_seq.hetero 
1 1   GLY n 
1 2   SER n 
1 3   VAL n 
1 4   GLU n 
1 5   GLU n 
1 6   LYS n 
1 7   GLU n 
1 8   GLU n 
1 9   GLU n 
1 10  GLU n 
1 11  GLU n 
1 12  GLU n 
1 13  GLU n 
1 14  GLU n 
1 15  ASN n 
1 16  GLU n 
1 17  GLU n 
1 18  GLU n 
1 19  GLU n 
1 20  CYS n 
1 21  ALA n 
1 22  ALA n 
1 23  TYR n 
1 24  GLN n 
1 25  CYS n 
1 26  ASN n 
1 27  MET n 
1 28  GLU n 
1 29  GLY n 
1 30  CYS n 
1 31  THR n 
1 32  MET n 
1 33  SER n 
1 34  PHE n 
1 35  SER n 
1 36  SER n 
1 37  GLU n 
1 38  LYS n 
1 39  GLN n 
1 40  LEU n 
1 41  MET n 
1 42  LEU n 
1 43  HIS n 
1 44  LYS n 
1 45  ARG n 
1 46  ASN n 
1 47  ILE n 
1 48  CYS n 
1 49  PRO n 
1 50  ILE n 
1 51  LYS n 
1 52  GLY n 
1 53  CYS n 
1 54  GLY n 
1 55  LYS n 
1 56  ASN n 
1 57  PHE n 
1 58  PHE n 
1 59  SER n 
1 60  HIS n 
1 61  LYS n 
1 62  TYR n 
1 63  LEU n 
1 64  VAL n 
1 65  GLN n 
1 66  HIS n 
1 67  GLN n 
1 68  ARG n 
1 69  VAL n 
1 70  HIS n 
1 71  SER n 
1 72  ASP n 
1 73  ASP n 
1 74  ARG n 
1 75  PRO n 
1 76  LEU n 
1 77  LYS n 
1 78  CYS n 
1 79  PRO n 
1 80  TRP n 
1 81  LYS n 
1 82  GLY n 
1 83  CYS n 
1 84  LYS n 
1 85  MET n 
1 86  THR n 
1 87  PHE n 
1 88  LYS n 
1 89  TRP n 
1 90  ALA n 
1 91  TRP n 
1 92  SER n 
1 93  ARG n 
1 94  THR n 
1 95  GLU n 
1 96  HIS n 
1 97  ILE n 
1 98  ARG n 
1 99  VAL n 
1 100 HIS n 
1 101 THR n 
1 102 GLY n 
1 103 ALA n 
1 104 ARG n 
1 105 PRO n 
1 106 TYR n 
1 107 VAL n 
1 108 CYS n 
1 109 ALA n 
1 110 GLU n 
1 111 PRO n 
1 112 ASP n 
1 113 CYS n 
1 114 GLY n 
1 115 GLN n 
1 116 THR n 
1 117 PHE n 
1 118 ARG n 
1 119 PHE n 
1 120 VAL n 
1 121 SER n 
1 122 ASP n 
1 123 PHE n 
1 124 SER n 
1 125 ARG n 
1 126 HIS n 
1 127 LYS n 
1 128 ARG n 
1 129 LYS n 
1 130 THR n 
1 131 GLY n 
1 132 HIS n 
1 133 SER n 
1 134 VAL n 
1 135 LYS n 
1 136 LYS n 
1 137 THR n 
1 138 ASN n 
1 139 LYS n 
1 140 ARG n 
# 
_entity_src_gen.entity_id                          1 
_entity_src_gen.pdbx_src_id                        1 
_entity_src_gen.pdbx_alt_source_flag               sample 
_entity_src_gen.pdbx_seq_type                      'Biological sequence' 
_entity_src_gen.pdbx_beg_seq_num                   1 
_entity_src_gen.pdbx_end_seq_num                   140 
_entity_src_gen.gene_src_common_name               'Mouse-ear cress' 
_entity_src_gen.gene_src_genus                     ? 
_entity_src_gen.pdbx_gene_src_gene                 'REF6, JMJ12, PKDM9A, At3g48430, T29H11_50' 
_entity_src_gen.gene_src_species                   ? 
_entity_src_gen.gene_src_strain                    ? 
_entity_src_gen.gene_src_tissue                    ? 
_entity_src_gen.gene_src_tissue_fraction           ? 
_entity_src_gen.gene_src_details                   ? 
_entity_src_gen.pdbx_gene_src_fragment             ? 
_entity_src_gen.pdbx_gene_src_scientific_name      'Arabidopsis thaliana' 
_entity_src_gen.pdbx_gene_src_ncbi_taxonomy_id     3702 
_entity_src_gen.pdbx_gene_src_variant              ? 
_entity_src_gen.pdbx_gene_src_cell_line            ? 
_entity_src_gen.pdbx_gene_src_atcc                 ? 
_entity_src_gen.pdbx_gene_src_organ                ? 
_entity_src_gen.pdbx_gene_src_organelle            ? 
_entity_src_gen.pdbx_gene_src_cell                 ? 
_entity_src_gen.pdbx_gene_src_cellular_location    ? 
_entity_src_gen.host_org_common_name               ? 
_entity_src_gen.pdbx_host_org_scientific_name      'Escherichia coli' 
_entity_src_gen.pdbx_host_org_ncbi_taxonomy_id     562 
_entity_src_gen.host_org_genus                     ? 
_entity_src_gen.pdbx_host_org_gene                 ? 
_entity_src_gen.pdbx_host_org_organ                ? 
_entity_src_gen.host_org_species                   ? 
_entity_src_gen.pdbx_host_org_tissue               ? 
_entity_src_gen.pdbx_host_org_tissue_fraction      ? 
_entity_src_gen.pdbx_host_org_strain               ? 
_entity_src_gen.pdbx_host_org_variant              ? 
_entity_src_gen.pdbx_host_org_cell_line            ? 
_entity_src_gen.pdbx_host_org_atcc                 ? 
_entity_src_gen.pdbx_host_org_culture_collection   ? 
_entity_src_gen.pdbx_host_org_cell                 ? 
_entity_src_gen.pdbx_host_org_organelle            ? 
_entity_src_gen.pdbx_host_org_cellular_location    ? 
_entity_src_gen.pdbx_host_org_vector_type          ? 
_entity_src_gen.pdbx_host_org_vector               ? 
_entity_src_gen.host_org_details                   ? 
_entity_src_gen.expression_system_id               ? 
_entity_src_gen.plasmid_name                       ? 
_entity_src_gen.plasmid_details                    ? 
_entity_src_gen.pdbx_description                   ? 
# 
loop_
_chem_comp.id 
_chem_comp.type 
_chem_comp.mon_nstd_flag 
_chem_comp.name 
_chem_comp.pdbx_synonyms 
_chem_comp.formula 
_chem_comp.formula_weight 
ALA 'L-peptide linking' y ALANINE         ? 'C3 H7 N O2'     89.093  
ARG 'L-peptide linking' y ARGININE        ? 'C6 H15 N4 O2 1' 175.209 
ASN 'L-peptide linking' y ASPARAGINE      ? 'C4 H8 N2 O3'    132.118 
ASP 'L-peptide linking' y 'ASPARTIC ACID' ? 'C4 H7 N O4'     133.103 
CYS 'L-peptide linking' y CYSTEINE        ? 'C3 H7 N O2 S'   121.158 
GLN 'L-peptide linking' y GLUTAMINE       ? 'C5 H10 N2 O3'   146.144 
GLU 'L-peptide linking' y 'GLUTAMIC ACID' ? 'C5 H9 N O4'     147.129 
GLY 'peptide linking'   y GLYCINE         ? 'C2 H5 N O2'     75.067  
HIS 'L-peptide linking' y HISTIDINE       ? 'C6 H10 N3 O2 1' 156.162 
HOH non-polymer         . WATER           ? 'H2 O'           18.015  
ILE 'L-peptide linking' y ISOLEUCINE      ? 'C6 H13 N O2'    131.173 
LEU 'L-peptide linking' y LEUCINE         ? 'C6 H13 N O2'    131.173 
LYS 'L-peptide linking' y LYSINE          ? 'C6 H15 N2 O2 1' 147.195 
MET 'L-peptide linking' y METHIONINE      ? 'C5 H11 N O2 S'  149.211 
PHE 'L-peptide linking' y PHENYLALANINE   ? 'C9 H11 N O2'    165.189 
PRO 'L-peptide linking' y PROLINE         ? 'C5 H9 N O2'     115.130 
SER 'L-peptide linking' y SERINE          ? 'C3 H7 N O3'     105.093 
THR 'L-peptide linking' y THREONINE       ? 'C4 H9 N O3'     119.119 
TRP 'L-peptide linking' y TRYPTOPHAN      ? 'C11 H12 N2 O2'  204.225 
TYR 'L-peptide linking' y TYROSINE        ? 'C9 H11 N O3'    181.189 
VAL 'L-peptide linking' y VALINE          ? 'C5 H11 N O2'    117.146 
ZN  non-polymer         . 'ZINC ION'      ? 'Zn 2'           65.409  
# 
loop_
_pdbx_poly_seq_scheme.asym_id 
_pdbx_poly_seq_scheme.entity_id 
_pdbx_poly_seq_scheme.seq_id 
_pdbx_poly_seq_scheme.mon_id 
_pdbx_poly_seq_scheme.ndb_seq_num 
_pdbx_poly_seq_scheme.pdb_seq_num 
_pdbx_poly_seq_scheme.auth_seq_num 
_pdbx_poly_seq_scheme.pdb_mon_id 
_pdbx_poly_seq_scheme.auth_mon_id 
_pdbx_poly_seq_scheme.pdb_strand_id 
_pdbx_poly_seq_scheme.pdb_ins_code 
_pdbx_poly_seq_scheme.hetero 
A 1 1   GLY 1   1221 ?    ?   ?   A . n 
A 1 2   SER 2   1222 ?    ?   ?   A . n 
A 1 3   VAL 3   1223 ?    ?   ?   A . n 
A 1 4   GLU 4   1224 ?    ?   ?   A . n 
A 1 5   GLU 5   1225 ?    ?   ?   A . n 
A 1 6   LYS 6   1226 ?    ?   ?   A . n 
A 1 7   GLU 7   1227 ?    ?   ?   A . n 
A 1 8   GLU 8   1228 ?    ?   ?   A . n 
A 1 9   GLU 9   1229 ?    ?   ?   A . n 
A 1 10  GLU 10  1230 ?    ?   ?   A . n 
A 1 11  GLU 11  1231 ?    ?   ?   A . n 
A 1 12  GLU 12  1232 ?    ?   ?   A . n 
A 1 13  GLU 13  1233 ?    ?   ?   A . n 
A 1 14  GLU 14  1234 ?    ?   ?   A . n 
A 1 15  ASN 15  1235 ?    ?   ?   A . n 
A 1 16  GLU 16  1236 ?    ?   ?   A . n 
A 1 17  GLU 17  1237 ?    ?   ?   A . n 
A 1 18  GLU 18  1238 1238 GLU GLU A . n 
A 1 19  GLU 19  1239 1239 GLU GLU A . n 
A 1 20  CYS 20  1240 1240 CYS CYS A . n 
A 1 21  ALA 21  1241 1241 ALA ALA A . n 
A 1 22  ALA 22  1242 1242 ALA ALA A . n 
A 1 23  TYR 23  1243 1243 TYR TYR A . n 
A 1 24  GLN 24  1244 1244 GLN GLN A . n 
A 1 25  CYS 25  1245 1245 CYS CYS A . n 
A 1 26  ASN 26  1246 1246 ASN ASN A . n 
A 1 27  MET 27  1247 1247 MET MET A . n 
A 1 28  GLU 28  1248 1248 GLU GLU A . n 
A 1 29  GLY 29  1249 1249 GLY GLY A . n 
A 1 30  CYS 30  1250 1250 CYS CYS A . n 
A 1 31  THR 31  1251 1251 THR THR A . n 
A 1 32  MET 32  1252 1252 MET MET A . n 
A 1 33  SER 33  1253 1253 SER SER A . n 
A 1 34  PHE 34  1254 1254 PHE PHE A . n 
A 1 35  SER 35  1255 1255 SER SER A . n 
A 1 36  SER 36  1256 1256 SER SER A . n 
A 1 37  GLU 37  1257 1257 GLU GLU A . n 
A 1 38  LYS 38  1258 1258 LYS LYS A . n 
A 1 39  GLN 39  1259 1259 GLN GLN A . n 
A 1 40  LEU 40  1260 1260 LEU LEU A . n 
A 1 41  MET 41  1261 1261 MET MET A . n 
A 1 42  LEU 42  1262 1262 LEU LEU A . n 
A 1 43  HIS 43  1263 1263 HIS HIS A . n 
A 1 44  LYS 44  1264 1264 LYS LYS A . n 
A 1 45  ARG 45  1265 1265 ARG ARG A . n 
A 1 46  ASN 46  1266 1266 ASN ASN A . n 
A 1 47  ILE 47  1267 1267 ILE ILE A . n 
A 1 48  CYS 48  1268 1268 CYS CYS A . n 
A 1 49  PRO 49  1269 1269 PRO PRO A . n 
A 1 50  ILE 50  1270 1270 ILE ILE A . n 
A 1 51  LYS 51  1271 1271 LYS LYS A . n 
A 1 52  GLY 52  1272 1272 GLY GLY A . n 
A 1 53  CYS 53  1273 1273 CYS CYS A . n 
A 1 54  GLY 54  1274 1274 GLY GLY A . n 
A 1 55  LYS 55  1275 1275 LYS LYS A . n 
A 1 56  ASN 56  1276 1276 ASN ASN A . n 
A 1 57  PHE 57  1277 1277 PHE PHE A . n 
A 1 58  PHE 58  1278 1278 PHE PHE A . n 
A 1 59  SER 59  1279 1279 SER SER A . n 
A 1 60  HIS 60  1280 1280 HIS HIS A . n 
A 1 61  LYS 61  1281 1281 LYS LYS A . n 
A 1 62  TYR 62  1282 1282 TYR TYR A . n 
A 1 63  LEU 63  1283 1283 LEU LEU A . n 
A 1 64  VAL 64  1284 1284 VAL VAL A . n 
A 1 65  GLN 65  1285 1285 GLN GLN A . n 
A 1 66  HIS 66  1286 1286 HIS HIS A . n 
A 1 67  GLN 67  1287 1287 GLN GLN A . n 
A 1 68  ARG 68  1288 1288 ARG ARG A . n 
A 1 69  VAL 69  1289 1289 VAL VAL A . n 
A 1 70  HIS 70  1290 1290 HIS HIS A . n 
A 1 71  SER 71  1291 1291 SER SER A . n 
A 1 72  ASP 72  1292 1292 ASP ASP A . n 
A 1 73  ASP 73  1293 1293 ASP ASP A . n 
A 1 74  ARG 74  1294 1294 ARG ARG A . n 
A 1 75  PRO 75  1295 1295 PRO PRO A . n 
A 1 76  LEU 76  1296 1296 LEU LEU A . n 
A 1 77  LYS 77  1297 1297 LYS LYS A . n 
A 1 78  CYS 78  1298 1298 CYS CYS A . n 
A 1 79  PRO 79  1299 1299 PRO PRO A . n 
A 1 80  TRP 80  1300 1300 TRP TRP A . n 
A 1 81  LYS 81  1301 1301 LYS LYS A . n 
A 1 82  GLY 82  1302 1302 GLY GLY A . n 
A 1 83  CYS 83  1303 1303 CYS CYS A . n 
A 1 84  LYS 84  1304 1304 LYS LYS A . n 
A 1 85  MET 85  1305 1305 MET MET A . n 
A 1 86  THR 86  1306 1306 THR THR A . n 
A 1 87  PHE 87  1307 1307 PHE PHE A . n 
A 1 88  LYS 88  1308 1308 LYS LYS A . n 
A 1 89  TRP 89  1309 1309 TRP TRP A . n 
A 1 90  ALA 90  1310 1310 ALA ALA A . n 
A 1 91  TRP 91  1311 1311 TRP TRP A . n 
A 1 92  SER 92  1312 1312 SER SER A . n 
A 1 93  ARG 93  1313 1313 ARG ARG A . n 
A 1 94  THR 94  1314 1314 THR THR A . n 
A 1 95  GLU 95  1315 1315 GLU GLU A . n 
A 1 96  HIS 96  1316 1316 HIS HIS A . n 
A 1 97  ILE 97  1317 1317 ILE ILE A . n 
A 1 98  ARG 98  1318 1318 ARG ARG A . n 
A 1 99  VAL 99  1319 1319 VAL VAL A . n 
A 1 100 HIS 100 1320 1320 HIS HIS A . n 
A 1 101 THR 101 1321 1321 THR THR A . n 
A 1 102 GLY 102 1322 1322 GLY GLY A . n 
A 1 103 ALA 103 1323 1323 ALA ALA A . n 
A 1 104 ARG 104 1324 1324 ARG ARG A . n 
A 1 105 PRO 105 1325 1325 PRO PRO A . n 
A 1 106 TYR 106 1326 1326 TYR TYR A . n 
A 1 107 VAL 107 1327 1327 VAL VAL A . n 
A 1 108 CYS 108 1328 1328 CYS CYS A . n 
A 1 109 ALA 109 1329 1329 ALA ALA A . n 
A 1 110 GLU 110 1330 1330 GLU GLU A . n 
A 1 111 PRO 111 1331 1331 PRO PRO A . n 
A 1 112 ASP 112 1332 1332 ASP ASP A . n 
A 1 113 CYS 113 1333 1333 CYS CYS A . n 
A 1 114 GLY 114 1334 1334 GLY GLY A . n 
A 1 115 GLN 115 1335 1335 GLN GLN A . n 
A 1 116 THR 116 1336 1336 THR THR A . n 
A 1 117 PHE 117 1337 1337 PHE PHE A . n 
A 1 118 ARG 118 1338 1338 ARG ARG A . n 
A 1 119 PHE 119 1339 1339 PHE PHE A . n 
A 1 120 VAL 120 1340 1340 VAL VAL A . n 
A 1 121 SER 121 1341 1341 SER SER A . n 
A 1 122 ASP 122 1342 1342 ASP ASP A . n 
A 1 123 PHE 123 1343 1343 PHE PHE A . n 
A 1 124 SER 124 1344 1344 SER SER A . n 
A 1 125 ARG 125 1345 1345 ARG ARG A . n 
A 1 126 HIS 126 1346 1346 HIS HIS A . n 
A 1 127 LYS 127 1347 1347 LYS LYS A . n 
A 1 128 ARG 128 1348 1348 ARG ARG A . n 
A 1 129 LYS 129 1349 1349 LYS LYS A . n 
A 1 130 THR 130 1350 1350 THR THR A . n 
A 1 131 GLY 131 1351 1351 GLY GLY A . n 
A 1 132 HIS 132 1352 1352 HIS HIS A . n 
A 1 133 SER 133 1353 1353 SER SER A . n 
A 1 134 VAL 134 1354 ?    ?   ?   A . n 
A 1 135 LYS 135 1355 ?    ?   ?   A . n 
A 1 136 LYS 136 1356 ?    ?   ?   A . n 
A 1 137 THR 137 1357 ?    ?   ?   A . n 
A 1 138 ASN 138 1358 ?    ?   ?   A . n 
A 1 139 LYS 139 1359 ?    ?   ?   A . n 
A 1 140 ARG 140 1360 ?    ?   ?   A . n 
# 
loop_
_pdbx_nonpoly_scheme.asym_id 
_pdbx_nonpoly_scheme.entity_id 
_pdbx_nonpoly_scheme.mon_id 
_pdbx_nonpoly_scheme.ndb_seq_num 
_pdbx_nonpoly_scheme.pdb_seq_num 
_pdbx_nonpoly_scheme.auth_seq_num 
_pdbx_nonpoly_scheme.pdb_mon_id 
_pdbx_nonpoly_scheme.auth_mon_id 
_pdbx_nonpoly_scheme.pdb_strand_id 
_pdbx_nonpoly_scheme.pdb_ins_code 
B 2 ZN  1   1401 1   ZN  ZN  A . 
C 2 ZN  1   1402 2   ZN  ZN  A . 
D 2 ZN  1   1403 3   ZN  ZN  A . 
E 2 ZN  1   1404 4   ZN  ZN  A . 
F 3 HOH 1   1501 115 HOH HOH A . 
F 3 HOH 2   1502 8   HOH HOH A . 
F 3 HOH 3   1503 83  HOH HOH A . 
F 3 HOH 4   1504 110 HOH HOH A . 
F 3 HOH 5   1505 109 HOH HOH A . 
F 3 HOH 6   1506 64  HOH HOH A . 
F 3 HOH 7   1507 50  HOH HOH A . 
F 3 HOH 8   1508 68  HOH HOH A . 
F 3 HOH 9   1509 33  HOH HOH A . 
F 3 HOH 10  1510 78  HOH HOH A . 
F 3 HOH 11  1511 99  HOH HOH A . 
F 3 HOH 12  1512 20  HOH HOH A . 
F 3 HOH 13  1513 70  HOH HOH A . 
F 3 HOH 14  1514 53  HOH HOH A . 
F 3 HOH 15  1515 56  HOH HOH A . 
F 3 HOH 16  1516 67  HOH HOH A . 
F 3 HOH 17  1517 108 HOH HOH A . 
F 3 HOH 18  1518 100 HOH HOH A . 
F 3 HOH 19  1519 7   HOH HOH A . 
F 3 HOH 20  1520 6   HOH HOH A . 
F 3 HOH 21  1521 54  HOH HOH A . 
F 3 HOH 22  1522 76  HOH HOH A . 
F 3 HOH 23  1523 39  HOH HOH A . 
F 3 HOH 24  1524 58  HOH HOH A . 
F 3 HOH 25  1525 48  HOH HOH A . 
F 3 HOH 26  1526 74  HOH HOH A . 
F 3 HOH 27  1527 10  HOH HOH A . 
F 3 HOH 28  1528 49  HOH HOH A . 
F 3 HOH 29  1529 2   HOH HOH A . 
F 3 HOH 30  1530 77  HOH HOH A . 
F 3 HOH 31  1531 107 HOH HOH A . 
F 3 HOH 32  1532 55  HOH HOH A . 
F 3 HOH 33  1533 18  HOH HOH A . 
F 3 HOH 34  1534 16  HOH HOH A . 
F 3 HOH 35  1535 22  HOH HOH A . 
F 3 HOH 36  1536 57  HOH HOH A . 
F 3 HOH 37  1537 82  HOH HOH A . 
F 3 HOH 38  1538 1   HOH HOH A . 
F 3 HOH 39  1539 14  HOH HOH A . 
F 3 HOH 40  1540 12  HOH HOH A . 
F 3 HOH 41  1541 73  HOH HOH A . 
F 3 HOH 42  1542 59  HOH HOH A . 
F 3 HOH 43  1543 66  HOH HOH A . 
F 3 HOH 44  1544 24  HOH HOH A . 
F 3 HOH 45  1545 72  HOH HOH A . 
F 3 HOH 46  1546 90  HOH HOH A . 
F 3 HOH 47  1547 11  HOH HOH A . 
F 3 HOH 48  1548 34  HOH HOH A . 
F 3 HOH 49  1549 95  HOH HOH A . 
F 3 HOH 50  1550 75  HOH HOH A . 
F 3 HOH 51  1551 42  HOH HOH A . 
F 3 HOH 52  1552 32  HOH HOH A . 
F 3 HOH 53  1553 38  HOH HOH A . 
F 3 HOH 54  1554 9   HOH HOH A . 
F 3 HOH 55  1555 71  HOH HOH A . 
F 3 HOH 56  1556 96  HOH HOH A . 
F 3 HOH 57  1557 44  HOH HOH A . 
F 3 HOH 58  1558 88  HOH HOH A . 
F 3 HOH 59  1559 63  HOH HOH A . 
F 3 HOH 60  1560 52  HOH HOH A . 
F 3 HOH 61  1561 93  HOH HOH A . 
F 3 HOH 62  1562 37  HOH HOH A . 
F 3 HOH 63  1563 4   HOH HOH A . 
F 3 HOH 64  1564 35  HOH HOH A . 
F 3 HOH 65  1565 26  HOH HOH A . 
F 3 HOH 66  1566 43  HOH HOH A . 
F 3 HOH 67  1567 112 HOH HOH A . 
F 3 HOH 68  1568 40  HOH HOH A . 
F 3 HOH 69  1569 89  HOH HOH A . 
F 3 HOH 70  1570 23  HOH HOH A . 
F 3 HOH 71  1571 111 HOH HOH A . 
F 3 HOH 72  1572 87  HOH HOH A . 
F 3 HOH 73  1573 5   HOH HOH A . 
F 3 HOH 74  1574 36  HOH HOH A . 
F 3 HOH 75  1575 118 HOH HOH A . 
F 3 HOH 76  1576 19  HOH HOH A . 
F 3 HOH 77  1577 41  HOH HOH A . 
F 3 HOH 78  1578 25  HOH HOH A . 
F 3 HOH 79  1579 3   HOH HOH A . 
F 3 HOH 80  1580 17  HOH HOH A . 
F 3 HOH 81  1581 65  HOH HOH A . 
F 3 HOH 82  1582 62  HOH HOH A . 
F 3 HOH 83  1583 69  HOH HOH A . 
F 3 HOH 84  1584 98  HOH HOH A . 
F 3 HOH 85  1585 46  HOH HOH A . 
F 3 HOH 86  1586 104 HOH HOH A . 
F 3 HOH 87  1587 84  HOH HOH A . 
F 3 HOH 88  1588 28  HOH HOH A . 
F 3 HOH 89  1589 86  HOH HOH A . 
F 3 HOH 90  1590 31  HOH HOH A . 
F 3 HOH 91  1591 116 HOH HOH A . 
F 3 HOH 92  1592 103 HOH HOH A . 
F 3 HOH 93  1593 117 HOH HOH A . 
F 3 HOH 94  1594 119 HOH HOH A . 
F 3 HOH 95  1595 60  HOH HOH A . 
F 3 HOH 96  1596 27  HOH HOH A . 
F 3 HOH 97  1597 94  HOH HOH A . 
F 3 HOH 98  1598 51  HOH HOH A . 
F 3 HOH 99  1599 79  HOH HOH A . 
F 3 HOH 100 1600 29  HOH HOH A . 
F 3 HOH 101 1601 61  HOH HOH A . 
F 3 HOH 102 1602 91  HOH HOH A . 
F 3 HOH 103 1603 114 HOH HOH A . 
F 3 HOH 104 1604 113 HOH HOH A . 
F 3 HOH 105 1605 47  HOH HOH A . 
F 3 HOH 106 1606 21  HOH HOH A . 
F 3 HOH 107 1607 30  HOH HOH A . 
F 3 HOH 108 1608 101 HOH HOH A . 
F 3 HOH 109 1609 102 HOH HOH A . 
F 3 HOH 110 1610 106 HOH HOH A . 
F 3 HOH 111 1611 15  HOH HOH A . 
F 3 HOH 112 1612 97  HOH HOH A . 
F 3 HOH 113 1613 45  HOH HOH A . 
F 3 HOH 114 1614 81  HOH HOH A . 
F 3 HOH 115 1615 13  HOH HOH A . 
F 3 HOH 116 1616 92  HOH HOH A . 
F 3 HOH 117 1617 105 HOH HOH A . 
F 3 HOH 118 1618 85  HOH HOH A . 
F 3 HOH 119 1619 80  HOH HOH A . 
# 
loop_
_pdbx_unobs_or_zero_occ_atoms.id 
_pdbx_unobs_or_zero_occ_atoms.PDB_model_num 
_pdbx_unobs_or_zero_occ_atoms.polymer_flag 
_pdbx_unobs_or_zero_occ_atoms.occupancy_flag 
_pdbx_unobs_or_zero_occ_atoms.auth_asym_id 
_pdbx_unobs_or_zero_occ_atoms.auth_comp_id 
_pdbx_unobs_or_zero_occ_atoms.auth_seq_id 
_pdbx_unobs_or_zero_occ_atoms.PDB_ins_code 
_pdbx_unobs_or_zero_occ_atoms.auth_atom_id 
_pdbx_unobs_or_zero_occ_atoms.label_alt_id 
_pdbx_unobs_or_zero_occ_atoms.label_asym_id 
_pdbx_unobs_or_zero_occ_atoms.label_comp_id 
_pdbx_unobs_or_zero_occ_atoms.label_seq_id 
_pdbx_unobs_or_zero_occ_atoms.label_atom_id 
1  1 Y 1 A CYS 1240 ? SG  ? A CYS 20  SG  
2  1 Y 1 A ARG 1288 ? CG  ? A ARG 68  CG  
3  1 Y 1 A ARG 1288 ? CD  ? A ARG 68  CD  
4  1 Y 1 A ARG 1288 ? NE  ? A ARG 68  NE  
5  1 Y 1 A ARG 1288 ? CZ  ? A ARG 68  CZ  
6  1 Y 1 A ARG 1288 ? NH1 ? A ARG 68  NH1 
7  1 Y 1 A ARG 1288 ? NH2 ? A ARG 68  NH2 
8  1 Y 1 A VAL 1289 ? CG1 ? A VAL 69  CG1 
9  1 Y 1 A VAL 1289 ? CG2 ? A VAL 69  CG2 
10 1 Y 1 A LYS 1308 ? CG  ? A LYS 88  CG  
11 1 Y 1 A LYS 1308 ? CD  ? A LYS 88  CD  
12 1 Y 1 A LYS 1308 ? CE  ? A LYS 88  CE  
13 1 Y 1 A LYS 1308 ? NZ  ? A LYS 88  NZ  
14 1 Y 1 A GLU 1330 ? CG  ? A GLU 110 CG  
15 1 Y 1 A GLU 1330 ? CD  ? A GLU 110 CD  
16 1 Y 1 A GLU 1330 ? OE1 ? A GLU 110 OE1 
17 1 Y 1 A GLU 1330 ? OE2 ? A GLU 110 OE2 
18 1 Y 1 A ASP 1332 ? CG  ? A ASP 112 CG  
19 1 Y 1 A ASP 1332 ? OD1 ? A ASP 112 OD1 
20 1 Y 1 A ASP 1332 ? OD2 ? A ASP 112 OD2 
# 
loop_
_software.citation_id 
_software.classification 
_software.compiler_name 
_software.compiler_version 
_software.contact_author 
_software.contact_author_email 
_software.date 
_software.description 
_software.dependencies 
_software.hardware 
_software.language 
_software.location 
_software.mods 
_software.name 
_software.os 
_software.os_version 
_software.type 
_software.version 
_software.pdbx_ordinal 
? refinement       ? ? ? ? ? ? ? ? ? ? ? REFMAC   ? ? ? 5.8.0189 1 
? 'data reduction' ? ? ? ? ? ? ? ? ? ? ? HKL-2000 ? ? ? .        2 
? 'data scaling'   ? ? ? ? ? ? ? ? ? ? ? HKL-2000 ? ? ? .        3 
? phasing          ? ? ? ? ? ? ? ? ? ? ? HKL2Map  ? ? ? .        4 
# 
_cell.angle_alpha                  90.00 
_cell.angle_alpha_esd              ? 
_cell.angle_beta                   90.00 
_cell.angle_beta_esd               ? 
_cell.angle_gamma                  90.00 
_cell.angle_gamma_esd              ? 
_cell.entry_id                     6A58 
_cell.details                      ? 
_cell.formula_units_Z              ? 
_cell.length_a                     62.494 
_cell.length_a_esd                 ? 
_cell.length_b                     62.494 
_cell.length_b_esd                 ? 
_cell.length_c                     43.157 
_cell.length_c_esd                 ? 
_cell.volume                       ? 
_cell.volume_esd                   ? 
_cell.Z_PDB                        4 
_cell.reciprocal_angle_alpha       ? 
_cell.reciprocal_angle_beta        ? 
_cell.reciprocal_angle_gamma       ? 
_cell.reciprocal_angle_alpha_esd   ? 
_cell.reciprocal_angle_beta_esd    ? 
_cell.reciprocal_angle_gamma_esd   ? 
_cell.reciprocal_length_a          ? 
_cell.reciprocal_length_b          ? 
_cell.reciprocal_length_c          ? 
_cell.reciprocal_length_a_esd      ? 
_cell.reciprocal_length_b_esd      ? 
_cell.reciprocal_length_c_esd      ? 
_cell.pdbx_unique_axis             ? 
# 
_symmetry.entry_id                         6A58 
_symmetry.cell_setting                     ? 
_symmetry.Int_Tables_number                76 
_symmetry.space_group_name_Hall            ? 
_symmetry.space_group_name_H-M             'P 41' 
_symmetry.pdbx_full_space_group_name_H-M   ? 
# 
_exptl.absorpt_coefficient_mu     ? 
_exptl.absorpt_correction_T_max   ? 
_exptl.absorpt_correction_T_min   ? 
_exptl.absorpt_correction_type    ? 
_exptl.absorpt_process_details    ? 
_exptl.entry_id                   6A58 
_exptl.crystals_number            1 
_exptl.details                    ? 
_exptl.method                     'X-RAY DIFFRACTION' 
_exptl.method_details             ? 
# 
_exptl_crystal.colour                      ? 
_exptl_crystal.density_diffrn              ? 
_exptl_crystal.density_Matthews            2.55 
_exptl_crystal.density_method              ? 
_exptl_crystal.density_percent_sol         51.77 
_exptl_crystal.description                 ? 
_exptl_crystal.F_000                       ? 
_exptl_crystal.id                          1 
_exptl_crystal.preparation                 ? 
_exptl_crystal.size_max                    ? 
_exptl_crystal.size_mid                    ? 
_exptl_crystal.size_min                    ? 
_exptl_crystal.size_rad                    ? 
_exptl_crystal.colour_lustre               ? 
_exptl_crystal.colour_modifier             ? 
_exptl_crystal.colour_primary              ? 
_exptl_crystal.density_meas                ? 
_exptl_crystal.density_meas_esd            ? 
_exptl_crystal.density_meas_gt             ? 
_exptl_crystal.density_meas_lt             ? 
_exptl_crystal.density_meas_temp           ? 
_exptl_crystal.density_meas_temp_esd       ? 
_exptl_crystal.density_meas_temp_gt        ? 
_exptl_crystal.density_meas_temp_lt        ? 
_exptl_crystal.pdbx_crystal_image_url      ? 
_exptl_crystal.pdbx_crystal_image_format   ? 
_exptl_crystal.pdbx_mosaicity              ? 
_exptl_crystal.pdbx_mosaicity_esd          ? 
# 
_exptl_crystal_grow.apparatus       ? 
_exptl_crystal_grow.atmosphere      ? 
_exptl_crystal_grow.crystal_id      1 
_exptl_crystal_grow.details         ? 
_exptl_crystal_grow.method          'VAPOR DIFFUSION, SITTING DROP' 
_exptl_crystal_grow.method_ref      ? 
_exptl_crystal_grow.pH              ? 
_exptl_crystal_grow.pressure        ? 
_exptl_crystal_grow.pressure_esd    ? 
_exptl_crystal_grow.seeding         ? 
_exptl_crystal_grow.seeding_ref     ? 
_exptl_crystal_grow.temp            277 
_exptl_crystal_grow.temp_details    ? 
_exptl_crystal_grow.temp_esd        ? 
_exptl_crystal_grow.time            ? 
_exptl_crystal_grow.pdbx_details    PEG 
_exptl_crystal_grow.pdbx_pH_range   ? 
# 
_diffrn.ambient_environment    ? 
_diffrn.ambient_temp           100 
_diffrn.ambient_temp_details   ? 
_diffrn.ambient_temp_esd       ? 
_diffrn.crystal_id             1 
_diffrn.crystal_support        ? 
_diffrn.crystal_treatment      ? 
_diffrn.details                ? 
_diffrn.id                     1 
_diffrn.ambient_pressure       ? 
_diffrn.ambient_pressure_esd   ? 
_diffrn.ambient_pressure_gt    ? 
_diffrn.ambient_pressure_lt    ? 
_diffrn.ambient_temp_gt        ? 
_diffrn.ambient_temp_lt        ? 
# 
_diffrn_detector.details                      ? 
_diffrn_detector.detector                     CCD 
_diffrn_detector.diffrn_id                    1 
_diffrn_detector.type                         'ADSC QUANTUM 315' 
_diffrn_detector.area_resol_mean              ? 
_diffrn_detector.dtime                        ? 
_diffrn_detector.pdbx_frames_total            ? 
_diffrn_detector.pdbx_collection_time_total   ? 
_diffrn_detector.pdbx_collection_date         2017-03-14 
# 
_diffrn_radiation.collimation                      ? 
_diffrn_radiation.diffrn_id                        1 
_diffrn_radiation.filter_edge                      ? 
_diffrn_radiation.inhomogeneity                    ? 
_diffrn_radiation.monochromator                    ? 
_diffrn_radiation.polarisn_norm                    ? 
_diffrn_radiation.polarisn_ratio                   ? 
_diffrn_radiation.probe                            ? 
_diffrn_radiation.type                             ? 
_diffrn_radiation.xray_symbol                      ? 
_diffrn_radiation.wavelength_id                    1 
_diffrn_radiation.pdbx_monochromatic_or_laue_m_l   M 
_diffrn_radiation.pdbx_wavelength_list             ? 
_diffrn_radiation.pdbx_wavelength                  ? 
_diffrn_radiation.pdbx_diffrn_protocol             MAD 
_diffrn_radiation.pdbx_analyzer                    ? 
_diffrn_radiation.pdbx_scattering_type             x-ray 
# 
_diffrn_radiation_wavelength.id           1 
_diffrn_radiation_wavelength.wavelength   0.9793 
_diffrn_radiation_wavelength.wt           1.0 
# 
_diffrn_source.current                     ? 
_diffrn_source.details                     ? 
_diffrn_source.diffrn_id                   1 
_diffrn_source.power                       ? 
_diffrn_source.size                        ? 
_diffrn_source.source                      SYNCHROTRON 
_diffrn_source.target                      ? 
_diffrn_source.type                        'SSRF BEAMLINE BL17U' 
_diffrn_source.voltage                     ? 
_diffrn_source.take-off_angle              ? 
_diffrn_source.pdbx_wavelength_list        0.9793 
_diffrn_source.pdbx_wavelength             ? 
_diffrn_source.pdbx_synchrotron_beamline   BL17U 
_diffrn_source.pdbx_synchrotron_site       SSRF 
# 
_reflns.B_iso_Wilson_estimate            ? 
_reflns.entry_id                         6A58 
_reflns.data_reduction_details           ? 
_reflns.data_reduction_method            ? 
_reflns.d_resolution_high                1.57 
_reflns.d_resolution_low                 50 
_reflns.details                          ? 
_reflns.limit_h_max                      ? 
_reflns.limit_h_min                      ? 
_reflns.limit_k_max                      ? 
_reflns.limit_k_min                      ? 
_reflns.limit_l_max                      ? 
_reflns.limit_l_min                      ? 
_reflns.number_all                       ? 
_reflns.number_obs                       23425 
_reflns.observed_criterion               ? 
_reflns.observed_criterion_F_max         ? 
_reflns.observed_criterion_F_min         ? 
_reflns.observed_criterion_I_max         ? 
_reflns.observed_criterion_I_min         ? 
_reflns.observed_criterion_sigma_F       ? 
_reflns.observed_criterion_sigma_I       ? 
_reflns.percent_possible_obs             99.7 
_reflns.R_free_details                   ? 
_reflns.Rmerge_F_all                     ? 
_reflns.Rmerge_F_obs                     ? 
_reflns.Friedel_coverage                 ? 
_reflns.number_gt                        ? 
_reflns.threshold_expression             ? 
_reflns.pdbx_redundancy                  12.8 
_reflns.pdbx_Rmerge_I_obs                ? 
_reflns.pdbx_Rmerge_I_all                ? 
_reflns.pdbx_Rsym_value                  0.057 
_reflns.pdbx_netI_over_av_sigmaI         ? 
_reflns.pdbx_netI_over_sigmaI            76.8 
_reflns.pdbx_res_netI_over_av_sigmaI_2   ? 
_reflns.pdbx_res_netI_over_sigmaI_2      ? 
_reflns.pdbx_chi_squared                 ? 
_reflns.pdbx_scaling_rejects             ? 
_reflns.pdbx_d_res_high_opt              ? 
_reflns.pdbx_d_res_low_opt               ? 
_reflns.pdbx_d_res_opt_method            ? 
_reflns.phase_calculation_details        ? 
_reflns.pdbx_Rrim_I_all                  ? 
_reflns.pdbx_Rpim_I_all                  ? 
_reflns.pdbx_d_opt                       ? 
_reflns.pdbx_number_measured_all         ? 
_reflns.pdbx_diffrn_id                   1 
_reflns.pdbx_ordinal                     1 
_reflns.pdbx_CC_half                     ? 
_reflns.pdbx_R_split                     ? 
# 
_reflns_shell.d_res_high                  1.57 
_reflns_shell.d_res_low                   1.6 
_reflns_shell.meanI_over_sigI_all         ? 
_reflns_shell.meanI_over_sigI_obs         ? 
_reflns_shell.number_measured_all         ? 
_reflns_shell.number_measured_obs         ? 
_reflns_shell.number_possible             ? 
_reflns_shell.number_unique_all           ? 
_reflns_shell.number_unique_obs           1174 
_reflns_shell.percent_possible_all        99.1 
_reflns_shell.percent_possible_obs        ? 
_reflns_shell.Rmerge_F_all                ? 
_reflns_shell.Rmerge_F_obs                ? 
_reflns_shell.Rmerge_I_all                ? 
_reflns_shell.Rmerge_I_obs                ? 
_reflns_shell.meanI_over_sigI_gt          ? 
_reflns_shell.meanI_over_uI_all           ? 
_reflns_shell.meanI_over_uI_gt            ? 
_reflns_shell.number_measured_gt          ? 
_reflns_shell.number_unique_gt            ? 
_reflns_shell.percent_possible_gt         ? 
_reflns_shell.Rmerge_F_gt                 ? 
_reflns_shell.Rmerge_I_gt                 ? 
_reflns_shell.pdbx_redundancy             ? 
_reflns_shell.pdbx_Rsym_value             0.496 
_reflns_shell.pdbx_chi_squared            ? 
_reflns_shell.pdbx_netI_over_sigmaI_all   ? 
_reflns_shell.pdbx_netI_over_sigmaI_obs   ? 
_reflns_shell.pdbx_Rrim_I_all             ? 
_reflns_shell.pdbx_Rpim_I_all             ? 
_reflns_shell.pdbx_rejects                ? 
_reflns_shell.pdbx_ordinal                1 
_reflns_shell.pdbx_diffrn_id              1 
_reflns_shell.pdbx_CC_half                ? 
_reflns_shell.pdbx_R_split                ? 
# 
_refine.aniso_B[1][1]                            -0.41 
_refine.aniso_B[1][2]                            0.00 
_refine.aniso_B[1][3]                            0.00 
_refine.aniso_B[2][2]                            -0.41 
_refine.aniso_B[2][3]                            0.00 
_refine.aniso_B[3][3]                            0.83 
_refine.B_iso_max                                ? 
_refine.B_iso_mean                               35.563 
_refine.B_iso_min                                ? 
_refine.correlation_coeff_Fo_to_Fc               0.959 
_refine.correlation_coeff_Fo_to_Fc_free          0.947 
_refine.details                                  'HYDROGENS HAVE BEEN ADDED IN THE RIDING POSITIONS' 
_refine.diff_density_max                         ? 
_refine.diff_density_max_esd                     ? 
_refine.diff_density_min                         ? 
_refine.diff_density_min_esd                     ? 
_refine.diff_density_rms                         ? 
_refine.diff_density_rms_esd                     ? 
_refine.entry_id                                 6A58 
_refine.pdbx_refine_id                           'X-RAY DIFFRACTION' 
_refine.ls_abs_structure_details                 ? 
_refine.ls_abs_structure_Flack                   ? 
_refine.ls_abs_structure_Flack_esd               ? 
_refine.ls_abs_structure_Rogers                  ? 
_refine.ls_abs_structure_Rogers_esd              ? 
_refine.ls_d_res_high                            1.57 
_refine.ls_d_res_low                             50.00 
_refine.ls_extinction_coef                       ? 
_refine.ls_extinction_coef_esd                   ? 
_refine.ls_extinction_expression                 ? 
_refine.ls_extinction_method                     ? 
_refine.ls_goodness_of_fit_all                   ? 
_refine.ls_goodness_of_fit_all_esd               ? 
_refine.ls_goodness_of_fit_obs                   ? 
_refine.ls_goodness_of_fit_obs_esd               ? 
_refine.ls_hydrogen_treatment                    ? 
_refine.ls_matrix_type                           ? 
_refine.ls_number_constraints                    ? 
_refine.ls_number_parameters                     ? 
_refine.ls_number_reflns_all                     ? 
_refine.ls_number_reflns_obs                     22150 
_refine.ls_number_reflns_R_free                  1187 
_refine.ls_number_reflns_R_work                  ? 
_refine.ls_number_restraints                     ? 
_refine.ls_percent_reflns_obs                    99.71 
_refine.ls_percent_reflns_R_free                 5.1 
_refine.ls_R_factor_all                          ? 
_refine.ls_R_factor_obs                          0.21199 
_refine.ls_R_factor_R_free                       0.23384 
_refine.ls_R_factor_R_free_error                 ? 
_refine.ls_R_factor_R_free_error_details         ? 
_refine.ls_R_factor_R_work                       0.21085 
_refine.ls_R_Fsqd_factor_obs                     ? 
_refine.ls_R_I_factor_obs                        ? 
_refine.ls_redundancy_reflns_all                 ? 
_refine.ls_redundancy_reflns_obs                 ? 
_refine.ls_restrained_S_all                      ? 
_refine.ls_restrained_S_obs                      ? 
_refine.ls_shift_over_esd_max                    ? 
_refine.ls_shift_over_esd_mean                   ? 
_refine.ls_structure_factor_coef                 ? 
_refine.ls_weighting_details                     ? 
_refine.ls_weighting_scheme                      ? 
_refine.ls_wR_factor_all                         ? 
_refine.ls_wR_factor_obs                         ? 
_refine.ls_wR_factor_R_free                      ? 
_refine.ls_wR_factor_R_work                      ? 
_refine.occupancy_max                            ? 
_refine.occupancy_min                            ? 
_refine.solvent_model_details                    ? 
_refine.solvent_model_param_bsol                 ? 
_refine.solvent_model_param_ksol                 ? 
_refine.ls_R_factor_gt                           ? 
_refine.ls_goodness_of_fit_gt                    ? 
_refine.ls_goodness_of_fit_ref                   ? 
_refine.ls_shift_over_su_max                     ? 
_refine.ls_shift_over_su_max_lt                  ? 
_refine.ls_shift_over_su_mean                    ? 
_refine.ls_shift_over_su_mean_lt                 ? 
_refine.pdbx_ls_sigma_I                          ? 
_refine.pdbx_ls_sigma_F                          ? 
_refine.pdbx_ls_sigma_Fsqd                       ? 
_refine.pdbx_data_cutoff_high_absF               ? 
_refine.pdbx_data_cutoff_high_rms_absF           ? 
_refine.pdbx_data_cutoff_low_absF                ? 
_refine.pdbx_isotropic_thermal_model             ? 
_refine.pdbx_ls_cross_valid_method               THROUGHOUT 
_refine.pdbx_method_to_determine_struct          MAD 
_refine.pdbx_starting_model                      ? 
_refine.pdbx_stereochemistry_target_values       ? 
_refine.pdbx_R_Free_selection_details            RANDOM 
_refine.pdbx_stereochem_target_val_spec_case     ? 
_refine.pdbx_overall_ESU_R                       0.083 
_refine.pdbx_overall_ESU_R_Free                  0.082 
_refine.pdbx_solvent_vdw_probe_radii             1.20 
_refine.pdbx_solvent_ion_probe_radii             0.80 
_refine.pdbx_solvent_shrinkage_radii             0.80 
_refine.pdbx_real_space_R                        ? 
_refine.pdbx_density_correlation                 ? 
_refine.pdbx_pd_number_of_powder_patterns        ? 
_refine.pdbx_pd_number_of_points                 ? 
_refine.pdbx_pd_meas_number_of_points            ? 
_refine.pdbx_pd_proc_ls_prof_R_factor            ? 
_refine.pdbx_pd_proc_ls_prof_wR_factor           ? 
_refine.pdbx_pd_Marquardt_correlation_coeff      ? 
_refine.pdbx_pd_Fsqrd_R_factor                   ? 
_refine.pdbx_pd_ls_matrix_band_width             ? 
_refine.pdbx_overall_phase_error                 ? 
_refine.pdbx_overall_SU_R_free_Cruickshank_DPI   ? 
_refine.pdbx_overall_SU_R_free_Blow_DPI          ? 
_refine.pdbx_overall_SU_R_Blow_DPI               ? 
_refine.pdbx_TLS_residual_ADP_flag               ? 
_refine.pdbx_diffrn_id                           1 
_refine.overall_SU_B                             1.614 
_refine.overall_SU_ML                            0.057 
_refine.overall_SU_R_Cruickshank_DPI             ? 
_refine.overall_SU_R_free                        ? 
_refine.overall_FOM_free_R_set                   ? 
_refine.overall_FOM_work_R_set                   ? 
_refine.pdbx_average_fsc_overall                 ? 
_refine.pdbx_average_fsc_work                    ? 
_refine.pdbx_average_fsc_free                    ? 
# 
_refine_hist.pdbx_refine_id                   'X-RAY DIFFRACTION' 
_refine_hist.cycle_id                         1 
_refine_hist.pdbx_number_atoms_protein        929 
_refine_hist.pdbx_number_atoms_nucleic_acid   0 
_refine_hist.pdbx_number_atoms_ligand         4 
_refine_hist.number_atoms_solvent             119 
_refine_hist.number_atoms_total               1052 
_refine_hist.d_res_high                       1.57 
_refine_hist.d_res_low                        50.00 
# 
loop_
_refine_ls_restr.pdbx_refine_id 
_refine_ls_restr.criterion 
_refine_ls_restr.dev_ideal 
_refine_ls_restr.dev_ideal_target 
_refine_ls_restr.number 
_refine_ls_restr.rejects 
_refine_ls_restr.type 
_refine_ls_restr.weight 
_refine_ls_restr.pdbx_restraint_function 
'X-RAY DIFFRACTION' ? 0.006  0.019  980  ? r_bond_refined_d             ? ? 
'X-RAY DIFFRACTION' ? 0.001  0.020  857  ? r_bond_other_d               ? ? 
'X-RAY DIFFRACTION' ? 0.967  1.898  1320 ? r_angle_refined_deg          ? ? 
'X-RAY DIFFRACTION' ? 0.816  3.000  1990 ? r_angle_other_deg            ? ? 
'X-RAY DIFFRACTION' ? 4.787  5.000  119  ? r_dihedral_angle_1_deg       ? ? 
'X-RAY DIFFRACTION' ? 24.181 21.489 47   ? r_dihedral_angle_2_deg       ? ? 
'X-RAY DIFFRACTION' ? 11.079 15.000 168  ? r_dihedral_angle_3_deg       ? ? 
'X-RAY DIFFRACTION' ? 13.217 15.000 9    ? r_dihedral_angle_4_deg       ? ? 
'X-RAY DIFFRACTION' ? 0.054  0.200  128  ? r_chiral_restr               ? ? 
'X-RAY DIFFRACTION' ? 0.004  0.021  1094 ? r_gen_planes_refined         ? ? 
'X-RAY DIFFRACTION' ? 0.001  0.020  235  ? r_gen_planes_other           ? ? 
'X-RAY DIFFRACTION' ? ?      ?      ?    ? r_nbd_refined                ? ? 
'X-RAY DIFFRACTION' ? ?      ?      ?    ? r_nbd_other                  ? ? 
'X-RAY DIFFRACTION' ? ?      ?      ?    ? r_nbtor_refined              ? ? 
'X-RAY DIFFRACTION' ? ?      ?      ?    ? r_nbtor_other                ? ? 
'X-RAY DIFFRACTION' ? ?      ?      ?    ? r_xyhbond_nbd_refined        ? ? 
'X-RAY DIFFRACTION' ? ?      ?      ?    ? r_xyhbond_nbd_other          ? ? 
'X-RAY DIFFRACTION' ? ?      ?      ?    ? r_metal_ion_refined          ? ? 
'X-RAY DIFFRACTION' ? ?      ?      ?    ? r_metal_ion_other            ? ? 
'X-RAY DIFFRACTION' ? ?      ?      ?    ? r_symmetry_vdw_refined       ? ? 
'X-RAY DIFFRACTION' ? ?      ?      ?    ? r_symmetry_vdw_other         ? ? 
'X-RAY DIFFRACTION' ? ?      ?      ?    ? r_symmetry_hbond_refined     ? ? 
'X-RAY DIFFRACTION' ? ?      ?      ?    ? r_symmetry_hbond_other       ? ? 
'X-RAY DIFFRACTION' ? ?      ?      ?    ? r_symmetry_metal_ion_refined ? ? 
'X-RAY DIFFRACTION' ? ?      ?      ?    ? r_symmetry_metal_ion_other   ? ? 
'X-RAY DIFFRACTION' ? 1.129  3.576  467  ? r_mcbond_it                  ? ? 
'X-RAY DIFFRACTION' ? 1.127  3.568  466  ? r_mcbond_other               ? ? 
'X-RAY DIFFRACTION' ? 1.998  5.351  583  ? r_mcangle_it                 ? ? 
'X-RAY DIFFRACTION' ? 1.997  5.359  584  ? r_mcangle_other              ? ? 
'X-RAY DIFFRACTION' ? 1.166  3.679  513  ? r_scbond_it                  ? ? 
'X-RAY DIFFRACTION' ? 1.166  3.679  513  ? r_scbond_other               ? ? 
'X-RAY DIFFRACTION' ? ?      ?      ?    ? r_scangle_it                 ? ? 
'X-RAY DIFFRACTION' ? 1.916  5.470  736  ? r_scangle_other              ? ? 
'X-RAY DIFFRACTION' ? 4.186  41.138 1121 ? r_long_range_B_refined       ? ? 
'X-RAY DIFFRACTION' ? 3.866  40.548 1102 ? r_long_range_B_other         ? ? 
'X-RAY DIFFRACTION' ? ?      ?      ?    ? r_rigid_bond_restr           ? ? 
'X-RAY DIFFRACTION' ? ?      ?      ?    ? r_sphericity_free            ? ? 
'X-RAY DIFFRACTION' ? ?      ?      ?    ? r_sphericity_bonded          ? ? 
# 
_refine_ls_shell.pdbx_refine_id                   'X-RAY DIFFRACTION' 
_refine_ls_shell.d_res_high                       1.571 
_refine_ls_shell.d_res_low                        1.612 
_refine_ls_shell.number_reflns_all                ? 
_refine_ls_shell.number_reflns_obs                ? 
_refine_ls_shell.number_reflns_R_free             70 
_refine_ls_shell.number_reflns_R_work             1656 
_refine_ls_shell.percent_reflns_obs               99.31 
_refine_ls_shell.percent_reflns_R_free            ? 
_refine_ls_shell.R_factor_all                     ? 
_refine_ls_shell.R_factor_obs                     ? 
_refine_ls_shell.R_factor_R_free                  0.286 
_refine_ls_shell.R_factor_R_free_error            ? 
_refine_ls_shell.R_factor_R_work                  0.297 
_refine_ls_shell.redundancy_reflns_all            ? 
_refine_ls_shell.redundancy_reflns_obs            ? 
_refine_ls_shell.wR_factor_all                    ? 
_refine_ls_shell.wR_factor_obs                    ? 
_refine_ls_shell.wR_factor_R_free                 ? 
_refine_ls_shell.wR_factor_R_work                 ? 
_refine_ls_shell.pdbx_total_number_of_bins_used   20 
_refine_ls_shell.pdbx_phase_error                 ? 
_refine_ls_shell.pdbx_fsc_work                    ? 
_refine_ls_shell.pdbx_fsc_free                    ? 
# 
_struct.entry_id                     6A58 
_struct.title                        'Structure of histone demethylase REF6' 
_struct.pdbx_model_details           ? 
_struct.pdbx_formula_weight          ? 
_struct.pdbx_formula_weight_method   ? 
_struct.pdbx_model_type_details      ? 
_struct.pdbx_CASP_flag               N 
# 
_struct_keywords.entry_id        6A58 
_struct_keywords.text            'Complex, histone demethylase REF6, DNA, zinc finger, DNA BINDING PROTEIN' 
_struct_keywords.pdbx_keywords   'DNA BINDING PROTEIN' 
# 
loop_
_struct_asym.id 
_struct_asym.pdbx_blank_PDB_chainid_flag 
_struct_asym.pdbx_modified 
_struct_asym.entity_id 
_struct_asym.details 
A N N 1 ? 
B N N 2 ? 
C N N 2 ? 
D N N 2 ? 
E N N 2 ? 
F N N 3 ? 
# 
_struct_ref.id                         1 
_struct_ref.db_name                    UNP 
_struct_ref.db_code                    REF6_ARATH 
_struct_ref.pdbx_db_accession          Q9STM3 
_struct_ref.pdbx_db_isoform            ? 
_struct_ref.entity_id                  1 
_struct_ref.pdbx_seq_one_letter_code   
;VEEKEEEEEEEENEEEECAAYQCNMEGCTMSFSSEKQLMLHKRNICPIKGCGKNFFSHKYLVQHQRVHSDDRPLKCPWKG
CKMTFKWAWSRTEHIRVHTGARPYVCAEPDCGQTFRFVSDFSRHKRKTGHSVKKTNKR
;
_struct_ref.pdbx_align_begin           1223 
# 
_struct_ref_seq.align_id                      1 
_struct_ref_seq.ref_id                        1 
_struct_ref_seq.pdbx_PDB_id_code              6A58 
_struct_ref_seq.pdbx_strand_id                A 
_struct_ref_seq.seq_align_beg                 3 
_struct_ref_seq.pdbx_seq_align_beg_ins_code   ? 
_struct_ref_seq.seq_align_end                 140 
_struct_ref_seq.pdbx_seq_align_end_ins_code   ? 
_struct_ref_seq.pdbx_db_accession             Q9STM3 
_struct_ref_seq.db_align_beg                  1223 
_struct_ref_seq.pdbx_db_align_beg_ins_code    ? 
_struct_ref_seq.db_align_end                  1360 
_struct_ref_seq.pdbx_db_align_end_ins_code    ? 
_struct_ref_seq.pdbx_auth_seq_align_beg       1223 
_struct_ref_seq.pdbx_auth_seq_align_end       1360 
# 
loop_
_struct_ref_seq_dif.align_id 
_struct_ref_seq_dif.pdbx_pdb_id_code 
_struct_ref_seq_dif.mon_id 
_struct_ref_seq_dif.pdbx_pdb_strand_id 
_struct_ref_seq_dif.seq_num 
_struct_ref_seq_dif.pdbx_pdb_ins_code 
_struct_ref_seq_dif.pdbx_seq_db_name 
_struct_ref_seq_dif.pdbx_seq_db_accession_code 
_struct_ref_seq_dif.db_mon_id 
_struct_ref_seq_dif.pdbx_seq_db_seq_num 
_struct_ref_seq_dif.details 
_struct_ref_seq_dif.pdbx_auth_seq_num 
_struct_ref_seq_dif.pdbx_ordinal 
1 6A58 GLY A 1 ? UNP Q9STM3 ? ? 'expression tag' 1221 1 
1 6A58 SER A 2 ? UNP Q9STM3 ? ? 'expression tag' 1222 2 
# 
_pdbx_struct_assembly.id                   1 
_pdbx_struct_assembly.details              author_defined_assembly 
_pdbx_struct_assembly.method_details       ? 
_pdbx_struct_assembly.oligomeric_details   monomeric 
_pdbx_struct_assembly.oligomeric_count     1 
# 
_pdbx_struct_assembly_gen.assembly_id       1 
_pdbx_struct_assembly_gen.oper_expression   1 
_pdbx_struct_assembly_gen.asym_id_list      A,B,C,D,E,F 
# 
_pdbx_struct_assembly_auth_evidence.id                     1 
_pdbx_struct_assembly_auth_evidence.assembly_id            1 
_pdbx_struct_assembly_auth_evidence.experimental_support   'gel filtration' 
_pdbx_struct_assembly_auth_evidence.details                ? 
# 
_pdbx_struct_oper_list.id                   1 
_pdbx_struct_oper_list.type                 'identity operation' 
_pdbx_struct_oper_list.name                 1_555 
_pdbx_struct_oper_list.symmetry_operation   x,y,z 
_pdbx_struct_oper_list.matrix[1][1]         1.0000000000 
_pdbx_struct_oper_list.matrix[1][2]         0.0000000000 
_pdbx_struct_oper_list.matrix[1][3]         0.0000000000 
_pdbx_struct_oper_list.vector[1]            0.0000000000 
_pdbx_struct_oper_list.matrix[2][1]         0.0000000000 
_pdbx_struct_oper_list.matrix[2][2]         1.0000000000 
_pdbx_struct_oper_list.matrix[2][3]         0.0000000000 
_pdbx_struct_oper_list.vector[2]            0.0000000000 
_pdbx_struct_oper_list.matrix[3][1]         0.0000000000 
_pdbx_struct_oper_list.matrix[3][2]         0.0000000000 
_pdbx_struct_oper_list.matrix[3][3]         1.0000000000 
_pdbx_struct_oper_list.vector[3]            0.0000000000 
# 
loop_
_struct_conf.conf_type_id 
_struct_conf.id 
_struct_conf.pdbx_PDB_helix_id 
_struct_conf.beg_label_comp_id 
_struct_conf.beg_label_asym_id 
_struct_conf.beg_label_seq_id 
_struct_conf.pdbx_beg_PDB_ins_code 
_struct_conf.end_label_comp_id 
_struct_conf.end_label_asym_id 
_struct_conf.end_label_seq_id 
_struct_conf.pdbx_end_PDB_ins_code 
_struct_conf.beg_auth_comp_id 
_struct_conf.beg_auth_asym_id 
_struct_conf.beg_auth_seq_id 
_struct_conf.end_auth_comp_id 
_struct_conf.end_auth_asym_id 
_struct_conf.end_auth_seq_id 
_struct_conf.pdbx_PDB_helix_class 
_struct_conf.details 
_struct_conf.pdbx_PDB_helix_length 
HELX_P HELX_P1 AA1 SER A 36  ? ARG A 45  ? SER A 1256 ARG A 1265 1 ? 10 
HELX_P HELX_P2 AA2 SER A 59  ? SER A 71  ? SER A 1279 SER A 1291 1 ? 13 
HELX_P HELX_P3 AA3 TRP A 89  ? GLY A 102 ? TRP A 1309 GLY A 1322 1 ? 14 
HELX_P HELX_P4 AA4 PHE A 119 ? THR A 130 ? PHE A 1339 THR A 1350 1 ? 12 
# 
_struct_conf_type.id          HELX_P 
_struct_conf_type.criteria    ? 
_struct_conf_type.reference   ? 
# 
loop_
_struct_conn.id 
_struct_conn.conn_type_id 
_struct_conn.pdbx_leaving_atom_flag 
_struct_conn.pdbx_PDB_id 
_struct_conn.ptnr1_label_asym_id 
_struct_conn.ptnr1_label_comp_id 
_struct_conn.ptnr1_label_seq_id 
_struct_conn.ptnr1_label_atom_id 
_struct_conn.pdbx_ptnr1_label_alt_id 
_struct_conn.pdbx_ptnr1_PDB_ins_code 
_struct_conn.pdbx_ptnr1_standard_comp_id 
_struct_conn.ptnr1_symmetry 
_struct_conn.ptnr2_label_asym_id 
_struct_conn.ptnr2_label_comp_id 
_struct_conn.ptnr2_label_seq_id 
_struct_conn.ptnr2_label_atom_id 
_struct_conn.pdbx_ptnr2_label_alt_id 
_struct_conn.pdbx_ptnr2_PDB_ins_code 
_struct_conn.ptnr1_auth_asym_id 
_struct_conn.ptnr1_auth_comp_id 
_struct_conn.ptnr1_auth_seq_id 
_struct_conn.ptnr2_auth_asym_id 
_struct_conn.ptnr2_auth_comp_id 
_struct_conn.ptnr2_auth_seq_id 
_struct_conn.ptnr2_symmetry 
_struct_conn.pdbx_ptnr3_label_atom_id 
_struct_conn.pdbx_ptnr3_label_seq_id 
_struct_conn.pdbx_ptnr3_label_comp_id 
_struct_conn.pdbx_ptnr3_label_asym_id 
_struct_conn.pdbx_ptnr3_label_alt_id 
_struct_conn.pdbx_ptnr3_PDB_ins_code 
_struct_conn.details 
_struct_conn.pdbx_dist_value 
_struct_conn.pdbx_value_order 
_struct_conn.pdbx_role 
metalc1  metalc ? ? A CYS 25  SG  ? ? ? 1_555 B ZN . ZN ? ? A CYS 1245 A ZN 1401 1_555 ? ? ? ? ? ? ? 2.298 ? ? 
metalc2  metalc ? ? A CYS 30  SG  ? ? ? 1_555 B ZN . ZN ? ? A CYS 1250 A ZN 1401 1_555 ? ? ? ? ? ? ? 2.253 ? ? 
metalc3  metalc ? ? A HIS 43  NE2 ? ? ? 1_555 B ZN . ZN ? ? A HIS 1263 A ZN 1401 1_555 ? ? ? ? ? ? ? 2.080 ? ? 
metalc4  metalc ? ? A CYS 48  SG  ? ? ? 1_555 C ZN . ZN ? ? A CYS 1268 A ZN 1402 1_555 ? ? ? ? ? ? ? 2.226 ? ? 
metalc5  metalc ? ? A CYS 53  SG  ? ? ? 1_555 C ZN . ZN ? ? A CYS 1273 A ZN 1402 1_555 ? ? ? ? ? ? ? 2.238 ? ? 
metalc6  metalc ? ? A HIS 60  NE2 ? ? ? 1_555 B ZN . ZN ? ? A HIS 1280 A ZN 1401 1_555 ? ? ? ? ? ? ? 2.182 ? ? 
metalc7  metalc ? ? A HIS 66  NE2 ? ? ? 1_555 C ZN . ZN ? ? A HIS 1286 A ZN 1402 1_555 ? ? ? ? ? ? ? 2.242 ? ? 
metalc8  metalc ? ? A HIS 70  NE2 ? ? ? 1_555 C ZN . ZN ? ? A HIS 1290 A ZN 1402 1_555 ? ? ? ? ? ? ? 2.204 ? ? 
metalc9  metalc ? ? A CYS 78  SG  ? ? ? 1_555 D ZN . ZN ? ? A CYS 1298 A ZN 1403 1_555 ? ? ? ? ? ? ? 2.262 ? ? 
metalc10 metalc ? ? A CYS 83  SG  ? ? ? 1_555 D ZN . ZN ? ? A CYS 1303 A ZN 1403 1_555 ? ? ? ? ? ? ? 2.260 ? ? 
metalc11 metalc ? ? A HIS 96  NE2 ? ? ? 1_555 D ZN . ZN ? ? A HIS 1316 A ZN 1403 1_555 ? ? ? ? ? ? ? 2.102 ? ? 
metalc12 metalc ? ? A HIS 100 NE2 ? ? ? 1_555 D ZN . ZN ? ? A HIS 1320 A ZN 1403 1_555 ? ? ? ? ? ? ? 2.075 ? ? 
metalc13 metalc ? ? A CYS 108 SG  ? ? ? 1_555 E ZN . ZN ? ? A CYS 1328 A ZN 1404 1_555 ? ? ? ? ? ? ? 2.096 ? ? 
metalc14 metalc ? ? A CYS 113 SG  ? ? ? 1_555 E ZN . ZN ? ? A CYS 1333 A ZN 1404 1_555 ? ? ? ? ? ? ? 2.312 ? ? 
metalc15 metalc ? ? A HIS 126 NE2 ? ? ? 1_555 E ZN . ZN ? ? A HIS 1346 A ZN 1404 1_555 ? ? ? ? ? ? ? 2.151 ? ? 
metalc16 metalc ? ? A HIS 132 ND1 ? ? ? 1_555 E ZN . ZN ? ? A HIS 1352 A ZN 1404 1_555 ? ? ? ? ? ? ? 2.234 ? ? 
# 
_struct_conn_type.id          metalc 
_struct_conn_type.criteria    ? 
_struct_conn_type.reference   ? 
# 
loop_
_pdbx_struct_conn_angle.id 
_pdbx_struct_conn_angle.ptnr1_label_atom_id 
_pdbx_struct_conn_angle.ptnr1_label_alt_id 
_pdbx_struct_conn_angle.ptnr1_label_asym_id 
_pdbx_struct_conn_angle.ptnr1_label_comp_id 
_pdbx_struct_conn_angle.ptnr1_label_seq_id 
_pdbx_struct_conn_angle.ptnr1_auth_atom_id 
_pdbx_struct_conn_angle.ptnr1_auth_asym_id 
_pdbx_struct_conn_angle.ptnr1_auth_comp_id 
_pdbx_struct_conn_angle.ptnr1_auth_seq_id 
_pdbx_struct_conn_angle.ptnr1_PDB_ins_code 
_pdbx_struct_conn_angle.ptnr1_symmetry 
_pdbx_struct_conn_angle.ptnr2_label_atom_id 
_pdbx_struct_conn_angle.ptnr2_label_alt_id 
_pdbx_struct_conn_angle.ptnr2_label_asym_id 
_pdbx_struct_conn_angle.ptnr2_label_comp_id 
_pdbx_struct_conn_angle.ptnr2_label_seq_id 
_pdbx_struct_conn_angle.ptnr2_auth_atom_id 
_pdbx_struct_conn_angle.ptnr2_auth_asym_id 
_pdbx_struct_conn_angle.ptnr2_auth_comp_id 
_pdbx_struct_conn_angle.ptnr2_auth_seq_id 
_pdbx_struct_conn_angle.ptnr2_PDB_ins_code 
_pdbx_struct_conn_angle.ptnr2_symmetry 
_pdbx_struct_conn_angle.ptnr3_label_atom_id 
_pdbx_struct_conn_angle.ptnr3_label_alt_id 
_pdbx_struct_conn_angle.ptnr3_label_asym_id 
_pdbx_struct_conn_angle.ptnr3_label_comp_id 
_pdbx_struct_conn_angle.ptnr3_label_seq_id 
_pdbx_struct_conn_angle.ptnr3_auth_atom_id 
_pdbx_struct_conn_angle.ptnr3_auth_asym_id 
_pdbx_struct_conn_angle.ptnr3_auth_comp_id 
_pdbx_struct_conn_angle.ptnr3_auth_seq_id 
_pdbx_struct_conn_angle.ptnr3_PDB_ins_code 
_pdbx_struct_conn_angle.ptnr3_symmetry 
_pdbx_struct_conn_angle.value 
_pdbx_struct_conn_angle.value_esd 
1  SG  ? A CYS 25  ? A CYS 1245 ? 1_555 ZN ? B ZN . ? A ZN 1401 ? 1_555 SG  ? A CYS 30  ? A CYS 1250 ? 1_555 113.5 ? 
2  SG  ? A CYS 25  ? A CYS 1245 ? 1_555 ZN ? B ZN . ? A ZN 1401 ? 1_555 NE2 ? A HIS 43  ? A HIS 1263 ? 1_555 105.4 ? 
3  SG  ? A CYS 30  ? A CYS 1250 ? 1_555 ZN ? B ZN . ? A ZN 1401 ? 1_555 NE2 ? A HIS 43  ? A HIS 1263 ? 1_555 115.3 ? 
4  SG  ? A CYS 25  ? A CYS 1245 ? 1_555 ZN ? B ZN . ? A ZN 1401 ? 1_555 NE2 ? A HIS 60  ? A HIS 1280 ? 1_555 113.8 ? 
5  SG  ? A CYS 30  ? A CYS 1250 ? 1_555 ZN ? B ZN . ? A ZN 1401 ? 1_555 NE2 ? A HIS 60  ? A HIS 1280 ? 1_555 115.1 ? 
6  NE2 ? A HIS 43  ? A HIS 1263 ? 1_555 ZN ? B ZN . ? A ZN 1401 ? 1_555 NE2 ? A HIS 60  ? A HIS 1280 ? 1_555 91.5  ? 
7  SG  ? A CYS 48  ? A CYS 1268 ? 1_555 ZN ? C ZN . ? A ZN 1402 ? 1_555 SG  ? A CYS 53  ? A CYS 1273 ? 1_555 113.8 ? 
8  SG  ? A CYS 48  ? A CYS 1268 ? 1_555 ZN ? C ZN . ? A ZN 1402 ? 1_555 NE2 ? A HIS 66  ? A HIS 1286 ? 1_555 119.5 ? 
9  SG  ? A CYS 53  ? A CYS 1273 ? 1_555 ZN ? C ZN . ? A ZN 1402 ? 1_555 NE2 ? A HIS 66  ? A HIS 1286 ? 1_555 103.8 ? 
10 SG  ? A CYS 48  ? A CYS 1268 ? 1_555 ZN ? C ZN . ? A ZN 1402 ? 1_555 NE2 ? A HIS 70  ? A HIS 1290 ? 1_555 115.9 ? 
11 SG  ? A CYS 53  ? A CYS 1273 ? 1_555 ZN ? C ZN . ? A ZN 1402 ? 1_555 NE2 ? A HIS 70  ? A HIS 1290 ? 1_555 105.6 ? 
12 NE2 ? A HIS 66  ? A HIS 1286 ? 1_555 ZN ? C ZN . ? A ZN 1402 ? 1_555 NE2 ? A HIS 70  ? A HIS 1290 ? 1_555 95.9  ? 
13 SG  ? A CYS 78  ? A CYS 1298 ? 1_555 ZN ? D ZN . ? A ZN 1403 ? 1_555 SG  ? A CYS 83  ? A CYS 1303 ? 1_555 114.7 ? 
14 SG  ? A CYS 78  ? A CYS 1298 ? 1_555 ZN ? D ZN . ? A ZN 1403 ? 1_555 NE2 ? A HIS 96  ? A HIS 1316 ? 1_555 111.7 ? 
15 SG  ? A CYS 83  ? A CYS 1303 ? 1_555 ZN ? D ZN . ? A ZN 1403 ? 1_555 NE2 ? A HIS 96  ? A HIS 1316 ? 1_555 109.5 ? 
16 SG  ? A CYS 78  ? A CYS 1298 ? 1_555 ZN ? D ZN . ? A ZN 1403 ? 1_555 NE2 ? A HIS 100 ? A HIS 1320 ? 1_555 112.2 ? 
17 SG  ? A CYS 83  ? A CYS 1303 ? 1_555 ZN ? D ZN . ? A ZN 1403 ? 1_555 NE2 ? A HIS 100 ? A HIS 1320 ? 1_555 109.5 ? 
18 NE2 ? A HIS 96  ? A HIS 1316 ? 1_555 ZN ? D ZN . ? A ZN 1403 ? 1_555 NE2 ? A HIS 100 ? A HIS 1320 ? 1_555 97.9  ? 
19 SG  ? A CYS 108 ? A CYS 1328 ? 1_555 ZN ? E ZN . ? A ZN 1404 ? 1_555 SG  ? A CYS 113 ? A CYS 1333 ? 1_555 110.9 ? 
20 SG  ? A CYS 108 ? A CYS 1328 ? 1_555 ZN ? E ZN . ? A ZN 1404 ? 1_555 NE2 ? A HIS 126 ? A HIS 1346 ? 1_555 123.4 ? 
21 SG  ? A CYS 113 ? A CYS 1333 ? 1_555 ZN ? E ZN . ? A ZN 1404 ? 1_555 NE2 ? A HIS 126 ? A HIS 1346 ? 1_555 106.8 ? 
22 SG  ? A CYS 108 ? A CYS 1328 ? 1_555 ZN ? E ZN . ? A ZN 1404 ? 1_555 ND1 ? A HIS 132 ? A HIS 1352 ? 1_555 108.3 ? 
23 SG  ? A CYS 113 ? A CYS 1333 ? 1_555 ZN ? E ZN . ? A ZN 1404 ? 1_555 ND1 ? A HIS 132 ? A HIS 1352 ? 1_555 97.6  ? 
24 NE2 ? A HIS 126 ? A HIS 1346 ? 1_555 ZN ? E ZN . ? A ZN 1404 ? 1_555 ND1 ? A HIS 132 ? A HIS 1352 ? 1_555 106.6 ? 
# 
loop_
_struct_sheet.id 
_struct_sheet.type 
_struct_sheet.number_strands 
_struct_sheet.details 
AA1 ? 2 ? 
AA2 ? 2 ? 
AA3 ? 2 ? 
# 
loop_
_struct_sheet_order.sheet_id 
_struct_sheet_order.range_id_1 
_struct_sheet_order.range_id_2 
_struct_sheet_order.offset 
_struct_sheet_order.sense 
AA1 1 2 ? anti-parallel 
AA2 1 2 ? anti-parallel 
AA3 1 2 ? anti-parallel 
# 
loop_
_struct_sheet_range.sheet_id 
_struct_sheet_range.id 
_struct_sheet_range.beg_label_comp_id 
_struct_sheet_range.beg_label_asym_id 
_struct_sheet_range.beg_label_seq_id 
_struct_sheet_range.pdbx_beg_PDB_ins_code 
_struct_sheet_range.end_label_comp_id 
_struct_sheet_range.end_label_asym_id 
_struct_sheet_range.end_label_seq_id 
_struct_sheet_range.pdbx_end_PDB_ins_code 
_struct_sheet_range.beg_auth_comp_id 
_struct_sheet_range.beg_auth_asym_id 
_struct_sheet_range.beg_auth_seq_id 
_struct_sheet_range.end_auth_comp_id 
_struct_sheet_range.end_auth_asym_id 
_struct_sheet_range.end_auth_seq_id 
AA1 1 TYR A 23  ? GLN A 24  ? TYR A 1243 GLN A 1244 
AA1 2 SER A 33  ? PHE A 34  ? SER A 1253 PHE A 1254 
AA2 1 LEU A 76  ? LYS A 77  ? LEU A 1296 LYS A 1297 
AA2 2 THR A 86  ? PHE A 87  ? THR A 1306 PHE A 1307 
AA3 1 TYR A 106 ? VAL A 107 ? TYR A 1326 VAL A 1327 
AA3 2 THR A 116 ? PHE A 117 ? THR A 1336 PHE A 1337 
# 
loop_
_pdbx_struct_sheet_hbond.sheet_id 
_pdbx_struct_sheet_hbond.range_id_1 
_pdbx_struct_sheet_hbond.range_id_2 
_pdbx_struct_sheet_hbond.range_1_label_atom_id 
_pdbx_struct_sheet_hbond.range_1_label_comp_id 
_pdbx_struct_sheet_hbond.range_1_label_asym_id 
_pdbx_struct_sheet_hbond.range_1_label_seq_id 
_pdbx_struct_sheet_hbond.range_1_PDB_ins_code 
_pdbx_struct_sheet_hbond.range_1_auth_atom_id 
_pdbx_struct_sheet_hbond.range_1_auth_comp_id 
_pdbx_struct_sheet_hbond.range_1_auth_asym_id 
_pdbx_struct_sheet_hbond.range_1_auth_seq_id 
_pdbx_struct_sheet_hbond.range_2_label_atom_id 
_pdbx_struct_sheet_hbond.range_2_label_comp_id 
_pdbx_struct_sheet_hbond.range_2_label_asym_id 
_pdbx_struct_sheet_hbond.range_2_label_seq_id 
_pdbx_struct_sheet_hbond.range_2_PDB_ins_code 
_pdbx_struct_sheet_hbond.range_2_auth_atom_id 
_pdbx_struct_sheet_hbond.range_2_auth_comp_id 
_pdbx_struct_sheet_hbond.range_2_auth_asym_id 
_pdbx_struct_sheet_hbond.range_2_auth_seq_id 
AA1 1 2 N TYR A 23  ? N TYR A 1243 O PHE A 34  ? O PHE A 1254 
AA2 1 2 N LEU A 76  ? N LEU A 1296 O PHE A 87  ? O PHE A 1307 
AA3 1 2 N TYR A 106 ? N TYR A 1326 O PHE A 117 ? O PHE A 1337 
# 
loop_
_struct_site.id 
_struct_site.pdbx_evidence_code 
_struct_site.pdbx_auth_asym_id 
_struct_site.pdbx_auth_comp_id 
_struct_site.pdbx_auth_seq_id 
_struct_site.pdbx_auth_ins_code 
_struct_site.pdbx_num_residues 
_struct_site.details 
AC1 Software A ZN 1401 ? 4 'binding site for residue ZN A 1401' 
AC2 Software A ZN 1402 ? 4 'binding site for residue ZN A 1402' 
AC3 Software A ZN 1403 ? 4 'binding site for residue ZN A 1403' 
AC4 Software A ZN 1404 ? 4 'binding site for residue ZN A 1404' 
# 
loop_
_struct_site_gen.id 
_struct_site_gen.site_id 
_struct_site_gen.pdbx_num_res 
_struct_site_gen.label_comp_id 
_struct_site_gen.label_asym_id 
_struct_site_gen.label_seq_id 
_struct_site_gen.pdbx_auth_ins_code 
_struct_site_gen.auth_comp_id 
_struct_site_gen.auth_asym_id 
_struct_site_gen.auth_seq_id 
_struct_site_gen.label_atom_id 
_struct_site_gen.label_alt_id 
_struct_site_gen.symmetry 
_struct_site_gen.details 
1  AC1 4 CYS A 25  ? CYS A 1245 . ? 1_555 ? 
2  AC1 4 CYS A 30  ? CYS A 1250 . ? 1_555 ? 
3  AC1 4 HIS A 43  ? HIS A 1263 . ? 1_555 ? 
4  AC1 4 HIS A 60  ? HIS A 1280 . ? 1_555 ? 
5  AC2 4 CYS A 48  ? CYS A 1268 . ? 1_555 ? 
6  AC2 4 CYS A 53  ? CYS A 1273 . ? 1_555 ? 
7  AC2 4 HIS A 66  ? HIS A 1286 . ? 1_555 ? 
8  AC2 4 HIS A 70  ? HIS A 1290 . ? 1_555 ? 
9  AC3 4 CYS A 78  ? CYS A 1298 . ? 1_555 ? 
10 AC3 4 CYS A 83  ? CYS A 1303 . ? 1_555 ? 
11 AC3 4 HIS A 96  ? HIS A 1316 . ? 1_555 ? 
12 AC3 4 HIS A 100 ? HIS A 1320 . ? 1_555 ? 
13 AC4 4 CYS A 108 ? CYS A 1328 . ? 1_555 ? 
14 AC4 4 CYS A 113 ? CYS A 1333 . ? 1_555 ? 
15 AC4 4 HIS A 126 ? HIS A 1346 . ? 1_555 ? 
16 AC4 4 HIS A 132 ? HIS A 1352 . ? 1_555 ? 
# 
_pdbx_entry_details.entry_id                   6A58 
_pdbx_entry_details.compound_details           ? 
_pdbx_entry_details.source_details             ? 
_pdbx_entry_details.nonpolymer_details         ? 
_pdbx_entry_details.sequence_details           ? 
_pdbx_entry_details.has_ligand_of_interest     ? 
_pdbx_entry_details.has_protein_modification   N 
# 
_pdbx_validate_torsion.id              1 
_pdbx_validate_torsion.PDB_model_num   1 
_pdbx_validate_torsion.auth_comp_id    CYS 
_pdbx_validate_torsion.auth_asym_id    A 
_pdbx_validate_torsion.auth_seq_id     1333 
_pdbx_validate_torsion.PDB_ins_code    ? 
_pdbx_validate_torsion.label_alt_id    ? 
_pdbx_validate_torsion.phi             -95.06 
_pdbx_validate_torsion.psi             -67.05 
# 
_pdbx_distant_solvent_atoms.id                                1 
_pdbx_distant_solvent_atoms.PDB_model_num                     1 
_pdbx_distant_solvent_atoms.auth_atom_id                      O 
_pdbx_distant_solvent_atoms.label_alt_id                      ? 
_pdbx_distant_solvent_atoms.auth_asym_id                      A 
_pdbx_distant_solvent_atoms.auth_comp_id                      HOH 
_pdbx_distant_solvent_atoms.auth_seq_id                       1619 
_pdbx_distant_solvent_atoms.PDB_ins_code                      ? 
_pdbx_distant_solvent_atoms.neighbor_macromolecule_distance   6.34 
_pdbx_distant_solvent_atoms.neighbor_ligand_distance          . 
# 
loop_
_pdbx_unobs_or_zero_occ_residues.id 
_pdbx_unobs_or_zero_occ_residues.PDB_model_num 
_pdbx_unobs_or_zero_occ_residues.polymer_flag 
_pdbx_unobs_or_zero_occ_residues.occupancy_flag 
_pdbx_unobs_or_zero_occ_residues.auth_asym_id 
_pdbx_unobs_or_zero_occ_residues.auth_comp_id 
_pdbx_unobs_or_zero_occ_residues.auth_seq_id 
_pdbx_unobs_or_zero_occ_residues.PDB_ins_code 
_pdbx_unobs_or_zero_occ_residues.label_asym_id 
_pdbx_unobs_or_zero_occ_residues.label_comp_id 
_pdbx_unobs_or_zero_occ_residues.label_seq_id 
1  1 Y 1 A GLY 1221 ? A GLY 1   
2  1 Y 1 A SER 1222 ? A SER 2   
3  1 Y 1 A VAL 1223 ? A VAL 3   
4  1 Y 1 A GLU 1224 ? A GLU 4   
5  1 Y 1 A GLU 1225 ? A GLU 5   
6  1 Y 1 A LYS 1226 ? A LYS 6   
7  1 Y 1 A GLU 1227 ? A GLU 7   
8  1 Y 1 A GLU 1228 ? A GLU 8   
9  1 Y 1 A GLU 1229 ? A GLU 9   
10 1 Y 1 A GLU 1230 ? A GLU 10  
11 1 Y 1 A GLU 1231 ? A GLU 11  
12 1 Y 1 A GLU 1232 ? A GLU 12  
13 1 Y 1 A GLU 1233 ? A GLU 13  
14 1 Y 1 A GLU 1234 ? A GLU 14  
15 1 Y 1 A ASN 1235 ? A ASN 15  
16 1 Y 1 A GLU 1236 ? A GLU 16  
17 1 Y 1 A GLU 1237 ? A GLU 17  
18 1 Y 1 A VAL 1354 ? A VAL 134 
19 1 Y 1 A LYS 1355 ? A LYS 135 
20 1 Y 1 A LYS 1356 ? A LYS 136 
21 1 Y 1 A THR 1357 ? A THR 137 
22 1 Y 1 A ASN 1358 ? A ASN 138 
23 1 Y 1 A LYS 1359 ? A LYS 139 
24 1 Y 1 A ARG 1360 ? A ARG 140 
# 
loop_
_chem_comp_atom.comp_id 
_chem_comp_atom.atom_id 
_chem_comp_atom.type_symbol 
_chem_comp_atom.pdbx_aromatic_flag 
_chem_comp_atom.pdbx_stereo_config 
_chem_comp_atom.pdbx_ordinal 
ALA N    N  N N 1   
ALA CA   C  N S 2   
ALA C    C  N N 3   
ALA O    O  N N 4   
ALA CB   C  N N 5   
ALA OXT  O  N N 6   
ALA H    H  N N 7   
ALA H2   H  N N 8   
ALA HA   H  N N 9   
ALA HB1  H  N N 10  
ALA HB2  H  N N 11  
ALA HB3  H  N N 12  
ALA HXT  H  N N 13  
ARG N    N  N N 14  
ARG CA   C  N S 15  
ARG C    C  N N 16  
ARG O    O  N N 17  
ARG CB   C  N N 18  
ARG CG   C  N N 19  
ARG CD   C  N N 20  
ARG NE   N  N N 21  
ARG CZ   C  N N 22  
ARG NH1  N  N N 23  
ARG NH2  N  N N 24  
ARG OXT  O  N N 25  
ARG H    H  N N 26  
ARG H2   H  N N 27  
ARG HA   H  N N 28  
ARG HB2  H  N N 29  
ARG HB3  H  N N 30  
ARG HG2  H  N N 31  
ARG HG3  H  N N 32  
ARG HD2  H  N N 33  
ARG HD3  H  N N 34  
ARG HE   H  N N 35  
ARG HH11 H  N N 36  
ARG HH12 H  N N 37  
ARG HH21 H  N N 38  
ARG HH22 H  N N 39  
ARG HXT  H  N N 40  
ASN N    N  N N 41  
ASN CA   C  N S 42  
ASN C    C  N N 43  
ASN O    O  N N 44  
ASN CB   C  N N 45  
ASN CG   C  N N 46  
ASN OD1  O  N N 47  
ASN ND2  N  N N 48  
ASN OXT  O  N N 49  
ASN H    H  N N 50  
ASN H2   H  N N 51  
ASN HA   H  N N 52  
ASN HB2  H  N N 53  
ASN HB3  H  N N 54  
ASN HD21 H  N N 55  
ASN HD22 H  N N 56  
ASN HXT  H  N N 57  
ASP N    N  N N 58  
ASP CA   C  N S 59  
ASP C    C  N N 60  
ASP O    O  N N 61  
ASP CB   C  N N 62  
ASP CG   C  N N 63  
ASP OD1  O  N N 64  
ASP OD2  O  N N 65  
ASP OXT  O  N N 66  
ASP H    H  N N 67  
ASP H2   H  N N 68  
ASP HA   H  N N 69  
ASP HB2  H  N N 70  
ASP HB3  H  N N 71  
ASP HD2  H  N N 72  
ASP HXT  H  N N 73  
CYS N    N  N N 74  
CYS CA   C  N R 75  
CYS C    C  N N 76  
CYS O    O  N N 77  
CYS CB   C  N N 78  
CYS SG   S  N N 79  
CYS OXT  O  N N 80  
CYS H    H  N N 81  
CYS H2   H  N N 82  
CYS HA   H  N N 83  
CYS HB2  H  N N 84  
CYS HB3  H  N N 85  
CYS HG   H  N N 86  
CYS HXT  H  N N 87  
GLN N    N  N N 88  
GLN CA   C  N S 89  
GLN C    C  N N 90  
GLN O    O  N N 91  
GLN CB   C  N N 92  
GLN CG   C  N N 93  
GLN CD   C  N N 94  
GLN OE1  O  N N 95  
GLN NE2  N  N N 96  
GLN OXT  O  N N 97  
GLN H    H  N N 98  
GLN H2   H  N N 99  
GLN HA   H  N N 100 
GLN HB2  H  N N 101 
GLN HB3  H  N N 102 
GLN HG2  H  N N 103 
GLN HG3  H  N N 104 
GLN HE21 H  N N 105 
GLN HE22 H  N N 106 
GLN HXT  H  N N 107 
GLU N    N  N N 108 
GLU CA   C  N S 109 
GLU C    C  N N 110 
GLU O    O  N N 111 
GLU CB   C  N N 112 
GLU CG   C  N N 113 
GLU CD   C  N N 114 
GLU OE1  O  N N 115 
GLU OE2  O  N N 116 
GLU OXT  O  N N 117 
GLU H    H  N N 118 
GLU H2   H  N N 119 
GLU HA   H  N N 120 
GLU HB2  H  N N 121 
GLU HB3  H  N N 122 
GLU HG2  H  N N 123 
GLU HG3  H  N N 124 
GLU HE2  H  N N 125 
GLU HXT  H  N N 126 
GLY N    N  N N 127 
GLY CA   C  N N 128 
GLY C    C  N N 129 
GLY O    O  N N 130 
GLY OXT  O  N N 131 
GLY H    H  N N 132 
GLY H2   H  N N 133 
GLY HA2  H  N N 134 
GLY HA3  H  N N 135 
GLY HXT  H  N N 136 
HIS N    N  N N 137 
HIS CA   C  N S 138 
HIS C    C  N N 139 
HIS O    O  N N 140 
HIS CB   C  N N 141 
HIS CG   C  Y N 142 
HIS ND1  N  Y N 143 
HIS CD2  C  Y N 144 
HIS CE1  C  Y N 145 
HIS NE2  N  Y N 146 
HIS OXT  O  N N 147 
HIS H    H  N N 148 
HIS H2   H  N N 149 
HIS HA   H  N N 150 
HIS HB2  H  N N 151 
HIS HB3  H  N N 152 
HIS HD1  H  N N 153 
HIS HD2  H  N N 154 
HIS HE1  H  N N 155 
HIS HE2  H  N N 156 
HIS HXT  H  N N 157 
HOH O    O  N N 158 
HOH H1   H  N N 159 
HOH H2   H  N N 160 
ILE N    N  N N 161 
ILE CA   C  N S 162 
ILE C    C  N N 163 
ILE O    O  N N 164 
ILE CB   C  N S 165 
ILE CG1  C  N N 166 
ILE CG2  C  N N 167 
ILE CD1  C  N N 168 
ILE OXT  O  N N 169 
ILE H    H  N N 170 
ILE H2   H  N N 171 
ILE HA   H  N N 172 
ILE HB   H  N N 173 
ILE HG12 H  N N 174 
ILE HG13 H  N N 175 
ILE HG21 H  N N 176 
ILE HG22 H  N N 177 
ILE HG23 H  N N 178 
ILE HD11 H  N N 179 
ILE HD12 H  N N 180 
ILE HD13 H  N N 181 
ILE HXT  H  N N 182 
LEU N    N  N N 183 
LEU CA   C  N S 184 
LEU C    C  N N 185 
LEU O    O  N N 186 
LEU CB   C  N N 187 
LEU CG   C  N N 188 
LEU CD1  C  N N 189 
LEU CD2  C  N N 190 
LEU OXT  O  N N 191 
LEU H    H  N N 192 
LEU H2   H  N N 193 
LEU HA   H  N N 194 
LEU HB2  H  N N 195 
LEU HB3  H  N N 196 
LEU HG   H  N N 197 
LEU HD11 H  N N 198 
LEU HD12 H  N N 199 
LEU HD13 H  N N 200 
LEU HD21 H  N N 201 
LEU HD22 H  N N 202 
LEU HD23 H  N N 203 
LEU HXT  H  N N 204 
LYS N    N  N N 205 
LYS CA   C  N S 206 
LYS C    C  N N 207 
LYS O    O  N N 208 
LYS CB   C  N N 209 
LYS CG   C  N N 210 
LYS CD   C  N N 211 
LYS CE   C  N N 212 
LYS NZ   N  N N 213 
LYS OXT  O  N N 214 
LYS H    H  N N 215 
LYS H2   H  N N 216 
LYS HA   H  N N 217 
LYS HB2  H  N N 218 
LYS HB3  H  N N 219 
LYS HG2  H  N N 220 
LYS HG3  H  N N 221 
LYS HD2  H  N N 222 
LYS HD3  H  N N 223 
LYS HE2  H  N N 224 
LYS HE3  H  N N 225 
LYS HZ1  H  N N 226 
LYS HZ2  H  N N 227 
LYS HZ3  H  N N 228 
LYS HXT  H  N N 229 
MET N    N  N N 230 
MET CA   C  N S 231 
MET C    C  N N 232 
MET O    O  N N 233 
MET CB   C  N N 234 
MET CG   C  N N 235 
MET SD   S  N N 236 
MET CE   C  N N 237 
MET OXT  O  N N 238 
MET H    H  N N 239 
MET H2   H  N N 240 
MET HA   H  N N 241 
MET HB2  H  N N 242 
MET HB3  H  N N 243 
MET HG2  H  N N 244 
MET HG3  H  N N 245 
MET HE1  H  N N 246 
MET HE2  H  N N 247 
MET HE3  H  N N 248 
MET HXT  H  N N 249 
PHE N    N  N N 250 
PHE CA   C  N S 251 
PHE C    C  N N 252 
PHE O    O  N N 253 
PHE CB   C  N N 254 
PHE CG   C  Y N 255 
PHE CD1  C  Y N 256 
PHE CD2  C  Y N 257 
PHE CE1  C  Y N 258 
PHE CE2  C  Y N 259 
PHE CZ   C  Y N 260 
PHE OXT  O  N N 261 
PHE H    H  N N 262 
PHE H2   H  N N 263 
PHE HA   H  N N 264 
PHE HB2  H  N N 265 
PHE HB3  H  N N 266 
PHE HD1  H  N N 267 
PHE HD2  H  N N 268 
PHE HE1  H  N N 269 
PHE HE2  H  N N 270 
PHE HZ   H  N N 271 
PHE HXT  H  N N 272 
PRO N    N  N N 273 
PRO CA   C  N S 274 
PRO C    C  N N 275 
PRO O    O  N N 276 
PRO CB   C  N N 277 
PRO CG   C  N N 278 
PRO CD   C  N N 279 
PRO OXT  O  N N 280 
PRO H    H  N N 281 
PRO HA   H  N N 282 
PRO HB2  H  N N 283 
PRO HB3  H  N N 284 
PRO HG2  H  N N 285 
PRO HG3  H  N N 286 
PRO HD2  H  N N 287 
PRO HD3  H  N N 288 
PRO HXT  H  N N 289 
SER N    N  N N 290 
SER CA   C  N S 291 
SER C    C  N N 292 
SER O    O  N N 293 
SER CB   C  N N 294 
SER OG   O  N N 295 
SER OXT  O  N N 296 
SER H    H  N N 297 
SER H2   H  N N 298 
SER HA   H  N N 299 
SER HB2  H  N N 300 
SER HB3  H  N N 301 
SER HG   H  N N 302 
SER HXT  H  N N 303 
THR N    N  N N 304 
THR CA   C  N S 305 
THR C    C  N N 306 
THR O    O  N N 307 
THR CB   C  N R 308 
THR OG1  O  N N 309 
THR CG2  C  N N 310 
THR OXT  O  N N 311 
THR H    H  N N 312 
THR H2   H  N N 313 
THR HA   H  N N 314 
THR HB   H  N N 315 
THR HG1  H  N N 316 
THR HG21 H  N N 317 
THR HG22 H  N N 318 
THR HG23 H  N N 319 
THR HXT  H  N N 320 
TRP N    N  N N 321 
TRP CA   C  N S 322 
TRP C    C  N N 323 
TRP O    O  N N 324 
TRP CB   C  N N 325 
TRP CG   C  Y N 326 
TRP CD1  C  Y N 327 
TRP CD2  C  Y N 328 
TRP NE1  N  Y N 329 
TRP CE2  C  Y N 330 
TRP CE3  C  Y N 331 
TRP CZ2  C  Y N 332 
TRP CZ3  C  Y N 333 
TRP CH2  C  Y N 334 
TRP OXT  O  N N 335 
TRP H    H  N N 336 
TRP H2   H  N N 337 
TRP HA   H  N N 338 
TRP HB2  H  N N 339 
TRP HB3  H  N N 340 
TRP HD1  H  N N 341 
TRP HE1  H  N N 342 
TRP HE3  H  N N 343 
TRP HZ2  H  N N 344 
TRP HZ3  H  N N 345 
TRP HH2  H  N N 346 
TRP HXT  H  N N 347 
TYR N    N  N N 348 
TYR CA   C  N S 349 
TYR C    C  N N 350 
TYR O    O  N N 351 
TYR CB   C  N N 352 
TYR CG   C  Y N 353 
TYR CD1  C  Y N 354 
TYR CD2  C  Y N 355 
TYR CE1  C  Y N 356 
TYR CE2  C  Y N 357 
TYR CZ   C  Y N 358 
TYR OH   O  N N 359 
TYR OXT  O  N N 360 
TYR H    H  N N 361 
TYR H2   H  N N 362 
TYR HA   H  N N 363 
TYR HB2  H  N N 364 
TYR HB3  H  N N 365 
TYR HD1  H  N N 366 
TYR HD2  H  N N 367 
TYR HE1  H  N N 368 
TYR HE2  H  N N 369 
TYR HH   H  N N 370 
TYR HXT  H  N N 371 
VAL N    N  N N 372 
VAL CA   C  N S 373 
VAL C    C  N N 374 
VAL O    O  N N 375 
VAL CB   C  N N 376 
VAL CG1  C  N N 377 
VAL CG2  C  N N 378 
VAL OXT  O  N N 379 
VAL H    H  N N 380 
VAL H2   H  N N 381 
VAL HA   H  N N 382 
VAL HB   H  N N 383 
VAL HG11 H  N N 384 
VAL HG12 H  N N 385 
VAL HG13 H  N N 386 
VAL HG21 H  N N 387 
VAL HG22 H  N N 388 
VAL HG23 H  N N 389 
VAL HXT  H  N N 390 
ZN  ZN   ZN N N 391 
# 
loop_
_chem_comp_bond.comp_id 
_chem_comp_bond.atom_id_1 
_chem_comp_bond.atom_id_2 
_chem_comp_bond.value_order 
_chem_comp_bond.pdbx_aromatic_flag 
_chem_comp_bond.pdbx_stereo_config 
_chem_comp_bond.pdbx_ordinal 
ALA N   CA   sing N N 1   
ALA N   H    sing N N 2   
ALA N   H2   sing N N 3   
ALA CA  C    sing N N 4   
ALA CA  CB   sing N N 5   
ALA CA  HA   sing N N 6   
ALA C   O    doub N N 7   
ALA C   OXT  sing N N 8   
ALA CB  HB1  sing N N 9   
ALA CB  HB2  sing N N 10  
ALA CB  HB3  sing N N 11  
ALA OXT HXT  sing N N 12  
ARG N   CA   sing N N 13  
ARG N   H    sing N N 14  
ARG N   H2   sing N N 15  
ARG CA  C    sing N N 16  
ARG CA  CB   sing N N 17  
ARG CA  HA   sing N N 18  
ARG C   O    doub N N 19  
ARG C   OXT  sing N N 20  
ARG CB  CG   sing N N 21  
ARG CB  HB2  sing N N 22  
ARG CB  HB3  sing N N 23  
ARG CG  CD   sing N N 24  
ARG CG  HG2  sing N N 25  
ARG CG  HG3  sing N N 26  
ARG CD  NE   sing N N 27  
ARG CD  HD2  sing N N 28  
ARG CD  HD3  sing N N 29  
ARG NE  CZ   sing N N 30  
ARG NE  HE   sing N N 31  
ARG CZ  NH1  sing N N 32  
ARG CZ  NH2  doub N N 33  
ARG NH1 HH11 sing N N 34  
ARG NH1 HH12 sing N N 35  
ARG NH2 HH21 sing N N 36  
ARG NH2 HH22 sing N N 37  
ARG OXT HXT  sing N N 38  
ASN N   CA   sing N N 39  
ASN N   H    sing N N 40  
ASN N   H2   sing N N 41  
ASN CA  C    sing N N 42  
ASN CA  CB   sing N N 43  
ASN CA  HA   sing N N 44  
ASN C   O    doub N N 45  
ASN C   OXT  sing N N 46  
ASN CB  CG   sing N N 47  
ASN CB  HB2  sing N N 48  
ASN CB  HB3  sing N N 49  
ASN CG  OD1  doub N N 50  
ASN CG  ND2  sing N N 51  
ASN ND2 HD21 sing N N 52  
ASN ND2 HD22 sing N N 53  
ASN OXT HXT  sing N N 54  
ASP N   CA   sing N N 55  
ASP N   H    sing N N 56  
ASP N   H2   sing N N 57  
ASP CA  C    sing N N 58  
ASP CA  CB   sing N N 59  
ASP CA  HA   sing N N 60  
ASP C   O    doub N N 61  
ASP C   OXT  sing N N 62  
ASP CB  CG   sing N N 63  
ASP CB  HB2  sing N N 64  
ASP CB  HB3  sing N N 65  
ASP CG  OD1  doub N N 66  
ASP CG  OD2  sing N N 67  
ASP OD2 HD2  sing N N 68  
ASP OXT HXT  sing N N 69  
CYS N   CA   sing N N 70  
CYS N   H    sing N N 71  
CYS N   H2   sing N N 72  
CYS CA  C    sing N N 73  
CYS CA  CB   sing N N 74  
CYS CA  HA   sing N N 75  
CYS C   O    doub N N 76  
CYS C   OXT  sing N N 77  
CYS CB  SG   sing N N 78  
CYS CB  HB2  sing N N 79  
CYS CB  HB3  sing N N 80  
CYS SG  HG   sing N N 81  
CYS OXT HXT  sing N N 82  
GLN N   CA   sing N N 83  
GLN N   H    sing N N 84  
GLN N   H2   sing N N 85  
GLN CA  C    sing N N 86  
GLN CA  CB   sing N N 87  
GLN CA  HA   sing N N 88  
GLN C   O    doub N N 89  
GLN C   OXT  sing N N 90  
GLN CB  CG   sing N N 91  
GLN CB  HB2  sing N N 92  
GLN CB  HB3  sing N N 93  
GLN CG  CD   sing N N 94  
GLN CG  HG2  sing N N 95  
GLN CG  HG3  sing N N 96  
GLN CD  OE1  doub N N 97  
GLN CD  NE2  sing N N 98  
GLN NE2 HE21 sing N N 99  
GLN NE2 HE22 sing N N 100 
GLN OXT HXT  sing N N 101 
GLU N   CA   sing N N 102 
GLU N   H    sing N N 103 
GLU N   H2   sing N N 104 
GLU CA  C    sing N N 105 
GLU CA  CB   sing N N 106 
GLU CA  HA   sing N N 107 
GLU C   O    doub N N 108 
GLU C   OXT  sing N N 109 
GLU CB  CG   sing N N 110 
GLU CB  HB2  sing N N 111 
GLU CB  HB3  sing N N 112 
GLU CG  CD   sing N N 113 
GLU CG  HG2  sing N N 114 
GLU CG  HG3  sing N N 115 
GLU CD  OE1  doub N N 116 
GLU CD  OE2  sing N N 117 
GLU OE2 HE2  sing N N 118 
GLU OXT HXT  sing N N 119 
GLY N   CA   sing N N 120 
GLY N   H    sing N N 121 
GLY N   H2   sing N N 122 
GLY CA  C    sing N N 123 
GLY CA  HA2  sing N N 124 
GLY CA  HA3  sing N N 125 
GLY C   O    doub N N 126 
GLY C   OXT  sing N N 127 
GLY OXT HXT  sing N N 128 
HIS N   CA   sing N N 129 
HIS N   H    sing N N 130 
HIS N   H2   sing N N 131 
HIS CA  C    sing N N 132 
HIS CA  CB   sing N N 133 
HIS CA  HA   sing N N 134 
HIS C   O    doub N N 135 
HIS C   OXT  sing N N 136 
HIS CB  CG   sing N N 137 
HIS CB  HB2  sing N N 138 
HIS CB  HB3  sing N N 139 
HIS CG  ND1  sing Y N 140 
HIS CG  CD2  doub Y N 141 
HIS ND1 CE1  doub Y N 142 
HIS ND1 HD1  sing N N 143 
HIS CD2 NE2  sing Y N 144 
HIS CD2 HD2  sing N N 145 
HIS CE1 NE2  sing Y N 146 
HIS CE1 HE1  sing N N 147 
HIS NE2 HE2  sing N N 148 
HIS OXT HXT  sing N N 149 
HOH O   H1   sing N N 150 
HOH O   H2   sing N N 151 
ILE N   CA   sing N N 152 
ILE N   H    sing N N 153 
ILE N   H2   sing N N 154 
ILE CA  C    sing N N 155 
ILE CA  CB   sing N N 156 
ILE CA  HA   sing N N 157 
ILE C   O    doub N N 158 
ILE C   OXT  sing N N 159 
ILE CB  CG1  sing N N 160 
ILE CB  CG2  sing N N 161 
ILE CB  HB   sing N N 162 
ILE CG1 CD1  sing N N 163 
ILE CG1 HG12 sing N N 164 
ILE CG1 HG13 sing N N 165 
ILE CG2 HG21 sing N N 166 
ILE CG2 HG22 sing N N 167 
ILE CG2 HG23 sing N N 168 
ILE CD1 HD11 sing N N 169 
ILE CD1 HD12 sing N N 170 
ILE CD1 HD13 sing N N 171 
ILE OXT HXT  sing N N 172 
LEU N   CA   sing N N 173 
LEU N   H    sing N N 174 
LEU N   H2   sing N N 175 
LEU CA  C    sing N N 176 
LEU CA  CB   sing N N 177 
LEU CA  HA   sing N N 178 
LEU C   O    doub N N 179 
LEU C   OXT  sing N N 180 
LEU CB  CG   sing N N 181 
LEU CB  HB2  sing N N 182 
LEU CB  HB3  sing N N 183 
LEU CG  CD1  sing N N 184 
LEU CG  CD2  sing N N 185 
LEU CG  HG   sing N N 186 
LEU CD1 HD11 sing N N 187 
LEU CD1 HD12 sing N N 188 
LEU CD1 HD13 sing N N 189 
LEU CD2 HD21 sing N N 190 
LEU CD2 HD22 sing N N 191 
LEU CD2 HD23 sing N N 192 
LEU OXT HXT  sing N N 193 
LYS N   CA   sing N N 194 
LYS N   H    sing N N 195 
LYS N   H2   sing N N 196 
LYS CA  C    sing N N 197 
LYS CA  CB   sing N N 198 
LYS CA  HA   sing N N 199 
LYS C   O    doub N N 200 
LYS C   OXT  sing N N 201 
LYS CB  CG   sing N N 202 
LYS CB  HB2  sing N N 203 
LYS CB  HB3  sing N N 204 
LYS CG  CD   sing N N 205 
LYS CG  HG2  sing N N 206 
LYS CG  HG3  sing N N 207 
LYS CD  CE   sing N N 208 
LYS CD  HD2  sing N N 209 
LYS CD  HD3  sing N N 210 
LYS CE  NZ   sing N N 211 
LYS CE  HE2  sing N N 212 
LYS CE  HE3  sing N N 213 
LYS NZ  HZ1  sing N N 214 
LYS NZ  HZ2  sing N N 215 
LYS NZ  HZ3  sing N N 216 
LYS OXT HXT  sing N N 217 
MET N   CA   sing N N 218 
MET N   H    sing N N 219 
MET N   H2   sing N N 220 
MET CA  C    sing N N 221 
MET CA  CB   sing N N 222 
MET CA  HA   sing N N 223 
MET C   O    doub N N 224 
MET C   OXT  sing N N 225 
MET CB  CG   sing N N 226 
MET CB  HB2  sing N N 227 
MET CB  HB3  sing N N 228 
MET CG  SD   sing N N 229 
MET CG  HG2  sing N N 230 
MET CG  HG3  sing N N 231 
MET SD  CE   sing N N 232 
MET CE  HE1  sing N N 233 
MET CE  HE2  sing N N 234 
MET CE  HE3  sing N N 235 
MET OXT HXT  sing N N 236 
PHE N   CA   sing N N 237 
PHE N   H    sing N N 238 
PHE N   H2   sing N N 239 
PHE CA  C    sing N N 240 
PHE CA  CB   sing N N 241 
PHE CA  HA   sing N N 242 
PHE C   O    doub N N 243 
PHE C   OXT  sing N N 244 
PHE CB  CG   sing N N 245 
PHE CB  HB2  sing N N 246 
PHE CB  HB3  sing N N 247 
PHE CG  CD1  doub Y N 248 
PHE CG  CD2  sing Y N 249 
PHE CD1 CE1  sing Y N 250 
PHE CD1 HD1  sing N N 251 
PHE CD2 CE2  doub Y N 252 
PHE CD2 HD2  sing N N 253 
PHE CE1 CZ   doub Y N 254 
PHE CE1 HE1  sing N N 255 
PHE CE2 CZ   sing Y N 256 
PHE CE2 HE2  sing N N 257 
PHE CZ  HZ   sing N N 258 
PHE OXT HXT  sing N N 259 
PRO N   CA   sing N N 260 
PRO N   CD   sing N N 261 
PRO N   H    sing N N 262 
PRO CA  C    sing N N 263 
PRO CA  CB   sing N N 264 
PRO CA  HA   sing N N 265 
PRO C   O    doub N N 266 
PRO C   OXT  sing N N 267 
PRO CB  CG   sing N N 268 
PRO CB  HB2  sing N N 269 
PRO CB  HB3  sing N N 270 
PRO CG  CD   sing N N 271 
PRO CG  HG2  sing N N 272 
PRO CG  HG3  sing N N 273 
PRO CD  HD2  sing N N 274 
PRO CD  HD3  sing N N 275 
PRO OXT HXT  sing N N 276 
SER N   CA   sing N N 277 
SER N   H    sing N N 278 
SER N   H2   sing N N 279 
SER CA  C    sing N N 280 
SER CA  CB   sing N N 281 
SER CA  HA   sing N N 282 
SER C   O    doub N N 283 
SER C   OXT  sing N N 284 
SER CB  OG   sing N N 285 
SER CB  HB2  sing N N 286 
SER CB  HB3  sing N N 287 
SER OG  HG   sing N N 288 
SER OXT HXT  sing N N 289 
THR N   CA   sing N N 290 
THR N   H    sing N N 291 
THR N   H2   sing N N 292 
THR CA  C    sing N N 293 
THR CA  CB   sing N N 294 
THR CA  HA   sing N N 295 
THR C   O    doub N N 296 
THR C   OXT  sing N N 297 
THR CB  OG1  sing N N 298 
THR CB  CG2  sing N N 299 
THR CB  HB   sing N N 300 
THR OG1 HG1  sing N N 301 
THR CG2 HG21 sing N N 302 
THR CG2 HG22 sing N N 303 
THR CG2 HG23 sing N N 304 
THR OXT HXT  sing N N 305 
TRP N   CA   sing N N 306 
TRP N   H    sing N N 307 
TRP N   H2   sing N N 308 
TRP CA  C    sing N N 309 
TRP CA  CB   sing N N 310 
TRP CA  HA   sing N N 311 
TRP C   O    doub N N 312 
TRP C   OXT  sing N N 313 
TRP CB  CG   sing N N 314 
TRP CB  HB2  sing N N 315 
TRP CB  HB3  sing N N 316 
TRP CG  CD1  doub Y N 317 
TRP CG  CD2  sing Y N 318 
TRP CD1 NE1  sing Y N 319 
TRP CD1 HD1  sing N N 320 
TRP CD2 CE2  doub Y N 321 
TRP CD2 CE3  sing Y N 322 
TRP NE1 CE2  sing Y N 323 
TRP NE1 HE1  sing N N 324 
TRP CE2 CZ2  sing Y N 325 
TRP CE3 CZ3  doub Y N 326 
TRP CE3 HE3  sing N N 327 
TRP CZ2 CH2  doub Y N 328 
TRP CZ2 HZ2  sing N N 329 
TRP CZ3 CH2  sing Y N 330 
TRP CZ3 HZ3  sing N N 331 
TRP CH2 HH2  sing N N 332 
TRP OXT HXT  sing N N 333 
TYR N   CA   sing N N 334 
TYR N   H    sing N N 335 
TYR N   H2   sing N N 336 
TYR CA  C    sing N N 337 
TYR CA  CB   sing N N 338 
TYR CA  HA   sing N N 339 
TYR C   O    doub N N 340 
TYR C   OXT  sing N N 341 
TYR CB  CG   sing N N 342 
TYR CB  HB2  sing N N 343 
TYR CB  HB3  sing N N 344 
TYR CG  CD1  doub Y N 345 
TYR CG  CD2  sing Y N 346 
TYR CD1 CE1  sing Y N 347 
TYR CD1 HD1  sing N N 348 
TYR CD2 CE2  doub Y N 349 
TYR CD2 HD2  sing N N 350 
TYR CE1 CZ   doub Y N 351 
TYR CE1 HE1  sing N N 352 
TYR CE2 CZ   sing Y N 353 
TYR CE2 HE2  sing N N 354 
TYR CZ  OH   sing N N 355 
TYR OH  HH   sing N N 356 
TYR OXT HXT  sing N N 357 
VAL N   CA   sing N N 358 
VAL N   H    sing N N 359 
VAL N   H2   sing N N 360 
VAL CA  C    sing N N 361 
VAL CA  CB   sing N N 362 
VAL CA  HA   sing N N 363 
VAL C   O    doub N N 364 
VAL C   OXT  sing N N 365 
VAL CB  CG1  sing N N 366 
VAL CB  CG2  sing N N 367 
VAL CB  HB   sing N N 368 
VAL CG1 HG11 sing N N 369 
VAL CG1 HG12 sing N N 370 
VAL CG1 HG13 sing N N 371 
VAL CG2 HG21 sing N N 372 
VAL CG2 HG22 sing N N 373 
VAL CG2 HG23 sing N N 374 
VAL OXT HXT  sing N N 375 
# 
_pdbx_audit_support.funding_organization   'National Basic Research Program of China (973 Program)' 
_pdbx_audit_support.country                China 
_pdbx_audit_support.grant_number           2016YFC1200400 
_pdbx_audit_support.ordinal                1 
# 
_atom_sites.entry_id                    6A58 
_atom_sites.fract_transf_matrix[1][1]   -0.01594909 
_atom_sites.fract_transf_matrix[1][2]   -0.00076523 
_atom_sites.fract_transf_matrix[1][3]   0.00105115 
_atom_sites.fract_transf_matrix[2][1]   -0.00026502 
_atom_sites.fract_transf_matrix[2][2]   -0.01075200 
_atom_sites.fract_transf_matrix[2][3]   -0.01184856 
_atom_sites.fract_transf_matrix[3][1]   0.00184316 
_atom_sites.fract_transf_matrix[3][2]   -0.01712527 
_atom_sites.fract_transf_matrix[3][3]   0.01549914 
_atom_sites.fract_transf_vector[1]      -0.392527 
_atom_sites.fract_transf_vector[2]      0.095211 
_atom_sites.fract_transf_vector[3]      0.033895 
# 
loop_
_atom_type.symbol 
C  
N  
O  
S  
ZN 
# 
loop_
_atom_site.group_PDB 
_atom_site.id 
_atom_site.type_symbol 
_atom_site.label_atom_id 
_atom_site.label_alt_id 
_atom_site.label_comp_id 
_atom_site.label_asym_id 
_atom_site.label_entity_id 
_atom_site.label_seq_id 
_atom_site.pdbx_PDB_ins_code 
_atom_site.Cartn_x 
_atom_site.Cartn_y 
_atom_site.Cartn_z 
_atom_site.occupancy 
_atom_site.B_iso_or_equiv 
_atom_site.pdbx_formal_charge 
_atom_site.auth_seq_id 
_atom_site.auth_comp_id 
_atom_site.auth_asym_id 
_atom_site.auth_atom_id 
_atom_site.pdbx_PDB_model_num 
ATOM   1    N  N   . GLU A 1 18  ? 17.219  -20.337 4.311   0.50 50.42 ? 1238 GLU A N   1 
ATOM   2    C  CA  . GLU A 1 18  ? 17.807  -19.486 3.221   1.00 50.12 ? 1238 GLU A CA  1 
ATOM   3    C  C   . GLU A 1 18  ? 17.129  -19.746 1.867   1.00 49.03 ? 1238 GLU A C   1 
ATOM   4    O  O   . GLU A 1 18  ? 16.168  -20.516 1.794   1.00 48.26 ? 1238 GLU A O   1 
ATOM   5    C  CB  . GLU A 1 18  ? 19.333  -19.682 3.138   1.00 50.83 ? 1238 GLU A CB  1 
ATOM   6    C  CG  . GLU A 1 18  ? 19.812  -21.055 2.678   1.00 51.76 ? 1238 GLU A CG  1 
ATOM   7    C  CD  . GLU A 1 18  ? 21.304  -21.083 2.373   1.00 53.19 ? 1238 GLU A CD  1 
ATOM   8    O  OE1 . GLU A 1 18  ? 21.773  -20.234 1.584   1.00 53.40 ? 1238 GLU A OE1 1 
ATOM   9    O  OE2 . GLU A 1 18  ? 22.010  -21.961 2.915   1.00 55.35 ? 1238 GLU A OE2 1 
ATOM   10   N  N   . GLU A 1 19  ? 17.619  -19.086 0.814   1.00 48.25 ? 1239 GLU A N   1 
ATOM   11   C  CA  . GLU A 1 19  ? 17.125  -19.285 -0.562  1.00 46.90 ? 1239 GLU A CA  1 
ATOM   12   C  C   . GLU A 1 19  ? 17.085  -20.753 -0.970  1.00 45.26 ? 1239 GLU A C   1 
ATOM   13   O  O   . GLU A 1 19  ? 16.066  -21.231 -1.469  1.00 44.44 ? 1239 GLU A O   1 
ATOM   14   C  CB  . GLU A 1 19  ? 18.008  -18.540 -1.568  1.00 47.84 ? 1239 GLU A CB  1 
ATOM   15   C  CG  . GLU A 1 19  ? 17.833  -17.033 -1.576  1.00 48.24 ? 1239 GLU A CG  1 
ATOM   16   C  CD  . GLU A 1 19  ? 18.640  -16.352 -2.667  1.00 48.12 ? 1239 GLU A CD  1 
ATOM   17   O  OE1 . GLU A 1 19  ? 19.534  -16.997 -3.265  1.00 47.81 ? 1239 GLU A OE1 1 
ATOM   18   O  OE2 . GLU A 1 19  ? 18.377  -15.161 -2.927  1.00 48.47 ? 1239 GLU A OE2 1 
ATOM   19   N  N   . CYS A 1 20  ? 18.213  -21.436 -0.765  1.00 43.69 ? 1240 CYS A N   1 
ATOM   20   C  CA  . CYS A 1 20  ? 18.373  -22.866 -1.062  1.00 43.26 ? 1240 CYS A CA  1 
ATOM   21   C  C   . CYS A 1 20  ? 17.268  -23.726 -0.454  1.00 41.74 ? 1240 CYS A C   1 
ATOM   22   O  O   . CYS A 1 20  ? 16.657  -24.542 -1.145  1.00 42.57 ? 1240 CYS A O   1 
ATOM   23   C  CB  . CYS A 1 20  ? 19.730  -23.365 -0.554  1.00 43.48 ? 1240 CYS A CB  1 
ATOM   24   N  N   . ALA A 1 21  ? 17.026  -23.524 0.838   1.00 40.78 ? 1241 ALA A N   1 
ATOM   25   C  CA  . ALA A 1 21  ? 16.025  -24.287 1.588   1.00 39.57 ? 1241 ALA A CA  1 
ATOM   26   C  C   . ALA A 1 21  ? 14.583  -23.856 1.300   1.00 38.20 ? 1241 ALA A C   1 
ATOM   27   O  O   . ALA A 1 21  ? 13.667  -24.676 1.394   1.00 39.20 ? 1241 ALA A O   1 
ATOM   28   C  CB  . ALA A 1 21  ? 16.306  -24.187 3.081   1.00 39.98 ? 1241 ALA A CB  1 
ATOM   29   N  N   . ALA A 1 22  ? 14.383  -22.580 0.969   1.00 36.14 ? 1242 ALA A N   1 
ATOM   30   C  CA  . ALA A 1 22  ? 13.044  -22.043 0.707   1.00 34.10 ? 1242 ALA A CA  1 
ATOM   31   C  C   . ALA A 1 22  ? 12.462  -22.548 -0.615  1.00 32.86 ? 1242 ALA A C   1 
ATOM   32   O  O   . ALA A 1 22  ? 13.196  -22.922 -1.536  1.00 33.22 ? 1242 ALA A O   1 
ATOM   33   C  CB  . ALA A 1 22  ? 13.067  -20.523 0.719   1.00 34.19 ? 1242 ALA A CB  1 
ATOM   34   N  N   . TYR A 1 23  ? 11.133  -22.553 -0.684  1.00 31.39 ? 1243 TYR A N   1 
ATOM   35   C  CA  . TYR A 1 23  ? 10.390  -22.960 -1.872  1.00 30.40 ? 1243 TYR A CA  1 
ATOM   36   C  C   . TYR A 1 23  ? 9.687   -21.744 -2.473  1.00 29.31 ? 1243 TYR A C   1 
ATOM   37   O  O   . TYR A 1 23  ? 8.722   -21.233 -1.903  1.00 27.91 ? 1243 TYR A O   1 
ATOM   38   C  CB  . TYR A 1 23  ? 9.373   -24.040 -1.505  1.00 31.63 ? 1243 TYR A CB  1 
ATOM   39   C  CG  . TYR A 1 23  ? 10.010  -25.372 -1.175  1.00 33.09 ? 1243 TYR A CG  1 
ATOM   40   C  CD1 . TYR A 1 23  ? 10.530  -25.627 0.097   1.00 34.31 ? 1243 TYR A CD1 1 
ATOM   41   C  CD2 . TYR A 1 23  ? 10.099  -26.377 -2.136  1.00 34.98 ? 1243 TYR A CD2 1 
ATOM   42   C  CE1 . TYR A 1 23  ? 11.119  -26.851 0.399   1.00 35.34 ? 1243 TYR A CE1 1 
ATOM   43   C  CE2 . TYR A 1 23  ? 10.683  -27.601 -1.844  1.00 36.07 ? 1243 TYR A CE2 1 
ATOM   44   C  CZ  . TYR A 1 23  ? 11.191  -27.834 -0.578  1.00 36.37 ? 1243 TYR A CZ  1 
ATOM   45   O  OH  . TYR A 1 23  ? 11.768  -29.051 -0.292  1.00 39.38 ? 1243 TYR A OH  1 
ATOM   46   N  N   . GLN A 1 24  ? 10.168  -21.298 -3.631  1.00 28.42 ? 1244 GLN A N   1 
ATOM   47   C  CA  . GLN A 1 24  ? 9.677   -20.071 -4.265  1.00 28.43 ? 1244 GLN A CA  1 
ATOM   48   C  C   . GLN A 1 24  ? 8.445   -20.355 -5.135  1.00 28.22 ? 1244 GLN A C   1 
ATOM   49   O  O   . GLN A 1 24  ? 8.348   -21.419 -5.759  1.00 28.79 ? 1244 GLN A O   1 
ATOM   50   C  CB  . GLN A 1 24  ? 10.788  -19.415 -5.101  1.00 28.95 ? 1244 GLN A CB  1 
ATOM   51   C  CG  . GLN A 1 24  ? 11.961  -18.853 -4.290  1.00 29.86 ? 1244 GLN A CG  1 
ATOM   52   C  CD  . GLN A 1 24  ? 12.976  -19.894 -3.825  1.00 30.64 ? 1244 GLN A CD  1 
ATOM   53   O  OE1 . GLN A 1 24  ? 13.017  -21.022 -4.325  1.00 31.67 ? 1244 GLN A OE1 1 
ATOM   54   N  NE2 . GLN A 1 24  ? 13.812  -19.512 -2.861  1.00 31.94 ? 1244 GLN A NE2 1 
ATOM   55   N  N   . CYS A 1 25  ? 7.510   -19.406 -5.163  1.00 27.07 ? 1245 CYS A N   1 
ATOM   56   C  CA  . CYS A 1 25  ? 6.324   -19.497 -6.021  1.00 27.73 ? 1245 CYS A CA  1 
ATOM   57   C  C   . CYS A 1 25  ? 6.671   -19.106 -7.451  1.00 28.48 ? 1245 CYS A C   1 
ATOM   58   O  O   . CYS A 1 25  ? 7.317   -18.080 -7.672  1.00 28.27 ? 1245 CYS A O   1 
ATOM   59   C  CB  . CYS A 1 25  ? 5.203   -18.596 -5.511  1.00 27.62 ? 1245 CYS A CB  1 
ATOM   60   S  SG  . CYS A 1 25  ? 3.686   -18.739 -6.489  1.00 28.18 ? 1245 CYS A SG  1 
ATOM   61   N  N   . ASN A 1 26  ? 6.228   -19.916 -8.415  1.00 29.34 ? 1246 ASN A N   1 
ATOM   62   C  CA  . ASN A 1 26  ? 6.518   -19.673 -9.838  1.00 30.43 ? 1246 ASN A CA  1 
ATOM   63   C  C   . ASN A 1 26  ? 5.403   -18.946 -10.600 1.00 31.71 ? 1246 ASN A C   1 
ATOM   64   O  O   . ASN A 1 26  ? 5.488   -18.807 -11.823 1.00 32.87 ? 1246 ASN A O   1 
ATOM   65   C  CB  . ASN A 1 26  ? 6.902   -20.983 -10.551 1.00 30.29 ? 1246 ASN A CB  1 
ATOM   66   C  CG  . ASN A 1 26  ? 5.775   -22.002 -10.598 1.00 31.26 ? 1246 ASN A CG  1 
ATOM   67   O  OD1 . ASN A 1 26  ? 4.705   -21.814 -10.015 1.00 31.71 ? 1246 ASN A OD1 1 
ATOM   68   N  ND2 . ASN A 1 26  ? 6.030   -23.110 -11.287 1.00 32.13 ? 1246 ASN A ND2 1 
ATOM   69   N  N   . MET A 1 27  ? 4.368   -18.487 -9.895  1.00 32.35 ? 1247 MET A N   1 
ATOM   70   C  CA  . MET A 1 27  ? 3.288   -17.720 -10.520 1.00 33.97 ? 1247 MET A CA  1 
ATOM   71   C  C   . MET A 1 27  ? 3.795   -16.336 -10.911 1.00 34.81 ? 1247 MET A C   1 
ATOM   72   O  O   . MET A 1 27  ? 4.582   -15.731 -10.182 1.00 32.23 ? 1247 MET A O   1 
ATOM   73   C  CB  . MET A 1 27  ? 2.087   -17.592 -9.578  1.00 35.41 ? 1247 MET A CB  1 
ATOM   74   C  CG  . MET A 1 27  ? 1.401   -18.913 -9.269  1.00 36.39 ? 1247 MET A CG  1 
ATOM   75   S  SD  . MET A 1 27  ? 0.541   -19.601 -10.697 1.00 39.67 ? 1247 MET A SD  1 
ATOM   76   C  CE  . MET A 1 27  ? -0.874  -18.509 -10.789 1.00 39.37 ? 1247 MET A CE  1 
ATOM   77   N  N   . GLU A 1 28  ? 3.345   -15.850 -12.067 1.00 36.58 ? 1248 GLU A N   1 
ATOM   78   C  CA  . GLU A 1 28  ? 3.830   -14.581 -12.617 1.00 37.73 ? 1248 GLU A CA  1 
ATOM   79   C  C   . GLU A 1 28  ? 3.545   -13.430 -11.653 1.00 35.99 ? 1248 GLU A C   1 
ATOM   80   O  O   . GLU A 1 28  ? 2.416   -13.266 -11.186 1.00 36.35 ? 1248 GLU A O   1 
ATOM   81   C  CB  . GLU A 1 28  ? 3.191   -14.295 -13.985 1.00 40.59 ? 1248 GLU A CB  1 
ATOM   82   C  CG  . GLU A 1 28  ? 3.879   -13.201 -14.796 1.00 43.22 ? 1248 GLU A CG  1 
ATOM   83   C  CD  . GLU A 1 28  ? 5.274   -13.586 -15.266 1.00 45.84 ? 1248 GLU A CD  1 
ATOM   84   O  OE1 . GLU A 1 28  ? 6.183   -12.732 -15.193 1.00 48.28 ? 1248 GLU A OE1 1 
ATOM   85   O  OE2 . GLU A 1 28  ? 5.469   -14.738 -15.710 1.00 49.36 ? 1248 GLU A OE2 1 
ATOM   86   N  N   . GLY A 1 29  ? 4.587   -12.668 -11.329 1.00 34.30 ? 1249 GLY A N   1 
ATOM   87   C  CA  . GLY A 1 29  ? 4.477   -11.524 -10.430 1.00 33.22 ? 1249 GLY A CA  1 
ATOM   88   C  C   . GLY A 1 29  ? 4.582   -11.833 -8.943  1.00 31.96 ? 1249 GLY A C   1 
ATOM   89   O  O   . GLY A 1 29  ? 4.698   -10.907 -8.141  1.00 33.45 ? 1249 GLY A O   1 
ATOM   90   N  N   . CYS A 1 30  ? 4.550   -13.112 -8.561  1.00 30.45 ? 1250 CYS A N   1 
ATOM   91   C  CA  . CYS A 1 30  ? 4.582   -13.480 -7.141  1.00 28.54 ? 1250 CYS A CA  1 
ATOM   92   C  C   . CYS A 1 30  ? 6.014   -13.486 -6.619  1.00 27.80 ? 1250 CYS A C   1 
ATOM   93   O  O   . CYS A 1 30  ? 6.920   -13.981 -7.291  1.00 28.09 ? 1250 CYS A O   1 
ATOM   94   C  CB  . CYS A 1 30  ? 3.951   -14.850 -6.911  1.00 28.52 ? 1250 CYS A CB  1 
ATOM   95   S  SG  . CYS A 1 30  ? 3.621   -15.176 -5.156  1.00 27.43 ? 1250 CYS A SG  1 
ATOM   96   N  N   . THR A 1 31  ? 6.212   -12.941 -5.419  1.00 25.94 ? 1251 THR A N   1 
ATOM   97   C  CA  . THR A 1 31  ? 7.530   -12.885 -4.793  1.00 25.99 ? 1251 THR A CA  1 
ATOM   98   C  C   . THR A 1 31  ? 7.562   -13.658 -3.470  1.00 25.04 ? 1251 THR A C   1 
ATOM   99   O  O   . THR A 1 31  ? 8.496   -13.500 -2.686  1.00 25.77 ? 1251 THR A O   1 
ATOM   100  C  CB  . THR A 1 31  ? 7.969   -11.424 -4.553  1.00 26.82 ? 1251 THR A CB  1 
ATOM   101  O  OG1 . THR A 1 31  ? 7.067   -10.794 -3.639  1.00 27.23 ? 1251 THR A OG1 1 
ATOM   102  C  CG2 . THR A 1 31  ? 7.991   -10.642 -5.862  1.00 27.53 ? 1251 THR A CG2 1 
ATOM   103  N  N   . MET A 1 32  ? 6.566   -14.514 -3.240  1.00 24.70 ? 1252 MET A N   1 
ATOM   104  C  CA  . MET A 1 32  ? 6.462   -15.255 -1.984  1.00 25.38 ? 1252 MET A CA  1 
ATOM   105  C  C   . MET A 1 32  ? 7.279   -16.540 -2.000  1.00 25.38 ? 1252 MET A C   1 
ATOM   106  O  O   . MET A 1 32  ? 7.513   -17.129 -3.058  1.00 25.59 ? 1252 MET A O   1 
ATOM   107  C  CB  . MET A 1 32  ? 5.007   -15.571 -1.662  1.00 25.99 ? 1252 MET A CB  1 
ATOM   108  C  CG  . MET A 1 32  ? 4.177   -14.330 -1.384  1.00 27.09 ? 1252 MET A CG  1 
ATOM   109  S  SD  . MET A 1 32  ? 2.511   -14.772 -0.878  1.00 28.58 ? 1252 MET A SD  1 
ATOM   110  C  CE  . MET A 1 32  ? 1.754   -13.152 -0.782  1.00 29.59 ? 1252 MET A CE  1 
ATOM   111  N  N   . SER A 1 33  ? 7.716   -16.957 -0.815  1.00 24.73 ? 1253 SER A N   1 
ATOM   112  C  CA  . SER A 1 33  ? 8.421   -18.228 -0.636  1.00 25.72 ? 1253 SER A CA  1 
ATOM   113  C  C   . SER A 1 33  ? 8.006   -18.879 0.679   1.00 24.82 ? 1253 SER A C   1 
ATOM   114  O  O   . SER A 1 33  ? 7.436   -18.218 1.554   1.00 24.81 ? 1253 SER A O   1 
ATOM   115  C  CB  . SER A 1 33  ? 9.932   -18.026 -0.675  1.00 27.81 ? 1253 SER A CB  1 
ATOM   116  O  OG  . SER A 1 33  ? 10.369  -17.292 0.446   1.00 29.47 ? 1253 SER A OG  1 
ATOM   117  N  N   . PHE A 1 34  ? 8.294   -20.177 0.791   1.00 25.89 ? 1254 PHE A N   1 
ATOM   118  C  CA  . PHE A 1 34  ? 7.749   -21.038 1.851   1.00 26.14 ? 1254 PHE A CA  1 
ATOM   119  C  C   . PHE A 1 34  ? 8.799   -21.970 2.436   1.00 27.72 ? 1254 PHE A C   1 
ATOM   120  O  O   . PHE A 1 34  ? 9.769   -22.320 1.768   1.00 27.94 ? 1254 PHE A O   1 
ATOM   121  C  CB  . PHE A 1 34  ? 6.551   -21.822 1.291   1.00 25.74 ? 1254 PHE A CB  1 
ATOM   122  C  CG  . PHE A 1 34  ? 5.492   -20.917 0.757   1.00 24.56 ? 1254 PHE A CG  1 
ATOM   123  C  CD1 . PHE A 1 34  ? 4.518   -20.411 1.602   1.00 25.35 ? 1254 PHE A CD1 1 
ATOM   124  C  CD2 . PHE A 1 34  ? 5.546   -20.461 -0.556  1.00 25.25 ? 1254 PHE A CD2 1 
ATOM   125  C  CE1 . PHE A 1 34  ? 3.580   -19.510 1.136   1.00 25.27 ? 1254 PHE A CE1 1 
ATOM   126  C  CE2 . PHE A 1 34  ? 4.615   -19.554 -1.024  1.00 25.10 ? 1254 PHE A CE2 1 
ATOM   127  C  CZ  . PHE A 1 34  ? 3.632   -19.079 -0.174  1.00 24.91 ? 1254 PHE A CZ  1 
ATOM   128  N  N   . SER A 1 35  ? 8.582   -22.365 3.691   1.00 30.72 ? 1255 SER A N   1 
ATOM   129  C  CA  . SER A 1 35  ? 9.509   -23.231 4.423   1.00 32.55 ? 1255 SER A CA  1 
ATOM   130  C  C   . SER A 1 35  ? 9.501   -24.681 3.935   1.00 33.61 ? 1255 SER A C   1 
ATOM   131  O  O   . SER A 1 35  ? 10.469  -25.413 4.161   1.00 36.22 ? 1255 SER A O   1 
ATOM   132  C  CB  . SER A 1 35  ? 9.189   -23.197 5.921   1.00 33.48 ? 1255 SER A CB  1 
ATOM   133  O  OG  . SER A 1 35  ? 9.243   -21.872 6.426   1.00 35.81 ? 1255 SER A OG  1 
ATOM   134  N  N   . SER A 1 36  ? 8.420   -25.095 3.276   1.00 33.35 ? 1256 SER A N   1 
ATOM   135  C  CA  . SER A 1 36  ? 8.287   -26.464 2.781   1.00 33.67 ? 1256 SER A CA  1 
ATOM   136  C  C   . SER A 1 36  ? 7.525   -26.515 1.467   1.00 33.22 ? 1256 SER A C   1 
ATOM   137  O  O   . SER A 1 36  ? 6.781   -25.589 1.134   1.00 32.77 ? 1256 SER A O   1 
ATOM   138  C  CB  . SER A 1 36  ? 7.551   -27.306 3.818   1.00 33.76 ? 1256 SER A CB  1 
ATOM   139  O  OG  . SER A 1 36  ? 6.230   -26.823 4.011   1.00 34.16 ? 1256 SER A OG  1 
ATOM   140  N  N   . GLU A 1 37  ? 7.701   -27.611 0.733   1.00 32.94 ? 1257 GLU A N   1 
ATOM   141  C  CA  . GLU A 1 37  ? 6.934   -27.850 -0.490  1.00 32.77 ? 1257 GLU A CA  1 
ATOM   142  C  C   . GLU A 1 37  ? 5.438   -27.922 -0.190  1.00 31.35 ? 1257 GLU A C   1 
ATOM   143  O  O   . GLU A 1 37  ? 4.624   -27.464 -0.989  1.00 30.16 ? 1257 GLU A O   1 
ATOM   144  C  CB  . GLU A 1 37  ? 7.380   -29.135 -1.196  1.00 34.52 ? 1257 GLU A CB  1 
ATOM   145  C  CG  . GLU A 1 37  ? 6.786   -29.288 -2.589  1.00 35.80 ? 1257 GLU A CG  1 
ATOM   146  C  CD  . GLU A 1 37  ? 7.324   -30.481 -3.355  1.00 37.12 ? 1257 GLU A CD  1 
ATOM   147  O  OE1 . GLU A 1 37  ? 7.658   -31.511 -2.731  1.00 40.53 ? 1257 GLU A OE1 1 
ATOM   148  O  OE2 . GLU A 1 37  ? 7.395   -30.388 -4.595  1.00 37.67 ? 1257 GLU A OE2 1 
ATOM   149  N  N   . LYS A 1 38  ? 5.096   -28.507 0.958   1.00 31.12 ? 1258 LYS A N   1 
ATOM   150  C  CA  . LYS A 1 38  ? 3.718   -28.571 1.446   1.00 30.44 ? 1258 LYS A CA  1 
ATOM   151  C  C   . LYS A 1 38  ? 3.033   -27.210 1.420   1.00 28.73 ? 1258 LYS A C   1 
ATOM   152  O  O   . LYS A 1 38  ? 1.953   -27.062 0.851   1.00 28.25 ? 1258 LYS A O   1 
ATOM   153  C  CB  . LYS A 1 38  ? 3.705   -29.124 2.872   1.00 32.09 ? 1258 LYS A CB  1 
ATOM   154  C  CG  . LYS A 1 38  ? 2.329   -29.227 3.500   1.00 33.77 ? 1258 LYS A CG  1 
ATOM   155  C  CD  . LYS A 1 38  ? 2.420   -29.866 4.874   1.00 35.13 ? 1258 LYS A CD  1 
ATOM   156  C  CE  . LYS A 1 38  ? 1.113   -30.499 5.278   1.00 36.81 ? 1258 LYS A CE  1 
ATOM   157  N  NZ  . LYS A 1 38  ? 0.862   -31.789 4.577   1.00 37.06 ? 1258 LYS A NZ  1 
ATOM   158  N  N   . GLN A 1 39  ? 3.674   -26.217 2.026   1.00 27.90 ? 1259 GLN A N   1 
ATOM   159  C  CA  . GLN A 1 39  ? 3.087   -24.879 2.101   1.00 27.54 ? 1259 GLN A CA  1 
ATOM   160  C  C   . GLN A 1 39  ? 3.085   -24.165 0.748   1.00 26.04 ? 1259 GLN A C   1 
ATOM   161  O  O   . GLN A 1 39  ? 2.208   -23.342 0.488   1.00 25.30 ? 1259 GLN A O   1 
ATOM   162  C  CB  . GLN A 1 39  ? 3.775   -24.042 3.186   1.00 28.73 ? 1259 GLN A CB  1 
ATOM   163  C  CG  . GLN A 1 39  ? 3.585   -24.604 4.594   1.00 29.58 ? 1259 GLN A CG  1 
ATOM   164  C  CD  . GLN A 1 39  ? 2.129   -24.706 5.026   1.00 29.88 ? 1259 GLN A CD  1 
ATOM   165  O  OE1 . GLN A 1 39  ? 1.274   -23.932 4.585   1.00 31.26 ? 1259 GLN A OE1 1 
ATOM   166  N  NE2 . GLN A 1 39  ? 1.837   -25.673 5.892   1.00 32.41 ? 1259 GLN A NE2 1 
ATOM   167  N  N   . LEU A 1 40  ? 4.040   -24.494 -0.118  1.00 25.54 ? 1260 LEU A N   1 
ATOM   168  C  CA  . LEU A 1 40  ? 4.012   -24.010 -1.499  1.00 25.69 ? 1260 LEU A CA  1 
ATOM   169  C  C   . LEU A 1 40  ? 2.818   -24.597 -2.265  1.00 25.94 ? 1260 LEU A C   1 
ATOM   170  O  O   . LEU A 1 40  ? 2.159   -23.888 -3.018  1.00 25.54 ? 1260 LEU A O   1 
ATOM   171  C  CB  . LEU A 1 40  ? 5.318   -24.334 -2.228  1.00 26.59 ? 1260 LEU A CB  1 
ATOM   172  C  CG  . LEU A 1 40  ? 5.355   -23.960 -3.716  1.00 26.77 ? 1260 LEU A CG  1 
ATOM   173  C  CD1 . LEU A 1 40  ? 5.180   -22.461 -3.895  1.00 26.88 ? 1260 LEU A CD1 1 
ATOM   174  C  CD2 . LEU A 1 40  ? 6.629   -24.449 -4.384  1.00 27.94 ? 1260 LEU A CD2 1 
ATOM   175  N  N   . MET A 1 41  ? 2.559   -25.891 -2.087  1.00 26.01 ? 1261 MET A N   1 
ATOM   176  C  CA  . MET A 1 41  ? 1.407   -26.534 -2.737  1.00 26.58 ? 1261 MET A CA  1 
ATOM   177  C  C   . MET A 1 41  ? 0.078   -25.931 -2.277  1.00 25.38 ? 1261 MET A C   1 
ATOM   178  O  O   . MET A 1 41  ? -0.814  -25.679 -3.096  1.00 25.16 ? 1261 MET A O   1 
ATOM   179  C  CB  . MET A 1 41  ? 1.418   -28.045 -2.490  1.00 27.82 ? 1261 MET A CB  1 
ATOM   180  C  CG  . MET A 1 41  ? 2.525   -28.776 -3.230  1.00 29.00 ? 1261 MET A CG  1 
ATOM   181  S  SD  . MET A 1 41  ? 2.472   -30.563 -2.994  0.80 31.90 ? 1261 MET A SD  1 
ATOM   182  C  CE  . MET A 1 41  ? 3.270   -30.795 -1.416  1.00 32.00 ? 1261 MET A CE  1 
ATOM   183  N  N   . LEU A 1 42  ? -0.038  -25.676 -0.975  1.00 24.96 ? 1262 LEU A N   1 
ATOM   184  C  CA  . LEU A 1 42  ? -1.227  -25.024 -0.425  1.00 25.17 ? 1262 LEU A CA  1 
ATOM   185  C  C   . LEU A 1 42  ? -1.366  -23.595 -0.955  1.00 24.60 ? 1262 LEU A C   1 
ATOM   186  O  O   . LEU A 1 42  ? -2.472  -23.142 -1.260  1.00 24.69 ? 1262 LEU A O   1 
ATOM   187  C  CB  . LEU A 1 42  ? -1.204  -25.039 1.108   1.00 25.91 ? 1262 LEU A CB  1 
ATOM   188  C  CG  . LEU A 1 42  ? -1.262  -26.432 1.755   1.00 26.87 ? 1262 LEU A CG  1 
ATOM   189  C  CD1 . LEU A 1 42  ? -1.010  -26.344 3.252   1.00 27.74 ? 1262 LEU A CD1 1 
ATOM   190  C  CD2 . LEU A 1 42  ? -2.586  -27.126 1.469   1.00 26.77 ? 1262 LEU A CD2 1 
ATOM   191  N  N   . HIS A 1 43  ? -0.236  -22.901 -1.091  1.00 24.28 ? 1263 HIS A N   1 
ATOM   192  C  CA  . HIS A 1 43  ? -0.204  -21.575 -1.699  1.00 25.04 ? 1263 HIS A CA  1 
ATOM   193  C  C   . HIS A 1 43  ? -0.703  -21.576 -3.151  1.00 25.89 ? 1263 HIS A C   1 
ATOM   194  O  O   . HIS A 1 43  ? -1.447  -20.679 -3.545  1.00 26.14 ? 1263 HIS A O   1 
ATOM   195  C  CB  . HIS A 1 43  ? 1.216   -21.007 -1.629  1.00 24.70 ? 1263 HIS A CB  1 
ATOM   196  C  CG  . HIS A 1 43  ? 1.373   -19.689 -2.314  1.00 24.50 ? 1263 HIS A CG  1 
ATOM   197  N  ND1 . HIS A 1 43  ? 0.823   -18.528 -1.819  1.00 24.34 ? 1263 HIS A ND1 1 
ATOM   198  C  CD2 . HIS A 1 43  ? 2.034   -19.344 -3.445  1.00 24.89 ? 1263 HIS A CD2 1 
ATOM   199  C  CE1 . HIS A 1 43  ? 1.132   -17.523 -2.619  1.00 25.46 ? 1263 HIS A CE1 1 
ATOM   200  N  NE2 . HIS A 1 43  ? 1.858   -17.993 -3.617  1.00 24.85 ? 1263 HIS A NE2 1 
ATOM   201  N  N   . LYS A 1 44  ? -0.312  -22.582 -3.931  1.00 27.26 ? 1264 LYS A N   1 
ATOM   202  C  CA  . LYS A 1 44  ? -0.775  -22.708 -5.323  1.00 28.48 ? 1264 LYS A CA  1 
ATOM   203  C  C   . LYS A 1 44  ? -2.275  -23.033 -5.451  1.00 29.25 ? 1264 LYS A C   1 
ATOM   204  O  O   . LYS A 1 44  ? -2.857  -22.832 -6.521  1.00 30.20 ? 1264 LYS A O   1 
ATOM   205  C  CB  . LYS A 1 44  ? 0.079   -23.714 -6.095  1.00 29.87 ? 1264 LYS A CB  1 
ATOM   206  C  CG  . LYS A 1 44  ? 1.476   -23.189 -6.365  1.00 31.24 ? 1264 LYS A CG  1 
ATOM   207  C  CD  . LYS A 1 44  ? 2.360   -24.233 -7.009  1.00 33.21 ? 1264 LYS A CD  1 
ATOM   208  C  CE  . LYS A 1 44  ? 3.755   -23.679 -7.230  1.00 34.30 ? 1264 LYS A CE  1 
ATOM   209  N  NZ  . LYS A 1 44  ? 4.650   -24.650 -7.910  1.00 35.49 ? 1264 LYS A NZ  1 
ATOM   210  N  N   . ARG A 1 45  ? -2.877  -23.528 -4.363  1.00 28.13 ? 1265 ARG A N   1 
ATOM   211  C  CA  A ARG A 1 45  ? -4.334  -23.699 -4.257  0.70 28.29 ? 1265 ARG A CA  1 
ATOM   212  C  CA  B ARG A 1 45  ? -4.334  -23.702 -4.266  0.30 28.45 ? 1265 ARG A CA  1 
ATOM   213  C  C   . ARG A 1 45  ? -5.025  -22.451 -3.692  1.00 28.16 ? 1265 ARG A C   1 
ATOM   214  O  O   . ARG A 1 45  ? -6.201  -22.491 -3.309  1.00 27.87 ? 1265 ARG A O   1 
ATOM   215  C  CB  A ARG A 1 45  ? -4.653  -24.920 -3.393  0.70 28.18 ? 1265 ARG A CB  1 
ATOM   216  C  CB  B ARG A 1 45  ? -4.659  -24.958 -3.442  0.30 28.68 ? 1265 ARG A CB  1 
ATOM   217  C  CG  A ARG A 1 45  ? -4.323  -26.240 -4.071  0.70 28.52 ? 1265 ARG A CG  1 
ATOM   218  C  CG  B ARG A 1 45  ? -4.362  -26.241 -4.203  0.30 29.08 ? 1265 ARG A CG  1 
ATOM   219  C  CD  A ARG A 1 45  ? -4.408  -27.398 -3.105  0.70 28.30 ? 1265 ARG A CD  1 
ATOM   220  C  CD  B ARG A 1 45  ? -3.921  -27.390 -3.313  0.30 29.19 ? 1265 ARG A CD  1 
ATOM   221  N  NE  A ARG A 1 45  ? -5.701  -27.471 -2.425  0.70 28.08 ? 1265 ARG A NE  1 
ATOM   222  N  NE  B ARG A 1 45  ? -2.984  -28.250 -4.033  0.30 29.33 ? 1265 ARG A NE  1 
ATOM   223  C  CZ  A ARG A 1 45  ? -5.987  -28.300 -1.421  0.70 27.50 ? 1265 ARG A CZ  1 
ATOM   224  C  CZ  B ARG A 1 45  ? -2.723  -29.519 -3.736  0.30 29.11 ? 1265 ARG A CZ  1 
ATOM   225  N  NH1 A ARG A 1 45  ? -5.078  -29.163 -0.960  0.70 27.35 ? 1265 ARG A NH1 1 
ATOM   226  N  NH1 B ARG A 1 45  ? -3.340  -30.123 -2.729  0.30 28.97 ? 1265 ARG A NH1 1 
ATOM   227  N  NH2 A ARG A 1 45  ? -7.198  -28.263 -0.869  0.70 27.61 ? 1265 ARG A NH2 1 
ATOM   228  N  NH2 B ARG A 1 45  ? -1.849  -30.189 -4.470  0.30 28.80 ? 1265 ARG A NH2 1 
ATOM   229  N  N   . ASN A 1 46  ? -4.297  -21.330 -3.649  1.00 27.53 ? 1266 ASN A N   1 
ATOM   230  C  CA  . ASN A 1 46  ? -4.813  -20.033 -3.213  1.00 27.68 ? 1266 ASN A CA  1 
ATOM   231  C  C   . ASN A 1 46  ? -5.377  -20.022 -1.794  1.00 26.77 ? 1266 ASN A C   1 
ATOM   232  O  O   . ASN A 1 46  ? -6.365  -19.339 -1.509  1.00 27.70 ? 1266 ASN A O   1 
ATOM   233  C  CB  . ASN A 1 46  ? -5.821  -19.494 -4.241  1.00 28.68 ? 1266 ASN A CB  1 
ATOM   234  C  CG  . ASN A 1 46  ? -5.215  -19.355 -5.624  1.00 29.36 ? 1266 ASN A CG  1 
ATOM   235  O  OD1 . ASN A 1 46  ? -5.790  -19.801 -6.615  1.00 32.69 ? 1266 ASN A OD1 1 
ATOM   236  N  ND2 . ASN A 1 46  ? -4.036  -18.756 -5.693  1.00 29.08 ? 1266 ASN A ND2 1 
ATOM   237  N  N   . ILE A 1 47  ? -4.717  -20.764 -0.906  1.00 25.73 ? 1267 ILE A N   1 
ATOM   238  C  CA  . ILE A 1 47  ? -5.038  -20.779 0.515   1.00 25.72 ? 1267 ILE A CA  1 
ATOM   239  C  C   . ILE A 1 47  ? -4.142  -19.743 1.187   1.00 25.68 ? 1267 ILE A C   1 
ATOM   240  O  O   . ILE A 1 47  ? -2.933  -19.719 0.948   1.00 25.45 ? 1267 ILE A O   1 
ATOM   241  C  CB  . ILE A 1 47  ? -4.792  -22.165 1.147   1.00 25.91 ? 1267 ILE A CB  1 
ATOM   242  C  CG1 . ILE A 1 47  ? -5.667  -23.228 0.470   1.00 26.39 ? 1267 ILE A CG1 1 
ATOM   243  C  CG2 . ILE A 1 47  ? -5.072  -22.130 2.649   1.00 26.06 ? 1267 ILE A CG2 1 
ATOM   244  C  CD1 . ILE A 1 47  ? -5.184  -24.647 0.664   1.00 26.63 ? 1267 ILE A CD1 1 
ATOM   245  N  N   . CYS A 1 48  ? -4.740  -18.882 2.009   1.00 25.47 ? 1268 CYS A N   1 
ATOM   246  C  CA  . CYS A 1 48  ? -3.993  -17.841 2.726   1.00 26.48 ? 1268 CYS A CA  1 
ATOM   247  C  C   . CYS A 1 48  ? -2.757  -18.410 3.445   1.00 26.64 ? 1268 CYS A C   1 
ATOM   248  O  O   . CYS A 1 48  ? -2.851  -19.456 4.084   1.00 27.31 ? 1268 CYS A O   1 
ATOM   249  C  CB  . CYS A 1 48  ? -4.895  -17.159 3.749   1.00 27.31 ? 1268 CYS A CB  1 
ATOM   250  S  SG  . CYS A 1 48  ? -4.083  -15.809 4.630   1.00 28.54 ? 1268 CYS A SG  1 
ATOM   251  N  N   . PRO A 1 49  ? -1.600  -17.720 3.349   1.00 26.37 ? 1269 PRO A N   1 
ATOM   252  C  CA  . PRO A 1 49  ? -0.375  -18.221 3.990   1.00 26.45 ? 1269 PRO A CA  1 
ATOM   253  C  C   . PRO A 1 49  ? -0.300  -18.047 5.513   1.00 26.98 ? 1269 PRO A C   1 
ATOM   254  O  O   . PRO A 1 49  ? 0.643   -18.558 6.123   1.00 27.72 ? 1269 PRO A O   1 
ATOM   255  C  CB  . PRO A 1 49  ? 0.729   -17.383 3.330   1.00 26.46 ? 1269 PRO A CB  1 
ATOM   256  C  CG  . PRO A 1 49  ? 0.051   -16.110 2.971   1.00 26.45 ? 1269 PRO A CG  1 
ATOM   257  C  CD  . PRO A 1 49  ? -1.334  -16.506 2.553   1.00 26.59 ? 1269 PRO A CD  1 
ATOM   258  N  N   . ILE A 1 50  ? -1.255  -17.332 6.115   1.00 27.73 ? 1270 ILE A N   1 
ATOM   259  C  CA  . ILE A 1 50  ? -1.178  -16.952 7.529   1.00 28.45 ? 1270 ILE A CA  1 
ATOM   260  C  C   . ILE A 1 50  ? -1.823  -18.004 8.432   1.00 29.34 ? 1270 ILE A C   1 
ATOM   261  O  O   . ILE A 1 50  ? -2.943  -18.456 8.174   1.00 29.28 ? 1270 ILE A O   1 
ATOM   262  C  CB  . ILE A 1 50  ? -1.842  -15.569 7.765   1.00 28.62 ? 1270 ILE A CB  1 
ATOM   263  C  CG1 . ILE A 1 50  ? -1.172  -14.486 6.898   1.00 29.28 ? 1270 ILE A CG1 1 
ATOM   264  C  CG2 . ILE A 1 50  ? -1.825  -15.189 9.244   1.00 29.04 ? 1270 ILE A CG2 1 
ATOM   265  C  CD1 . ILE A 1 50  ? 0.317   -14.302 7.117   1.00 29.80 ? 1270 ILE A CD1 1 
ATOM   266  N  N   . LYS A 1 51  ? -1.114  -18.365 9.501   1.00 30.37 ? 1271 LYS A N   1 
ATOM   267  C  CA  . LYS A 1 51  ? -1.610  -19.329 10.491  1.00 31.38 ? 1271 LYS A CA  1 
ATOM   268  C  C   . LYS A 1 51  ? -2.958  -18.887 11.070  1.00 32.54 ? 1271 LYS A C   1 
ATOM   269  O  O   . LYS A 1 51  ? -3.126  -17.726 11.454  1.00 32.82 ? 1271 LYS A O   1 
ATOM   270  C  CB  . LYS A 1 51  ? -0.596  -19.502 11.630  1.00 31.46 ? 1271 LYS A CB  1 
ATOM   271  C  CG  . LYS A 1 51  ? 0.697   -20.193 11.231  1.00 31.66 ? 1271 LYS A CG  1 
ATOM   272  C  CD  . LYS A 1 51  ? 1.768   -20.036 12.301  1.00 31.76 ? 1271 LYS A CD  1 
ATOM   273  C  CE  . LYS A 1 51  ? 3.072   -20.696 11.885  1.00 32.64 ? 1271 LYS A CE  1 
ATOM   274  N  NZ  . LYS A 1 51  ? 4.171   -20.503 12.873  1.00 33.20 ? 1271 LYS A NZ  1 
ATOM   275  N  N   . GLY A 1 52  ? -3.918  -19.813 11.094  1.00 34.07 ? 1272 GLY A N   1 
ATOM   276  C  CA  . GLY A 1 52  ? -5.243  -19.567 11.670  1.00 34.33 ? 1272 GLY A CA  1 
ATOM   277  C  C   . GLY A 1 52  ? -6.306  -18.940 10.779  1.00 35.50 ? 1272 GLY A C   1 
ATOM   278  O  O   . GLY A 1 52  ? -7.471  -18.877 11.181  1.00 36.97 ? 1272 GLY A O   1 
ATOM   279  N  N   . CYS A 1 53  ? -5.935  -18.478 9.582   1.00 34.31 ? 1273 CYS A N   1 
ATOM   280  C  CA  . CYS A 1 53  ? -6.884  -17.788 8.703   1.00 33.89 ? 1273 CYS A CA  1 
ATOM   281  C  C   . CYS A 1 53  ? -7.782  -18.785 7.966   1.00 34.96 ? 1273 CYS A C   1 
ATOM   282  O  O   . CYS A 1 53  ? -8.995  -18.813 8.189   1.00 36.29 ? 1273 CYS A O   1 
ATOM   283  C  CB  . CYS A 1 53  ? -6.156  -16.874 7.710   1.00 33.14 ? 1273 CYS A CB  1 
ATOM   284  S  SG  . CYS A 1 53  ? -7.269  -16.018 6.578   1.00 33.29 ? 1273 CYS A SG  1 
ATOM   285  N  N   . GLY A 1 54  ? -7.183  -19.590 7.090   1.00 34.48 ? 1274 GLY A N   1 
ATOM   286  C  CA  . GLY A 1 54  ? -7.906  -20.631 6.354   1.00 33.89 ? 1274 GLY A CA  1 
ATOM   287  C  C   . GLY A 1 54  ? -8.713  -20.197 5.138   1.00 33.52 ? 1274 GLY A C   1 
ATOM   288  O  O   . GLY A 1 54  ? -9.319  -21.044 4.480   1.00 33.74 ? 1274 GLY A O   1 
ATOM   289  N  N   . LYS A 1 55  ? -8.726  -18.903 4.816   1.00 31.86 ? 1275 LYS A N   1 
ATOM   290  C  CA  . LYS A 1 55  ? -9.504  -18.414 3.676   1.00 31.77 ? 1275 LYS A CA  1 
ATOM   291  C  C   . LYS A 1 55  ? -8.879  -18.877 2.355   1.00 30.60 ? 1275 LYS A C   1 
ATOM   292  O  O   . LYS A 1 55  ? -7.657  -18.845 2.198   1.00 29.74 ? 1275 LYS A O   1 
ATOM   293  C  CB  . LYS A 1 55  ? -9.632  -16.889 3.715   1.00 33.06 ? 1275 LYS A CB  1 
ATOM   294  C  CG  . LYS A 1 55  ? -10.462 -16.375 4.881   1.00 34.35 ? 1275 LYS A CG  1 
ATOM   295  C  CD  . LYS A 1 55  ? -10.538 -14.858 4.865   1.00 35.84 ? 1275 LYS A CD  1 
ATOM   296  C  CE  . LYS A 1 55  ? -11.588 -14.322 5.825   1.00 37.54 ? 1275 LYS A CE  1 
ATOM   297  N  NZ  . LYS A 1 55  ? -11.259 -14.601 7.248   1.00 39.72 ? 1275 LYS A NZ  1 
ATOM   298  N  N   . ASN A 1 56  ? -9.729  -19.341 1.437   1.00 29.54 ? 1276 ASN A N   1 
ATOM   299  C  CA  . ASN A 1 56  ? -9.319  -19.764 0.093   1.00 29.39 ? 1276 ASN A CA  1 
ATOM   300  C  C   . ASN A 1 56  ? -9.850  -18.757 -0.920  1.00 29.88 ? 1276 ASN A C   1 
ATOM   301  O  O   . ASN A 1 56  ? -10.906 -18.154 -0.700  1.00 29.24 ? 1276 ASN A O   1 
ATOM   302  C  CB  . ASN A 1 56  ? -9.910  -21.133 -0.262  1.00 28.95 ? 1276 ASN A CB  1 
ATOM   303  C  CG  . ASN A 1 56  ? -9.282  -22.288 0.503   1.00 29.11 ? 1276 ASN A CG  1 
ATOM   304  O  OD1 . ASN A 1 56  ? -9.026  -23.345 -0.082  1.00 28.79 ? 1276 ASN A OD1 1 
ATOM   305  N  ND2 . ASN A 1 56  ? -9.075  -22.121 1.808   1.00 27.94 ? 1276 ASN A ND2 1 
ATOM   306  N  N   . PHE A 1 57  ? -9.145  -18.611 -2.041  1.00 29.87 ? 1277 PHE A N   1 
ATOM   307  C  CA  . PHE A 1 57  ? -9.491  -17.611 -3.063  1.00 30.48 ? 1277 PHE A CA  1 
ATOM   308  C  C   . PHE A 1 57  ? -9.549  -18.194 -4.470  1.00 30.45 ? 1277 PHE A C   1 
ATOM   309  O  O   . PHE A 1 57  ? -8.949  -19.227 -4.752  1.00 29.67 ? 1277 PHE A O   1 
ATOM   310  C  CB  . PHE A 1 57  ? -8.526  -16.426 -2.969  1.00 30.96 ? 1277 PHE A CB  1 
ATOM   311  C  CG  . PHE A 1 57  ? -8.647  -15.691 -1.673  1.00 30.98 ? 1277 PHE A CG  1 
ATOM   312  C  CD1 . PHE A 1 57  ? -9.575  -14.667 -1.532  1.00 31.65 ? 1277 PHE A CD1 1 
ATOM   313  C  CD2 . PHE A 1 57  ? -7.901  -16.081 -0.560  1.00 31.37 ? 1277 PHE A CD2 1 
ATOM   314  C  CE1 . PHE A 1 57  ? -9.728  -14.013 -0.323  1.00 31.72 ? 1277 PHE A CE1 1 
ATOM   315  C  CE2 . PHE A 1 57  ? -8.053  -15.433 0.654   1.00 31.39 ? 1277 PHE A CE2 1 
ATOM   316  C  CZ  . PHE A 1 57  ? -8.969  -14.398 0.772   1.00 31.82 ? 1277 PHE A CZ  1 
ATOM   317  N  N   . PHE A 1 58  ? -10.302 -17.527 -5.344  1.00 31.39 ? 1278 PHE A N   1 
ATOM   318  C  CA  . PHE A 1 58  ? -10.570 -18.025 -6.696  1.00 33.02 ? 1278 PHE A CA  1 
ATOM   319  C  C   . PHE A 1 58  ? -9.373  -17.865 -7.632  1.00 32.82 ? 1278 PHE A C   1 
ATOM   320  O  O   . PHE A 1 58  ? -9.217  -18.636 -8.581  1.00 34.05 ? 1278 PHE A O   1 
ATOM   321  C  CB  . PHE A 1 58  ? -11.799 -17.317 -7.285  1.00 34.18 ? 1278 PHE A CB  1 
ATOM   322  C  CG  . PHE A 1 58  ? -12.230 -17.857 -8.622  1.00 36.01 ? 1278 PHE A CG  1 
ATOM   323  C  CD1 . PHE A 1 58  ? -12.865 -19.091 -8.716  1.00 36.64 ? 1278 PHE A CD1 1 
ATOM   324  C  CD2 . PHE A 1 58  ? -11.992 -17.137 -9.791  1.00 37.11 ? 1278 PHE A CD2 1 
ATOM   325  C  CE1 . PHE A 1 58  ? -13.258 -19.596 -9.949  1.00 37.93 ? 1278 PHE A CE1 1 
ATOM   326  C  CE2 . PHE A 1 58  ? -12.385 -17.635 -11.025 1.00 37.72 ? 1278 PHE A CE2 1 
ATOM   327  C  CZ  . PHE A 1 58  ? -13.017 -18.867 -11.105 1.00 37.95 ? 1278 PHE A CZ  1 
ATOM   328  N  N   . SER A 1 59  ? -8.542  -16.859 -7.370  1.00 34.02 ? 1279 SER A N   1 
ATOM   329  C  CA  . SER A 1 59  ? -7.345  -16.622 -8.162  1.00 34.37 ? 1279 SER A CA  1 
ATOM   330  C  C   . SER A 1 59  ? -6.181  -16.222 -7.275  1.00 34.11 ? 1279 SER A C   1 
ATOM   331  O  O   . SER A 1 59  ? -6.345  -15.881 -6.103  1.00 32.37 ? 1279 SER A O   1 
ATOM   332  C  CB  . SER A 1 59  ? -7.596  -15.526 -9.204  1.00 34.85 ? 1279 SER A CB  1 
ATOM   333  O  OG  . SER A 1 59  ? -7.497  -14.235 -8.626  1.00 36.00 ? 1279 SER A OG  1 
ATOM   334  N  N   . HIS A 1 60  ? -5.008  -16.239 -7.883  1.00 35.08 ? 1280 HIS A N   1 
ATOM   335  C  CA  . HIS A 1 60  ? -3.780  -15.869 -7.209  1.00 36.07 ? 1280 HIS A CA  1 
ATOM   336  C  C   . HIS A 1 60  ? -3.714  -14.367 -6.889  1.00 37.06 ? 1280 HIS A C   1 
ATOM   337  O  O   . HIS A 1 60  ? -3.133  -13.981 -5.878  1.00 35.62 ? 1280 HIS A O   1 
ATOM   338  C  CB  . HIS A 1 60  ? -2.593  -16.306 -8.057  1.00 36.94 ? 1280 HIS A CB  1 
ATOM   339  C  CG  . HIS A 1 60  ? -1.319  -16.377 -7.293  1.00 38.95 ? 1280 HIS A CG  1 
ATOM   340  N  ND1 . HIS A 1 60  ? -0.507  -15.282 -7.126  1.00 41.87 ? 1280 HIS A ND1 1 
ATOM   341  C  CD2 . HIS A 1 60  ? -0.728  -17.397 -6.628  1.00 41.60 ? 1280 HIS A CD2 1 
ATOM   342  C  CE1 . HIS A 1 60  ? 0.539   -15.624 -6.403  1.00 41.75 ? 1280 HIS A CE1 1 
ATOM   343  N  NE2 . HIS A 1 60  ? 0.437   -16.904 -6.092  1.00 40.59 ? 1280 HIS A NE2 1 
ATOM   344  N  N   . LYS A 1 61  ? -4.322  -13.532 -7.734  1.00 38.34 ? 1281 LYS A N   1 
ATOM   345  C  CA  . LYS A 1 61  ? -4.399  -12.088 -7.475  1.00 39.91 ? 1281 LYS A CA  1 
ATOM   346  C  C   . LYS A 1 61  ? -5.208  -11.770 -6.210  1.00 39.67 ? 1281 LYS A C   1 
ATOM   347  O  O   . LYS A 1 61  ? -4.793  -10.935 -5.404  1.00 40.28 ? 1281 LYS A O   1 
ATOM   348  C  CB  . LYS A 1 61  ? -4.994  -11.346 -8.680  1.00 41.68 ? 1281 LYS A CB  1 
ATOM   349  C  CG  . LYS A 1 61  ? -4.758  -9.844  -8.649  1.00 43.31 ? 1281 LYS A CG  1 
ATOM   350  C  CD  . LYS A 1 61  ? -5.324  -9.149  -9.879  1.00 45.22 ? 1281 LYS A CD  1 
ATOM   351  C  CE  . LYS A 1 61  ? -6.837  -9.016  -9.810  1.00 46.44 ? 1281 LYS A CE  1 
ATOM   352  N  NZ  . LYS A 1 61  ? -7.365  -8.127  -10.884 1.00 47.55 ? 1281 LYS A NZ  1 
ATOM   353  N  N   . TYR A 1 62  ? -6.354  -12.436 -6.046  1.00 39.25 ? 1282 TYR A N   1 
ATOM   354  C  CA  . TYR A 1 62  ? -7.179  -12.298 -4.832  1.00 39.70 ? 1282 TYR A CA  1 
ATOM   355  C  C   . TYR A 1 62  ? -6.431  -12.713 -3.561  1.00 37.59 ? 1282 TYR A C   1 
ATOM   356  O  O   . TYR A 1 62  ? -6.562  -12.063 -2.520  1.00 38.45 ? 1282 TYR A O   1 
ATOM   357  C  CB  . TYR A 1 62  ? -8.470  -13.123 -4.942  1.00 41.29 ? 1282 TYR A CB  1 
ATOM   358  C  CG  . TYR A 1 62  ? -9.535  -12.533 -5.848  1.00 43.82 ? 1282 TYR A CG  1 
ATOM   359  C  CD1 . TYR A 1 62  ? -10.091 -11.283 -5.580  1.00 45.08 ? 1282 TYR A CD1 1 
ATOM   360  C  CD2 . TYR A 1 62  ? -10.018 -13.244 -6.949  1.00 44.64 ? 1282 TYR A CD2 1 
ATOM   361  C  CE1 . TYR A 1 62  ? -11.078 -10.745 -6.396  1.00 46.38 ? 1282 TYR A CE1 1 
ATOM   362  C  CE2 . TYR A 1 62  ? -11.006 -12.715 -7.771  1.00 46.13 ? 1282 TYR A CE2 1 
ATOM   363  C  CZ  . TYR A 1 62  ? -11.532 -11.467 -7.491  1.00 46.41 ? 1282 TYR A CZ  1 
ATOM   364  O  OH  . TYR A 1 62  ? -12.509 -10.941 -8.301  1.00 49.38 ? 1282 TYR A OH  1 
ATOM   365  N  N   . LEU A 1 63  ? -5.666  -13.799 -3.654  1.00 35.85 ? 1283 LEU A N   1 
ATOM   366  C  CA  . LEU A 1 63  ? -4.861  -14.301 -2.535  1.00 35.71 ? 1283 LEU A CA  1 
ATOM   367  C  C   . LEU A 1 63  ? -3.824  -13.277 -2.061  1.00 36.05 ? 1283 LEU A C   1 
ATOM   368  O  O   . LEU A 1 63  ? -3.722  -12.999 -0.864  1.00 35.79 ? 1283 LEU A O   1 
ATOM   369  C  CB  . LEU A 1 63  ? -4.147  -15.593 -2.942  1.00 35.23 ? 1283 LEU A CB  1 
ATOM   370  C  CG  . LEU A 1 63  ? -3.170  -16.216 -1.937  1.00 35.34 ? 1283 LEU A CG  1 
ATOM   371  C  CD1 . LEU A 1 63  ? -3.927  -16.807 -0.760  1.00 35.47 ? 1283 LEU A CD1 1 
ATOM   372  C  CD2 . LEU A 1 63  ? -2.287  -17.247 -2.628  1.00 36.11 ? 1283 LEU A CD2 1 
ATOM   373  N  N   . VAL A 1 64  ? -3.056  -12.741 -3.007  1.00 36.99 ? 1284 VAL A N   1 
ATOM   374  C  CA  . VAL A 1 64  ? -1.958  -11.809 -2.704  1.00 38.49 ? 1284 VAL A CA  1 
ATOM   375  C  C   . VAL A 1 64  ? -2.485  -10.510 -2.080  1.00 40.72 ? 1284 VAL A C   1 
ATOM   376  O  O   . VAL A 1 64  ? -1.908  -10.005 -1.112  1.00 40.09 ? 1284 VAL A O   1 
ATOM   377  C  CB  . VAL A 1 64  ? -1.100  -11.512 -3.965  1.00 39.19 ? 1284 VAL A CB  1 
ATOM   378  C  CG1 . VAL A 1 64  ? -0.106  -10.375 -3.726  1.00 39.40 ? 1284 VAL A CG1 1 
ATOM   379  C  CG2 . VAL A 1 64  ? -0.353  -12.766 -4.403  1.00 38.97 ? 1284 VAL A CG2 1 
ATOM   380  N  N   . GLN A 1 65  ? -3.577  -9.985  -2.629  1.00 42.57 ? 1285 GLN A N   1 
ATOM   381  C  CA  . GLN A 1 65  ? -4.235  -8.797  -2.072  1.00 44.06 ? 1285 GLN A CA  1 
ATOM   382  C  C   . GLN A 1 65  ? -4.723  -9.025  -0.639  1.00 43.02 ? 1285 GLN A C   1 
ATOM   383  O  O   . GLN A 1 65  ? -4.548  -8.158  0.221   1.00 43.63 ? 1285 GLN A O   1 
ATOM   384  C  CB  . GLN A 1 65  ? -5.405  -8.362  -2.958  1.00 45.93 ? 1285 GLN A CB  1 
ATOM   385  C  CG  . GLN A 1 65  ? -4.975  -7.776  -4.295  1.00 48.36 ? 1285 GLN A CG  1 
ATOM   386  C  CD  . GLN A 1 65  ? -6.135  -7.535  -5.247  1.00 50.28 ? 1285 GLN A CD  1 
ATOM   387  O  OE1 . GLN A 1 65  ? -7.305  -7.633  -4.869  1.00 52.52 ? 1285 GLN A OE1 1 
ATOM   388  N  NE2 . GLN A 1 65  ? -5.810  -7.212  -6.496  1.00 52.02 ? 1285 GLN A NE2 1 
ATOM   389  N  N   . HIS A 1 66  ? -5.318  -10.192 -0.389  1.00 41.18 ? 1286 HIS A N   1 
ATOM   390  C  CA  . HIS A 1 66  ? -5.810  -10.546 0.945   1.00 40.84 ? 1286 HIS A CA  1 
ATOM   391  C  C   . HIS A 1 66  ? -4.711  -10.620 2.012   1.00 41.86 ? 1286 HIS A C   1 
ATOM   392  O  O   . HIS A 1 66  ? -4.887  -10.099 3.116   1.00 42.26 ? 1286 HIS A O   1 
ATOM   393  C  CB  . HIS A 1 66  ? -6.563  -11.878 0.918   1.00 39.39 ? 1286 HIS A CB  1 
ATOM   394  C  CG  . HIS A 1 66  ? -6.917  -12.383 2.280   1.00 38.48 ? 1286 HIS A CG  1 
ATOM   395  N  ND1 . HIS A 1 66  ? -7.905  -11.812 3.050   1.00 37.56 ? 1286 HIS A ND1 1 
ATOM   396  C  CD2 . HIS A 1 66  ? -6.397  -13.391 3.019   1.00 37.13 ? 1286 HIS A CD2 1 
ATOM   397  C  CE1 . HIS A 1 66  ? -7.985  -12.449 4.203   1.00 37.78 ? 1286 HIS A CE1 1 
ATOM   398  N  NE2 . HIS A 1 66  ? -7.081  -13.413 4.210   1.00 37.78 ? 1286 HIS A NE2 1 
ATOM   399  N  N   . GLN A 1 67  ? -3.601  -11.285 1.686   1.00 42.66 ? 1287 GLN A N   1 
ATOM   400  C  CA  . GLN A 1 67  ? -2.469  -11.453 2.618   1.00 44.37 ? 1287 GLN A CA  1 
ATOM   401  C  C   . GLN A 1 67  ? -1.982  -10.119 3.206   1.00 44.89 ? 1287 GLN A C   1 
ATOM   402  O  O   . GLN A 1 67  ? -1.609  -10.061 4.378   1.00 45.17 ? 1287 GLN A O   1 
ATOM   403  C  CB  . GLN A 1 67  ? -1.315  -12.213 1.930   1.00 45.13 ? 1287 GLN A CB  1 
ATOM   404  C  CG  . GLN A 1 67  ? -0.004  -12.295 2.717   1.00 46.12 ? 1287 GLN A CG  1 
ATOM   405  C  CD  . GLN A 1 67  ? 0.952   -11.145 2.433   1.00 46.49 ? 1287 GLN A CD  1 
ATOM   406  O  OE1 . GLN A 1 67  ? 1.157   -10.759 1.280   1.00 48.69 ? 1287 GLN A OE1 1 
ATOM   407  N  NE2 . GLN A 1 67  ? 1.546   -10.593 3.488   1.00 47.05 ? 1287 GLN A NE2 1 
ATOM   408  N  N   . ARG A 1 68  ? -2.001  -9.063  2.390   1.00 45.87 ? 1288 ARG A N   1 
ATOM   409  C  CA  . ARG A 1 68  ? -1.632  -7.709  2.829   1.00 46.55 ? 1288 ARG A CA  1 
ATOM   410  C  C   . ARG A 1 68  ? -2.471  -7.174  3.998   1.00 46.86 ? 1288 ARG A C   1 
ATOM   411  O  O   . ARG A 1 68  ? -1.966  -6.399  4.812   1.00 47.60 ? 1288 ARG A O   1 
ATOM   412  C  CB  . ARG A 1 68  ? -1.724  -6.731  1.656   1.00 46.74 ? 1288 ARG A CB  1 
ATOM   413  N  N   . VAL A 1 69  ? -3.739  -7.586  4.077   1.00 46.27 ? 1289 VAL A N   1 
ATOM   414  C  CA  . VAL A 1 69  ? -4.630  -7.190  5.178   1.00 45.10 ? 1289 VAL A CA  1 
ATOM   415  C  C   . VAL A 1 69  ? -4.186  -7.706  6.554   1.00 44.33 ? 1289 VAL A C   1 
ATOM   416  O  O   . VAL A 1 69  ? -4.481  -7.077  7.574   1.00 45.65 ? 1289 VAL A O   1 
ATOM   417  C  CB  . VAL A 1 69  ? -6.081  -7.654  4.924   1.00 45.60 ? 1289 VAL A CB  1 
ATOM   418  N  N   . HIS A 1 70  ? -3.493  -8.844  6.587   1.00 41.70 ? 1290 HIS A N   1 
ATOM   419  C  CA  . HIS A 1 70  ? -2.907  -9.364  7.830   1.00 40.81 ? 1290 HIS A CA  1 
ATOM   420  C  C   . HIS A 1 70  ? -1.689  -8.565  8.307   1.00 40.63 ? 1290 HIS A C   1 
ATOM   421  O  O   . HIS A 1 70  ? -1.419  -8.511  9.509   1.00 41.90 ? 1290 HIS A O   1 
ATOM   422  C  CB  . HIS A 1 70  ? -2.498  -10.831 7.671   1.00 40.05 ? 1290 HIS A CB  1 
ATOM   423  C  CG  . HIS A 1 70  ? -3.655  -11.773 7.566   1.00 38.87 ? 1290 HIS A CG  1 
ATOM   424  N  ND1 . HIS A 1 70  ? -4.278  -12.308 8.671   1.00 39.30 ? 1290 HIS A ND1 1 
ATOM   425  C  CD2 . HIS A 1 70  ? -4.288  -12.292 6.489   1.00 39.65 ? 1290 HIS A CD2 1 
ATOM   426  C  CE1 . HIS A 1 70  ? -5.254  -13.107 8.280   1.00 39.61 ? 1290 HIS A CE1 1 
ATOM   427  N  NE2 . HIS A 1 70  ? -5.279  -13.117 6.960   1.00 37.90 ? 1290 HIS A NE2 1 
ATOM   428  N  N   . SER A 1 71  ? -0.950  -7.973  7.369   1.00 40.91 ? 1291 SER A N   1 
ATOM   429  C  CA  . SER A 1 71  ? 0.301   -7.283  7.688   1.00 41.05 ? 1291 SER A CA  1 
ATOM   430  C  C   . SER A 1 71  ? 0.068   -5.891  8.272   1.00 41.06 ? 1291 SER A C   1 
ATOM   431  O  O   . SER A 1 71  ? -0.647  -5.079  7.684   1.00 42.78 ? 1291 SER A O   1 
ATOM   432  C  CB  . SER A 1 71  ? 1.180   -7.164  6.440   1.00 41.36 ? 1291 SER A CB  1 
ATOM   433  O  OG  . SER A 1 71  ? 2.426   -6.560  6.754   1.00 41.06 ? 1291 SER A OG  1 
ATOM   434  N  N   . ASP A 1 72  ? 0.692   -5.630  9.420   1.00 40.33 ? 1292 ASP A N   1 
ATOM   435  C  CA  . ASP A 1 72  ? 0.785   -4.281  9.989   1.00 40.20 ? 1292 ASP A CA  1 
ATOM   436  C  C   . ASP A 1 72  ? 2.162   -3.647  9.717   1.00 37.73 ? 1292 ASP A C   1 
ATOM   437  O  O   . ASP A 1 72  ? 2.556   -2.698  10.397  1.00 38.00 ? 1292 ASP A O   1 
ATOM   438  C  CB  . ASP A 1 72  ? 0.451   -4.294  11.498  1.00 42.56 ? 1292 ASP A CB  1 
ATOM   439  C  CG  . ASP A 1 72  ? 1.449   -5.096  12.340  1.00 44.14 ? 1292 ASP A CG  1 
ATOM   440  O  OD1 . ASP A 1 72  ? 2.231   -5.898  11.782  1.00 45.99 ? 1292 ASP A OD1 1 
ATOM   441  O  OD2 . ASP A 1 72  ? 1.438   -4.929  13.579  1.00 46.29 ? 1292 ASP A OD2 1 
ATOM   442  N  N   . ASP A 1 73  ? 2.878   -4.159  8.709   1.00 34.62 ? 1293 ASP A N   1 
ATOM   443  C  CA  . ASP A 1 73  ? 4.228   -3.698  8.400   1.00 32.77 ? 1293 ASP A CA  1 
ATOM   444  C  C   . ASP A 1 73  ? 4.161   -2.342  7.702   1.00 32.08 ? 1293 ASP A C   1 
ATOM   445  O  O   . ASP A 1 73  ? 3.554   -2.210  6.634   1.00 31.30 ? 1293 ASP A O   1 
ATOM   446  C  CB  . ASP A 1 73  ? 4.950   -4.724  7.513   1.00 31.84 ? 1293 ASP A CB  1 
ATOM   447  C  CG  . ASP A 1 73  ? 6.433   -4.420  7.319   1.00 32.08 ? 1293 ASP A CG  1 
ATOM   448  O  OD1 . ASP A 1 73  ? 6.980   -3.496  7.969   1.00 30.12 ? 1293 ASP A OD1 1 
ATOM   449  O  OD2 . ASP A 1 73  ? 7.066   -5.140  6.513   1.00 30.34 ? 1293 ASP A OD2 1 
ATOM   450  N  N   . ARG A 1 74  ? 4.783   -1.347  8.332   1.00 31.21 ? 1294 ARG A N   1 
ATOM   451  C  CA  . ARG A 1 74  ? 4.910   0.001   7.794   1.00 31.80 ? 1294 ARG A CA  1 
ATOM   452  C  C   . ARG A 1 74  ? 6.405   0.329   7.802   1.00 29.85 ? 1294 ARG A C   1 
ATOM   453  O  O   . ARG A 1 74  ? 6.909   0.930   8.755   1.00 29.78 ? 1294 ARG A O   1 
ATOM   454  C  CB  . ARG A 1 74  ? 4.107   0.985   8.651   1.00 33.18 ? 1294 ARG A CB  1 
ATOM   455  C  CG  . ARG A 1 74  ? 2.616   0.685   8.667   1.00 35.47 ? 1294 ARG A CG  1 
ATOM   456  C  CD  . ARG A 1 74  ? 1.804   1.839   9.233   1.00 38.30 ? 1294 ARG A CD  1 
ATOM   457  N  NE  . ARG A 1 74  ? 2.180   2.166   10.609  1.00 41.55 ? 1294 ARG A NE  1 
ATOM   458  C  CZ  . ARG A 1 74  ? 1.810   1.487   11.701  1.00 44.31 ? 1294 ARG A CZ  1 
ATOM   459  N  NH1 . ARG A 1 74  ? 1.038   0.400   11.620  1.00 45.94 ? 1294 ARG A NH1 1 
ATOM   460  N  NH2 . ARG A 1 74  ? 2.226   1.898   12.899  1.00 45.47 ? 1294 ARG A NH2 1 
ATOM   461  N  N   . PRO A 1 75  ? 7.137   -0.102  6.749   1.00 28.77 ? 1295 PRO A N   1 
ATOM   462  C  CA  . PRO A 1 75  ? 8.604   -0.036  6.794   1.00 28.43 ? 1295 PRO A CA  1 
ATOM   463  C  C   . PRO A 1 75  ? 9.236   1.356   6.724   1.00 27.78 ? 1295 PRO A C   1 
ATOM   464  O  O   . PRO A 1 75  ? 10.393  1.508   7.117   1.00 28.01 ? 1295 PRO A O   1 
ATOM   465  C  CB  . PRO A 1 75  ? 9.038   -0.841  5.556   1.00 28.56 ? 1295 PRO A CB  1 
ATOM   466  C  CG  . PRO A 1 75  ? 7.833   -1.583  5.107   1.00 28.68 ? 1295 PRO A CG  1 
ATOM   467  C  CD  . PRO A 1 75  ? 6.667   -0.745  5.508   1.00 28.65 ? 1295 PRO A CD  1 
ATOM   468  N  N   . LEU A 1 76  ? 8.497   2.341   6.217   1.00 28.47 ? 1296 LEU A N   1 
ATOM   469  C  CA  . LEU A 1 76  ? 9.060   3.651   5.887   1.00 28.49 ? 1296 LEU A CA  1 
ATOM   470  C  C   . LEU A 1 76  ? 8.800   4.658   7.005   1.00 28.48 ? 1296 LEU A C   1 
ATOM   471  O  O   . LEU A 1 76  ? 7.657   5.066   7.217   1.00 29.75 ? 1296 LEU A O   1 
ATOM   472  C  CB  . LEU A 1 76  ? 8.457   4.146   4.571   1.00 28.38 ? 1296 LEU A CB  1 
ATOM   473  C  CG  . LEU A 1 76  ? 8.621   3.207   3.365   1.00 28.84 ? 1296 LEU A CG  1 
ATOM   474  C  CD1 . LEU A 1 76  ? 7.936   3.802   2.148   1.00 29.22 ? 1296 LEU A CD1 1 
ATOM   475  C  CD2 . LEU A 1 76  ? 10.088  2.915   3.082   1.00 29.02 ? 1296 LEU A CD2 1 
ATOM   476  N  N   . LYS A 1 77  ? 9.866   5.050   7.705   1.00 28.89 ? 1297 LYS A N   1 
ATOM   477  C  CA  . LYS A 1 77  ? 9.771   5.979   8.837   1.00 30.00 ? 1297 LYS A CA  1 
ATOM   478  C  C   . LYS A 1 77  ? 9.776   7.415   8.342   1.00 28.06 ? 1297 LYS A C   1 
ATOM   479  O  O   . LYS A 1 77  ? 10.463  7.744   7.378   1.00 27.84 ? 1297 LYS A O   1 
ATOM   480  C  CB  . LYS A 1 77  ? 10.943  5.790   9.806   1.00 32.12 ? 1297 LYS A CB  1 
ATOM   481  C  CG  . LYS A 1 77  ? 10.921  4.482   10.582  1.00 35.22 ? 1297 LYS A CG  1 
ATOM   482  C  CD  . LYS A 1 77  ? 12.002  4.458   11.654  1.00 37.22 ? 1297 LYS A CD  1 
ATOM   483  C  CE  . LYS A 1 77  ? 11.762  3.352   12.670  1.00 39.01 ? 1297 LYS A CE  1 
ATOM   484  N  NZ  . LYS A 1 77  ? 11.819  1.994   12.063  1.00 40.77 ? 1297 LYS A NZ  1 
ATOM   485  N  N   . CYS A 1 78  ? 9.014   8.270   9.014   1.00 27.62 ? 1298 CYS A N   1 
ATOM   486  C  CA  . CYS A 1 78  ? 9.062   9.700   8.741   1.00 27.24 ? 1298 CYS A CA  1 
ATOM   487  C  C   . CYS A 1 78  ? 10.455  10.231  9.095   1.00 27.01 ? 1298 CYS A C   1 
ATOM   488  O  O   . CYS A 1 78  ? 10.976  9.906   10.164  1.00 27.67 ? 1298 CYS A O   1 
ATOM   489  C  CB  . CYS A 1 78  ? 8.008   10.440  9.557   1.00 27.14 ? 1298 CYS A CB  1 
ATOM   490  S  SG  . CYS A 1 78  ? 7.985   12.218  9.226   1.00 27.55 ? 1298 CYS A SG  1 
ATOM   491  N  N   . PRO A 1 79  ? 11.060  11.041  8.204   1.00 26.74 ? 1299 PRO A N   1 
ATOM   492  C  CA  . PRO A 1 79  ? 12.397  11.574  8.465   1.00 27.19 ? 1299 PRO A CA  1 
ATOM   493  C  C   . PRO A 1 79  ? 12.435  12.810  9.372   1.00 27.32 ? 1299 PRO A C   1 
ATOM   494  O  O   . PRO A 1 79  ? 13.527  13.268  9.697   1.00 28.34 ? 1299 PRO A O   1 
ATOM   495  C  CB  . PRO A 1 79  ? 12.890  11.944  7.067   1.00 27.38 ? 1299 PRO A CB  1 
ATOM   496  C  CG  . PRO A 1 79  ? 11.652  12.355  6.356   1.00 27.55 ? 1299 PRO A CG  1 
ATOM   497  C  CD  . PRO A 1 79  ? 10.583  11.424  6.858   1.00 27.08 ? 1299 PRO A CD  1 
ATOM   498  N  N   . TRP A 1 80  ? 11.275  13.334  9.771   1.00 26.92 ? 1300 TRP A N   1 
ATOM   499  C  CA  . TRP A 1 80  ? 11.192  14.559  10.580  1.00 27.56 ? 1300 TRP A CA  1 
ATOM   500  C  C   . TRP A 1 80  ? 11.487  14.216  12.040  1.00 28.01 ? 1300 TRP A C   1 
ATOM   501  O  O   . TRP A 1 80  ? 10.748  13.444  12.649  1.00 27.73 ? 1300 TRP A O   1 
ATOM   502  C  CB  . TRP A 1 80  ? 9.788   15.164  10.449  1.00 27.21 ? 1300 TRP A CB  1 
ATOM   503  C  CG  . TRP A 1 80  ? 9.694   16.654  10.595  1.00 27.06 ? 1300 TRP A CG  1 
ATOM   504  C  CD1 . TRP A 1 80  ? 9.174   17.341  11.649  1.00 27.33 ? 1300 TRP A CD1 1 
ATOM   505  C  CD2 . TRP A 1 80  ? 10.077  17.636  9.624   1.00 26.64 ? 1300 TRP A CD2 1 
ATOM   506  N  NE1 . TRP A 1 80  ? 9.228   18.696  11.407  1.00 27.27 ? 1300 TRP A NE1 1 
ATOM   507  C  CE2 . TRP A 1 80  ? 9.790   18.903  10.176  1.00 26.55 ? 1300 TRP A CE2 1 
ATOM   508  C  CE3 . TRP A 1 80  ? 10.651  17.568  8.348   1.00 26.91 ? 1300 TRP A CE3 1 
ATOM   509  C  CZ2 . TRP A 1 80  ? 10.041  20.095  9.485   1.00 26.86 ? 1300 TRP A CZ2 1 
ATOM   510  C  CZ3 . TRP A 1 80  ? 10.906  18.748  7.668   1.00 26.76 ? 1300 TRP A CZ3 1 
ATOM   511  C  CH2 . TRP A 1 80  ? 10.599  19.995  8.236   1.00 26.55 ? 1300 TRP A CH2 1 
ATOM   512  N  N   . LYS A 1 81  ? 12.558  14.780  12.599  1.00 28.88 ? 1301 LYS A N   1 
ATOM   513  C  CA  . LYS A 1 81  ? 12.932  14.498  13.992  1.00 30.06 ? 1301 LYS A CA  1 
ATOM   514  C  C   . LYS A 1 81  ? 11.758  14.767  14.930  1.00 29.82 ? 1301 LYS A C   1 
ATOM   515  O  O   . LYS A 1 81  ? 11.063  15.774  14.784  1.00 29.38 ? 1301 LYS A O   1 
ATOM   516  C  CB  . LYS A 1 81  ? 14.129  15.344  14.431  1.00 30.95 ? 1301 LYS A CB  1 
ATOM   517  C  CG  . LYS A 1 81  ? 15.448  14.965  13.781  1.00 32.06 ? 1301 LYS A CG  1 
ATOM   518  C  CD  . LYS A 1 81  ? 16.496  16.056  13.961  1.00 33.77 ? 1301 LYS A CD  1 
ATOM   519  C  CE  . LYS A 1 81  ? 16.910  16.229  15.413  1.00 35.39 ? 1301 LYS A CE  1 
ATOM   520  N  NZ  . LYS A 1 81  ? 17.910  17.321  15.578  1.00 36.30 ? 1301 LYS A NZ  1 
ATOM   521  N  N   . GLY A 1 82  ? 11.543  13.855  15.879  1.00 30.96 ? 1302 GLY A N   1 
ATOM   522  C  CA  . GLY A 1 82  ? 10.411  13.922  16.805  1.00 31.34 ? 1302 GLY A CA  1 
ATOM   523  C  C   . GLY A 1 82  ? 9.160   13.175  16.373  1.00 31.66 ? 1302 GLY A C   1 
ATOM   524  O  O   . GLY A 1 82  ? 8.290   12.905  17.204  1.00 32.81 ? 1302 GLY A O   1 
ATOM   525  N  N   . CYS A 1 83  ? 9.057   12.838  15.085  1.00 30.98 ? 1303 CYS A N   1 
ATOM   526  C  CA  . CYS A 1 83  ? 7.885   12.166  14.550  1.00 30.73 ? 1303 CYS A CA  1 
ATOM   527  C  C   . CYS A 1 83  ? 8.128   10.665  14.523  1.00 31.57 ? 1303 CYS A C   1 
ATOM   528  O  O   . CYS A 1 83  ? 9.150   10.213  14.013  1.00 32.44 ? 1303 CYS A O   1 
ATOM   529  C  CB  . CYS A 1 83  ? 7.585   12.664  13.140  1.00 29.65 ? 1303 CYS A CB  1 
ATOM   530  S  SG  . CYS A 1 83  ? 6.033   12.028  12.489  1.00 28.96 ? 1303 CYS A SG  1 
ATOM   531  N  N   . LYS A 1 84  ? 7.174   9.907   15.060  1.00 34.14 ? 1304 LYS A N   1 
ATOM   532  C  CA  . LYS A 1 84  ? 7.277   8.450   15.149  1.00 35.41 ? 1304 LYS A CA  1 
ATOM   533  C  C   . LYS A 1 84  ? 6.359   7.738   14.149  1.00 34.85 ? 1304 LYS A C   1 
ATOM   534  O  O   . LYS A 1 84  ? 6.200   6.517   14.221  1.00 34.71 ? 1304 LYS A O   1 
ATOM   535  C  CB  . LYS A 1 84  ? 6.963   7.999   16.582  1.00 38.53 ? 1304 LYS A CB  1 
ATOM   536  C  CG  . LYS A 1 84  ? 7.852   8.651   17.629  1.00 40.86 ? 1304 LYS A CG  1 
ATOM   537  C  CD  . LYS A 1 84  ? 7.743   7.970   18.986  1.00 42.80 ? 1304 LYS A CD  1 
ATOM   538  C  CE  . LYS A 1 84  ? 8.712   8.588   19.982  1.00 44.05 ? 1304 LYS A CE  1 
ATOM   539  N  NZ  . LYS A 1 84  ? 8.780   7.831   21.263  1.00 45.35 ? 1304 LYS A NZ  1 
ATOM   540  N  N   . MET A 1 85  ? 5.779   8.483   13.205  1.00 32.76 ? 1305 MET A N   1 
ATOM   541  C  CA  . MET A 1 85  ? 4.847   7.900   12.238  1.00 33.28 ? 1305 MET A CA  1 
ATOM   542  C  C   . MET A 1 85  ? 5.585   7.060   11.204  1.00 31.42 ? 1305 MET A C   1 
ATOM   543  O  O   . MET A 1 85  ? 6.715   7.364   10.832  1.00 29.60 ? 1305 MET A O   1 
ATOM   544  C  CB  . MET A 1 85  ? 4.015   8.982   11.548  1.00 36.16 ? 1305 MET A CB  1 
ATOM   545  C  CG  . MET A 1 85  ? 3.096   9.724   12.506  1.00 39.27 ? 1305 MET A CG  1 
ATOM   546  S  SD  . MET A 1 85  ? 1.677   10.488  11.704  1.00 45.81 ? 1305 MET A SD  1 
ATOM   547  C  CE  . MET A 1 85  ? 0.711   9.046   11.261  1.00 44.27 ? 1305 MET A CE  1 
ATOM   548  N  N   . THR A 1 86  ? 4.919   5.998   10.760  1.00 30.63 ? 1306 THR A N   1 
ATOM   549  C  CA  . THR A 1 86  ? 5.476   5.035   9.812   1.00 30.00 ? 1306 THR A CA  1 
ATOM   550  C  C   . THR A 1 86  ? 4.466   4.768   8.706   1.00 29.27 ? 1306 THR A C   1 
ATOM   551  O  O   . THR A 1 86  ? 3.261   4.977   8.891   1.00 28.54 ? 1306 THR A O   1 
ATOM   552  C  CB  . THR A 1 86  ? 5.833   3.712   10.515  1.00 30.88 ? 1306 THR A CB  1 
ATOM   553  O  OG1 . THR A 1 86  ? 4.703   3.243   11.259  1.00 31.67 ? 1306 THR A OG1 1 
ATOM   554  C  CG2 . THR A 1 86  ? 7.011   3.909   11.453  1.00 31.31 ? 1306 THR A CG2 1 
ATOM   555  N  N   . PHE A 1 87  ? 4.964   4.318   7.552   1.00 28.41 ? 1307 PHE A N   1 
ATOM   556  C  CA  . PHE A 1 87  ? 4.143   4.188   6.344   1.00 29.33 ? 1307 PHE A CA  1 
ATOM   557  C  C   . PHE A 1 87  ? 4.454   2.934   5.548   1.00 30.00 ? 1307 PHE A C   1 
ATOM   558  O  O   . PHE A 1 87  ? 5.583   2.448   5.541   1.00 29.53 ? 1307 PHE A O   1 
ATOM   559  C  CB  . PHE A 1 87  ? 4.320   5.431   5.468   1.00 29.55 ? 1307 PHE A CB  1 
ATOM   560  C  CG  . PHE A 1 87  ? 3.981   6.689   6.196   1.00 30.21 ? 1307 PHE A CG  1 
ATOM   561  C  CD1 . PHE A 1 87  ? 2.662   7.101   6.290   1.00 30.85 ? 1307 PHE A CD1 1 
ATOM   562  C  CD2 . PHE A 1 87  ? 4.965   7.402   6.875   1.00 30.85 ? 1307 PHE A CD2 1 
ATOM   563  C  CE1 . PHE A 1 87  ? 2.327   8.237   7.007   1.00 31.35 ? 1307 PHE A CE1 1 
ATOM   564  C  CE2 . PHE A 1 87  ? 4.635   8.537   7.596   1.00 30.73 ? 1307 PHE A CE2 1 
ATOM   565  C  CZ  . PHE A 1 87  ? 3.315   8.950   7.658   1.00 30.65 ? 1307 PHE A CZ  1 
ATOM   566  N  N   . LYS A 1 88  ? 3.418   2.423   4.888   1.00 31.87 ? 1308 LYS A N   1 
ATOM   567  C  CA  . LYS A 1 88  ? 3.535   1.275   3.997   1.00 33.22 ? 1308 LYS A CA  1 
ATOM   568  C  C   . LYS A 1 88  ? 4.126   1.667   2.643   1.00 34.79 ? 1308 LYS A C   1 
ATOM   569  O  O   . LYS A 1 88  ? 4.974   0.943   2.116   1.00 36.05 ? 1308 LYS A O   1 
ATOM   570  C  CB  . LYS A 1 88  ? 2.162   0.633   3.789   1.00 33.20 ? 1308 LYS A CB  1 
ATOM   571  N  N   . TRP A 1 89  ? 3.683   2.810   2.102   1.00 36.14 ? 1309 TRP A N   1 
ATOM   572  C  CA  A TRP A 1 89  ? 4.058   3.260   0.755   0.50 37.43 ? 1309 TRP A CA  1 
ATOM   573  C  CA  B TRP A 1 89  ? 4.071   3.252   0.758   0.50 37.24 ? 1309 TRP A CA  1 
ATOM   574  C  C   . TRP A 1 89  ? 4.779   4.605   0.789   1.00 37.35 ? 1309 TRP A C   1 
ATOM   575  O  O   . TRP A 1 89  ? 4.493   5.452   1.644   1.00 36.05 ? 1309 TRP A O   1 
ATOM   576  C  CB  A TRP A 1 89  ? 2.815   3.381   -0.128  0.50 39.05 ? 1309 TRP A CB  1 
ATOM   577  C  CB  B TRP A 1 89  ? 2.838   3.325   -0.146  0.50 38.57 ? 1309 TRP A CB  1 
ATOM   578  C  CG  A TRP A 1 89  ? 2.020   2.115   -0.238  0.50 40.63 ? 1309 TRP A CG  1 
ATOM   579  C  CG  B TRP A 1 89  ? 1.986   2.090   -0.078  0.50 39.82 ? 1309 TRP A CG  1 
ATOM   580  C  CD1 A TRP A 1 89  ? 2.378   0.977   -0.902  0.50 41.54 ? 1309 TRP A CD1 1 
ATOM   581  C  CD1 B TRP A 1 89  ? 0.702   2.005   0.376   0.50 40.55 ? 1309 TRP A CD1 1 
ATOM   582  C  CD2 A TRP A 1 89  ? 0.727   1.860   0.324   0.50 41.80 ? 1309 TRP A CD2 1 
ATOM   583  C  CD2 B TRP A 1 89  ? 2.370   0.761   -0.450  0.50 40.76 ? 1309 TRP A CD2 1 
ATOM   584  N  NE1 A TRP A 1 89  ? 1.391   0.029   -0.783  0.50 41.95 ? 1309 TRP A NE1 1 
ATOM   585  N  NE1 B TRP A 1 89  ? 0.259   0.707   0.296   0.50 41.10 ? 1309 TRP A NE1 1 
ATOM   586  C  CE2 A TRP A 1 89  ? 0.367   0.546   -0.035  0.50 42.11 ? 1309 TRP A CE2 1 
ATOM   587  C  CE2 B TRP A 1 89  ? 1.263   -0.076  -0.207  0.50 40.96 ? 1309 TRP A CE2 1 
ATOM   588  C  CE3 A TRP A 1 89  ? -0.159  2.614   1.101   0.50 42.14 ? 1309 TRP A CE3 1 
ATOM   589  C  CE3 B TRP A 1 89  ? 3.539   0.199   -0.973  0.50 40.82 ? 1309 TRP A CE3 1 
ATOM   590  C  CZ2 A TRP A 1 89  ? -0.842  -0.029  0.353   0.50 42.39 ? 1309 TRP A CZ2 1 
ATOM   591  C  CZ2 B TRP A 1 89  ? 1.292   -1.446  -0.468  0.50 41.50 ? 1309 TRP A CZ2 1 
ATOM   592  C  CZ3 A TRP A 1 89  ? -1.358  2.041   1.484   0.50 42.35 ? 1309 TRP A CZ3 1 
ATOM   593  C  CZ3 B TRP A 1 89  ? 3.564   -1.161  -1.232  0.50 41.28 ? 1309 TRP A CZ3 1 
ATOM   594  C  CH2 A TRP A 1 89  ? -1.689  0.732   1.110   0.50 42.36 ? 1309 TRP A CH2 1 
ATOM   595  C  CH2 B TRP A 1 89  ? 2.448   -1.967  -0.979  0.50 41.33 ? 1309 TRP A CH2 1 
ATOM   596  N  N   . ALA A 1 90  ? 5.700   4.799   -0.154  1.00 36.31 ? 1310 ALA A N   1 
ATOM   597  C  CA  . ALA A 1 90  ? 6.491   6.030   -0.254  1.00 35.74 ? 1310 ALA A CA  1 
ATOM   598  C  C   . ALA A 1 90  ? 5.633   7.268   -0.517  1.00 35.76 ? 1310 ALA A C   1 
ATOM   599  O  O   . ALA A 1 90  ? 5.911   8.331   0.038   1.00 33.47 ? 1310 ALA A O   1 
ATOM   600  C  CB  . ALA A 1 90  ? 7.556   5.891   -1.332  1.00 36.30 ? 1310 ALA A CB  1 
ATOM   601  N  N   . TRP A 1 91  ? 4.601   7.134   -1.355  1.00 36.11 ? 1311 TRP A N   1 
ATOM   602  C  CA  . TRP A 1 91  ? 3.700   8.261   -1.646  1.00 36.34 ? 1311 TRP A CA  1 
ATOM   603  C  C   . TRP A 1 91  ? 2.965   8.757   -0.391  1.00 35.34 ? 1311 TRP A C   1 
ATOM   604  O  O   . TRP A 1 91  ? 2.806   9.965   -0.208  1.00 34.50 ? 1311 TRP A O   1 
ATOM   605  C  CB  . TRP A 1 91  ? 2.709   7.932   -2.783  1.00 37.97 ? 1311 TRP A CB  1 
ATOM   606  C  CG  . TRP A 1 91  ? 1.664   6.899   -2.463  1.00 38.91 ? 1311 TRP A CG  1 
ATOM   607  C  CD1 . TRP A 1 91  ? 1.710   5.564   -2.759  1.00 39.60 ? 1311 TRP A CD1 1 
ATOM   608  C  CD2 . TRP A 1 91  ? 0.406   7.120   -1.810  1.00 39.93 ? 1311 TRP A CD2 1 
ATOM   609  N  NE1 . TRP A 1 91  ? 0.569   4.941   -2.317  1.00 39.74 ? 1311 TRP A NE1 1 
ATOM   610  C  CE2 . TRP A 1 91  ? -0.249  5.871   -1.732  1.00 40.42 ? 1311 TRP A CE2 1 
ATOM   611  C  CE3 . TRP A 1 91  ? -0.225  8.251   -1.272  1.00 40.98 ? 1311 TRP A CE3 1 
ATOM   612  C  CZ2 . TRP A 1 91  ? -1.510  5.719   -1.137  1.00 41.56 ? 1311 TRP A CZ2 1 
ATOM   613  C  CZ3 . TRP A 1 91  ? -1.480  8.103   -0.678  1.00 41.26 ? 1311 TRP A CZ3 1 
ATOM   614  C  CH2 . TRP A 1 91  ? -2.109  6.841   -0.619  1.00 41.57 ? 1311 TRP A CH2 1 
ATOM   615  N  N   . SER A 1 92  ? 2.535   7.825   0.462   1.00 33.74 ? 1312 SER A N   1 
ATOM   616  C  CA  . SER A 1 92  ? 1.875   8.158   1.728   1.00 33.55 ? 1312 SER A CA  1 
ATOM   617  C  C   . SER A 1 92  ? 2.816   8.910   2.666   1.00 31.53 ? 1312 SER A C   1 
ATOM   618  O  O   . SER A 1 92  ? 2.407   9.878   3.318   1.00 31.58 ? 1312 SER A O   1 
ATOM   619  C  CB  . SER A 1 92  ? 1.364   6.893   2.424   1.00 35.00 ? 1312 SER A CB  1 
ATOM   620  O  OG  . SER A 1 92  ? 0.442   6.195   1.607   1.00 37.73 ? 1312 SER A OG  1 
ATOM   621  N  N   . ARG A 1 93  ? 4.069   8.462   2.738   1.00 30.07 ? 1313 ARG A N   1 
ATOM   622  C  CA  . ARG A 1 93  ? 5.076   9.150   3.555   1.00 29.04 ? 1313 ARG A CA  1 
ATOM   623  C  C   . ARG A 1 93  ? 5.348   10.547  3.006   1.00 29.51 ? 1313 ARG A C   1 
ATOM   624  O  O   . ARG A 1 93  ? 5.397   11.509  3.769   1.00 28.33 ? 1313 ARG A O   1 
ATOM   625  C  CB  . ARG A 1 93  ? 6.386   8.357   3.632   1.00 28.86 ? 1313 ARG A CB  1 
ATOM   626  C  CG  . ARG A 1 93  ? 7.498   9.099   4.365   1.00 28.93 ? 1313 ARG A CG  1 
ATOM   627  C  CD  . ARG A 1 93  ? 8.677   8.215   4.714   1.00 28.79 ? 1313 ARG A CD  1 
ATOM   628  N  NE  . ARG A 1 93  ? 9.405   7.751   3.534   1.00 28.94 ? 1313 ARG A NE  1 
ATOM   629  C  CZ  . ARG A 1 93  ? 10.533  7.039   3.565   1.00 28.90 ? 1313 ARG A CZ  1 
ATOM   630  N  NH1 . ARG A 1 93  ? 11.091  6.685   4.721   1.00 29.53 ? 1313 ARG A NH1 1 
ATOM   631  N  NH2 . ARG A 1 93  ? 11.108  6.663   2.422   1.00 29.58 ? 1313 ARG A NH2 1 
ATOM   632  N  N   . THR A 1 94  ? 5.538   10.652  1.691   1.00 30.15 ? 1314 THR A N   1 
ATOM   633  C  CA  . THR A 1 94  ? 5.793   11.947  1.047   1.00 30.62 ? 1314 THR A CA  1 
ATOM   634  C  C   . THR A 1 94  ? 4.656   12.946  1.297   1.00 30.42 ? 1314 THR A C   1 
ATOM   635  O  O   . THR A 1 94  ? 4.910   14.107  1.630   1.00 29.89 ? 1314 THR A O   1 
ATOM   636  C  CB  . THR A 1 94  ? 6.048   11.778  -0.465  1.00 31.40 ? 1314 THR A CB  1 
ATOM   637  O  OG1 . THR A 1 94  ? 7.227   10.987  -0.652  1.00 32.90 ? 1314 THR A OG1 1 
ATOM   638  C  CG2 . THR A 1 94  ? 6.237   13.127  -1.154  1.00 32.33 ? 1314 THR A CG2 1 
ATOM   639  N  N   . GLU A 1 95  ? 3.414   12.494  1.136   1.00 30.66 ? 1315 GLU A N   1 
ATOM   640  C  CA  . GLU A 1 95  ? 2.246   13.325  1.454   1.00 31.18 ? 1315 GLU A CA  1 
ATOM   641  C  C   . GLU A 1 95  ? 2.260   13.769  2.918   1.00 30.36 ? 1315 GLU A C   1 
ATOM   642  O  O   . GLU A 1 95  ? 2.036   14.944  3.213   1.00 30.43 ? 1315 GLU A O   1 
ATOM   643  C  CB  . GLU A 1 95  ? 0.937   12.598  1.119   1.00 32.29 ? 1315 GLU A CB  1 
ATOM   644  C  CG  . GLU A 1 95  ? 0.624   12.586  -0.371  1.00 33.48 ? 1315 GLU A CG  1 
ATOM   645  C  CD  . GLU A 1 95  ? -0.751  12.028  -0.707  1.00 34.23 ? 1315 GLU A CD  1 
ATOM   646  O  OE1 . GLU A 1 95  ? -1.457  11.525  0.196   1.00 36.31 ? 1315 GLU A OE1 1 
ATOM   647  O  OE2 . GLU A 1 95  ? -1.127  12.094  -1.893  1.00 36.43 ? 1315 GLU A OE2 1 
ATOM   648  N  N   . HIS A 1 96  ? 2.544   12.834  3.823   1.00 28.23 ? 1316 HIS A N   1 
ATOM   649  C  CA  . HIS A 1 96  ? 2.629   13.144  5.254   1.00 27.60 ? 1316 HIS A CA  1 
ATOM   650  C  C   . HIS A 1 96  ? 3.669   14.210  5.603   1.00 26.53 ? 1316 HIS A C   1 
ATOM   651  O  O   . HIS A 1 96  ? 3.398   15.086  6.430   1.00 26.44 ? 1316 HIS A O   1 
ATOM   652  C  CB  . HIS A 1 96  ? 2.915   11.889  6.079   1.00 27.61 ? 1316 HIS A CB  1 
ATOM   653  C  CG  . HIS A 1 96  ? 3.341   12.188  7.481   1.00 27.66 ? 1316 HIS A CG  1 
ATOM   654  N  ND1 . HIS A 1 96  ? 2.449   12.555  8.464   1.00 28.17 ? 1316 HIS A ND1 1 
ATOM   655  C  CD2 . HIS A 1 96  ? 4.565   12.195  8.059   1.00 27.93 ? 1316 HIS A CD2 1 
ATOM   656  C  CE1 . HIS A 1 96  ? 3.106   12.768  9.590   1.00 28.37 ? 1316 HIS A CE1 1 
ATOM   657  N  NE2 . HIS A 1 96  ? 4.391   12.557  9.371   1.00 28.44 ? 1316 HIS A NE2 1 
ATOM   658  N  N   . ILE A 1 97  ? 4.846   14.139  4.983   1.00 25.70 ? 1317 ILE A N   1 
ATOM   659  C  CA  . ILE A 1 97  ? 5.931   15.095  5.266   1.00 25.15 ? 1317 ILE A CA  1 
ATOM   660  C  C   . ILE A 1 97  ? 5.485   16.543  4.995   1.00 25.08 ? 1317 ILE A C   1 
ATOM   661  O  O   . ILE A 1 97  ? 5.936   17.471  5.674   1.00 24.68 ? 1317 ILE A O   1 
ATOM   662  C  CB  . ILE A 1 97  ? 7.226   14.743  4.490   1.00 25.13 ? 1317 ILE A CB  1 
ATOM   663  C  CG1 . ILE A 1 97  ? 7.814   13.426  5.010   1.00 25.78 ? 1317 ILE A CG1 1 
ATOM   664  C  CG2 . ILE A 1 97  ? 8.279   15.838  4.630   1.00 25.09 ? 1317 ILE A CG2 1 
ATOM   665  C  CD1 . ILE A 1 97  ? 8.762   12.746  4.046   1.00 26.14 ? 1317 ILE A CD1 1 
ATOM   666  N  N   . ARG A 1 98  ? 4.575   16.733  4.040   1.00 24.18 ? 1318 ARG A N   1 
ATOM   667  C  CA  . ARG A 1 98  ? 4.020   18.061  3.763   1.00 24.59 ? 1318 ARG A CA  1 
ATOM   668  C  C   . ARG A 1 98  ? 3.298   18.680  4.966   1.00 24.69 ? 1318 ARG A C   1 
ATOM   669  O  O   . ARG A 1 98  ? 3.220   19.904  5.065   1.00 24.66 ? 1318 ARG A O   1 
ATOM   670  C  CB  . ARG A 1 98  ? 3.079   18.033  2.555   1.00 25.03 ? 1318 ARG A CB  1 
ATOM   671  C  CG  . ARG A 1 98  ? 3.754   17.651  1.244   1.00 25.97 ? 1318 ARG A CG  1 
ATOM   672  C  CD  . ARG A 1 98  ? 2.728   17.426  0.153   1.00 26.27 ? 1318 ARG A CD  1 
ATOM   673  N  NE  . ARG A 1 98  ? 3.322   16.746  -0.994  1.00 27.05 ? 1318 ARG A NE  1 
ATOM   674  C  CZ  . ARG A 1 98  ? 2.639   16.067  -1.921  1.00 27.09 ? 1318 ARG A CZ  1 
ATOM   675  N  NH1 . ARG A 1 98  ? 1.313   15.971  -1.875  1.00 27.26 ? 1318 ARG A NH1 1 
ATOM   676  N  NH2 . ARG A 1 98  ? 3.301   15.475  -2.913  1.00 28.03 ? 1318 ARG A NH2 1 
ATOM   677  N  N   . VAL A 1 99  ? 2.777   17.847  5.870   1.00 24.71 ? 1319 VAL A N   1 
ATOM   678  C  CA  . VAL A 1 99  ? 2.160   18.339  7.113   1.00 25.02 ? 1319 VAL A CA  1 
ATOM   679  C  C   . VAL A 1 99  ? 3.201   19.092  7.942   1.00 25.18 ? 1319 VAL A C   1 
ATOM   680  O  O   . VAL A 1 99  ? 2.900   20.144  8.506   1.00 25.48 ? 1319 VAL A O   1 
ATOM   681  C  CB  . VAL A 1 99  ? 1.527   17.198  7.954   1.00 26.26 ? 1319 VAL A CB  1 
ATOM   682  C  CG1 . VAL A 1 99  ? 0.958   17.724  9.268   1.00 26.94 ? 1319 VAL A CG1 1 
ATOM   683  C  CG2 . VAL A 1 99  ? 0.439   16.484  7.157   1.00 26.78 ? 1319 VAL A CG2 1 
ATOM   684  N  N   . HIS A 1 100 ? 4.420   18.559  7.995   1.00 24.14 ? 1320 HIS A N   1 
ATOM   685  C  CA  . HIS A 1 100 ? 5.521   19.190  8.724   1.00 24.69 ? 1320 HIS A CA  1 
ATOM   686  C  C   . HIS A 1 100 ? 6.066   20.428  8.024   1.00 24.93 ? 1320 HIS A C   1 
ATOM   687  O  O   . HIS A 1 100 ? 6.390   21.414  8.687   1.00 24.91 ? 1320 HIS A O   1 
ATOM   688  C  CB  . HIS A 1 100 ? 6.681   18.216  8.920   1.00 24.96 ? 1320 HIS A CB  1 
ATOM   689  C  CG  . HIS A 1 100 ? 6.333   16.992  9.706   1.00 25.49 ? 1320 HIS A CG  1 
ATOM   690  N  ND1 . HIS A 1 100 ? 5.721   17.045  10.940  1.00 26.62 ? 1320 HIS A ND1 1 
ATOM   691  C  CD2 . HIS A 1 100 ? 6.552   15.680  9.451   1.00 25.50 ? 1320 HIS A CD2 1 
ATOM   692  C  CE1 . HIS A 1 100 ? 5.551   15.818  11.398  1.00 27.47 ? 1320 HIS A CE1 1 
ATOM   693  N  NE2 . HIS A 1 100 ? 6.055   14.971  10.518  1.00 26.04 ? 1320 HIS A NE2 1 
ATOM   694  N  N   . THR A 1 101 ? 6.205   20.372  6.697   1.00 24.37 ? 1321 THR A N   1 
ATOM   695  C  CA  . THR A 1 101 ? 6.775   21.498  5.941   1.00 24.77 ? 1321 THR A CA  1 
ATOM   696  C  C   . THR A 1 101 ? 5.767   22.624  5.682   1.00 24.75 ? 1321 THR A C   1 
ATOM   697  O  O   . THR A 1 101 ? 6.169   23.757  5.416   1.00 26.12 ? 1321 THR A O   1 
ATOM   698  C  CB  . THR A 1 101 ? 7.350   21.052  4.586   1.00 25.28 ? 1321 THR A CB  1 
ATOM   699  O  OG1 . THR A 1 101 ? 6.286   20.576  3.753   1.00 26.08 ? 1321 THR A OG1 1 
ATOM   700  C  CG2 . THR A 1 101 ? 8.405   19.959  4.777   1.00 25.40 ? 1321 THR A CG2 1 
ATOM   701  N  N   . GLY A 1 102 ? 4.472   22.307  5.738   1.00 24.48 ? 1322 GLY A N   1 
ATOM   702  C  CA  . GLY A 1 102 ? 3.413   23.270  5.435   1.00 25.01 ? 1322 GLY A CA  1 
ATOM   703  C  C   . GLY A 1 102 ? 3.159   23.467  3.948   1.00 26.02 ? 1322 GLY A C   1 
ATOM   704  O  O   . GLY A 1 102 ? 2.446   24.394  3.565   1.00 26.79 ? 1322 GLY A O   1 
ATOM   705  N  N   . ALA A 1 103 ? 3.716   22.588  3.114   1.00 26.25 ? 1323 ALA A N   1 
ATOM   706  C  CA  . ALA A 1 103 ? 3.574   22.709  1.662   1.00 26.44 ? 1323 ALA A CA  1 
ATOM   707  C  C   . ALA A 1 103 ? 2.128   22.465  1.237   1.00 26.60 ? 1323 ALA A C   1 
ATOM   708  O  O   . ALA A 1 103 ? 1.480   21.553  1.747   1.00 27.07 ? 1323 ALA A O   1 
ATOM   709  C  CB  . ALA A 1 103 ? 4.497   21.723  0.962   1.00 26.46 ? 1323 ALA A CB  1 
ATOM   710  N  N   . ARG A 1 104 ? 1.636   23.292  0.314   1.00 27.27 ? 1324 ARG A N   1 
ATOM   711  C  CA  . ARG A 1 104 ? 0.309   23.133  -0.287  1.00 27.58 ? 1324 ARG A CA  1 
ATOM   712  C  C   . ARG A 1 104 ? 0.515   23.190  -1.806  1.00 27.78 ? 1324 ARG A C   1 
ATOM   713  O  O   . ARG A 1 104 ? 0.296   24.237  -2.418  1.00 28.92 ? 1324 ARG A O   1 
ATOM   714  C  CB  . ARG A 1 104 ? -0.651  24.244  0.170   1.00 28.36 ? 1324 ARG A CB  1 
ATOM   715  C  CG  . ARG A 1 104 ? -0.779  24.438  1.676   1.00 28.96 ? 1324 ARG A CG  1 
ATOM   716  C  CD  . ARG A 1 104 ? -1.598  23.352  2.346   1.00 29.15 ? 1324 ARG A CD  1 
ATOM   717  N  NE  . ARG A 1 104 ? -3.025  23.389  1.999   1.00 28.60 ? 1324 ARG A NE  1 
ATOM   718  C  CZ  . ARG A 1 104 ? -3.968  22.644  2.584   1.00 28.45 ? 1324 ARG A CZ  1 
ATOM   719  N  NH1 . ARG A 1 104 ? -5.233  22.737  2.193   1.00 29.61 ? 1324 ARG A NH1 1 
ATOM   720  N  NH2 . ARG A 1 104 ? -3.668  21.804  3.570   1.00 29.25 ? 1324 ARG A NH2 1 
ATOM   721  N  N   . PRO A 1 105 ? 0.963   22.072  -2.420  1.00 27.12 ? 1325 PRO A N   1 
ATOM   722  C  CA  . PRO A 1 105 ? 1.402   22.133  -3.829  1.00 27.38 ? 1325 PRO A CA  1 
ATOM   723  C  C   . PRO A 1 105 ? 0.319   22.410  -4.876  1.00 28.00 ? 1325 PRO A C   1 
ATOM   724  O  O   . PRO A 1 105 ? 0.639   22.903  -5.965  1.00 28.41 ? 1325 PRO A O   1 
ATOM   725  C  CB  . PRO A 1 105 ? 1.996   20.735  -4.072  1.00 27.23 ? 1325 PRO A CB  1 
ATOM   726  C  CG  . PRO A 1 105 ? 2.282   20.180  -2.719  1.00 27.35 ? 1325 PRO A CG  1 
ATOM   727  C  CD  . PRO A 1 105 ? 1.196   20.732  -1.848  1.00 26.96 ? 1325 PRO A CD  1 
ATOM   728  N  N   . TYR A 1 106 ? -0.929  22.085  -4.555  1.00 28.27 ? 1326 TYR A N   1 
ATOM   729  C  CA  . TYR A 1 106 ? -2.020  22.118  -5.526  1.00 29.58 ? 1326 TYR A CA  1 
ATOM   730  C  C   . TYR A 1 106 ? -2.857  23.366  -5.300  1.00 31.85 ? 1326 TYR A C   1 
ATOM   731  O  O   . TYR A 1 106 ? -3.474  23.519  -4.247  1.00 31.59 ? 1326 TYR A O   1 
ATOM   732  C  CB  . TYR A 1 106 ? -2.840  20.835  -5.409  1.00 29.32 ? 1326 TYR A CB  1 
ATOM   733  C  CG  . TYR A 1 106 ? -1.944  19.619  -5.416  1.00 28.81 ? 1326 TYR A CG  1 
ATOM   734  C  CD1 . TYR A 1 106 ? -1.390  19.144  -6.604  1.00 28.66 ? 1326 TYR A CD1 1 
ATOM   735  C  CD2 . TYR A 1 106 ? -1.593  18.975  -4.226  1.00 28.13 ? 1326 TYR A CD2 1 
ATOM   736  C  CE1 . TYR A 1 106 ? -0.538  18.052  -6.613  1.00 28.22 ? 1326 TYR A CE1 1 
ATOM   737  C  CE2 . TYR A 1 106 ? -0.741  17.882  -4.224  1.00 27.98 ? 1326 TYR A CE2 1 
ATOM   738  C  CZ  . TYR A 1 106 ? -0.214  17.423  -5.422  1.00 27.77 ? 1326 TYR A CZ  1 
ATOM   739  O  OH  . TYR A 1 106 ? 0.632   16.346  -5.427  1.00 27.61 ? 1326 TYR A OH  1 
ATOM   740  N  N   . VAL A 1 107 ? -2.842  24.263  -6.289  1.00 33.60 ? 1327 VAL A N   1 
ATOM   741  C  CA  . VAL A 1 107 ? -3.523  25.551  -6.207  1.00 35.35 ? 1327 VAL A CA  1 
ATOM   742  C  C   . VAL A 1 107 ? -4.622  25.578  -7.261  1.00 37.81 ? 1327 VAL A C   1 
ATOM   743  O  O   . VAL A 1 107 ? -4.370  25.276  -8.431  1.00 37.45 ? 1327 VAL A O   1 
ATOM   744  C  CB  . VAL A 1 107 ? -2.548  26.725  -6.450  1.00 35.92 ? 1327 VAL A CB  1 
ATOM   745  C  CG1 . VAL A 1 107 ? -3.240  28.064  -6.205  1.00 36.40 ? 1327 VAL A CG1 1 
ATOM   746  C  CG2 . VAL A 1 107 ? -1.309  26.582  -5.566  1.00 36.12 ? 1327 VAL A CG2 1 
ATOM   747  N  N   . CYS A 1 108 ? -5.833  25.941  -6.841  1.00 39.85 ? 1328 CYS A N   1 
ATOM   748  C  CA  . CYS A 1 108 ? -6.977  26.021  -7.749  1.00 43.09 ? 1328 CYS A CA  1 
ATOM   749  C  C   . CYS A 1 108 ? -6.797  27.176  -8.733  1.00 45.46 ? 1328 CYS A C   1 
ATOM   750  O  O   . CYS A 1 108 ? -6.390  28.272  -8.343  1.00 45.69 ? 1328 CYS A O   1 
ATOM   751  C  CB  . CYS A 1 108 ? -8.275  26.201  -6.963  1.00 43.47 ? 1328 CYS A CB  1 
ATOM   752  S  SG  . CYS A 1 108 ? -9.757  26.070  -7.986  1.00 46.10 ? 1328 CYS A SG  1 
ATOM   753  N  N   . ALA A 1 109 ? -7.100  26.915  -10.006 1.00 49.21 ? 1329 ALA A N   1 
ATOM   754  C  CA  . ALA A 1 109 ? -6.871  27.878  -11.092 1.00 51.81 ? 1329 ALA A CA  1 
ATOM   755  C  C   . ALA A 1 109 ? -8.036  28.848  -11.341 1.00 54.38 ? 1329 ALA A C   1 
ATOM   756  O  O   . ALA A 1 109 ? -7.899  29.758  -12.162 1.00 55.72 ? 1329 ALA A O   1 
ATOM   757  C  CB  . ALA A 1 109 ? -6.526  27.136  -12.377 1.00 51.91 ? 1329 ALA A CB  1 
ATOM   758  N  N   . GLU A 1 110 ? -9.167  28.661  -10.653 1.00 56.06 ? 1330 GLU A N   1 
ATOM   759  C  CA  . GLU A 1 110 ? -10.329 29.551  -10.801 1.00 56.83 ? 1330 GLU A CA  1 
ATOM   760  C  C   . GLU A 1 110 ? -10.024 30.958  -10.270 1.00 58.35 ? 1330 GLU A C   1 
ATOM   761  O  O   . GLU A 1 110 ? -9.237  31.100  -9.334  1.00 59.34 ? 1330 GLU A O   1 
ATOM   762  C  CB  . GLU A 1 110 ? -11.549 28.974  -10.076 1.00 56.03 ? 1330 GLU A CB  1 
ATOM   763  N  N   . PRO A 1 111 ? -10.658 31.998  -10.855 1.00 59.14 ? 1331 PRO A N   1 
ATOM   764  C  CA  . PRO A 1 111 ? -10.259 33.389  -10.592 1.00 59.09 ? 1331 PRO A CA  1 
ATOM   765  C  C   . PRO A 1 111 ? -10.527 33.883  -9.166  1.00 58.21 ? 1331 PRO A C   1 
ATOM   766  O  O   . PRO A 1 111 ? -9.664  34.546  -8.584  1.00 59.53 ? 1331 PRO A O   1 
ATOM   767  C  CB  . PRO A 1 111 ? -11.080 34.190  -11.611 1.00 59.89 ? 1331 PRO A CB  1 
ATOM   768  C  CG  . PRO A 1 111 ? -12.281 33.355  -11.881 1.00 60.06 ? 1331 PRO A CG  1 
ATOM   769  C  CD  . PRO A 1 111 ? -11.865 31.922  -11.704 1.00 59.88 ? 1331 PRO A CD  1 
ATOM   770  N  N   . ASP A 1 112 ? -11.698 33.558  -8.616  1.00 56.49 ? 1332 ASP A N   1 
ATOM   771  C  CA  . ASP A 1 112 ? -12.103 34.021  -7.283  1.00 55.10 ? 1332 ASP A CA  1 
ATOM   772  C  C   . ASP A 1 112 ? -12.048 32.929  -6.203  1.00 53.13 ? 1332 ASP A C   1 
ATOM   773  O  O   . ASP A 1 112 ? -12.660 33.086  -5.142  1.00 53.83 ? 1332 ASP A O   1 
ATOM   774  C  CB  . ASP A 1 112 ? -13.520 34.598  -7.356  1.00 55.24 ? 1332 ASP A CB  1 
ATOM   775  N  N   . CYS A 1 113 ? -11.310 31.844  -6.458  1.00 50.67 ? 1333 CYS A N   1 
ATOM   776  C  CA  . CYS A 1 113 ? -11.223 30.719  -5.522  1.00 48.27 ? 1333 CYS A CA  1 
ATOM   777  C  C   . CYS A 1 113 ? -9.993  30.848  -4.617  1.00 44.71 ? 1333 CYS A C   1 
ATOM   778  O  O   . CYS A 1 113 ? -10.132 31.052  -3.411  1.00 44.44 ? 1333 CYS A O   1 
ATOM   779  C  CB  . CYS A 1 113 ? -11.213 29.385  -6.279  1.00 48.36 ? 1333 CYS A CB  1 
ATOM   780  S  SG  . CYS A 1 113 ? -11.188 27.926  -5.210  1.00 48.21 ? 1333 CYS A SG  1 
ATOM   781  N  N   . GLY A 1 114 ? -8.801  30.736  -5.205  1.00 42.12 ? 1334 GLY A N   1 
ATOM   782  C  CA  . GLY A 1 114 ? -7.539  30.836  -4.465  1.00 40.41 ? 1334 GLY A CA  1 
ATOM   783  C  C   . GLY A 1 114 ? -7.234  29.722  -3.473  1.00 38.80 ? 1334 GLY A C   1 
ATOM   784  O  O   . GLY A 1 114 ? -6.320  29.854  -2.660  1.00 38.24 ? 1334 GLY A O   1 
ATOM   785  N  N   . GLN A 1 115 ? -7.967  28.614  -3.554  1.00 37.21 ? 1335 GLN A N   1 
ATOM   786  C  CA  . GLN A 1 115 ? -7.864  27.546  -2.565  1.00 36.44 ? 1335 GLN A CA  1 
ATOM   787  C  C   . GLN A 1 115 ? -6.640  26.677  -2.857  1.00 34.21 ? 1335 GLN A C   1 
ATOM   788  O  O   . GLN A 1 115 ? -6.313  26.446  -4.022  1.00 35.02 ? 1335 GLN A O   1 
ATOM   789  C  CB  . GLN A 1 115 ? -9.143  26.708  -2.572  1.00 38.23 ? 1335 GLN A CB  1 
ATOM   790  C  CG  . GLN A 1 115 ? -9.371  25.914  -1.300  1.00 39.91 ? 1335 GLN A CG  1 
ATOM   791  C  CD  . GLN A 1 115 ? -10.810 25.467  -1.095  1.00 39.56 ? 1335 GLN A CD  1 
ATOM   792  O  OE1 . GLN A 1 115 ? -11.752 26.032  -1.657  1.00 43.39 ? 1335 GLN A OE1 1 
ATOM   793  N  NE2 . GLN A 1 115 ? -10.985 24.454  -0.267  1.00 39.95 ? 1335 GLN A NE2 1 
ATOM   794  N  N   . THR A 1 116 ? -5.964  26.218  -1.800  1.00 31.32 ? 1336 THR A N   1 
ATOM   795  C  CA  . THR A 1 116 ? -4.801  25.331  -1.929  1.00 29.86 ? 1336 THR A CA  1 
ATOM   796  C  C   . THR A 1 116 ? -5.031  24.007  -1.204  1.00 28.29 ? 1336 THR A C   1 
ATOM   797  O  O   . THR A 1 116 ? -5.863  23.920  -0.292  1.00 27.72 ? 1336 THR A O   1 
ATOM   798  C  CB  . THR A 1 116 ? -3.517  25.962  -1.365  1.00 29.84 ? 1336 THR A CB  1 
ATOM   799  O  OG1 . THR A 1 116 ? -3.609  26.043  0.063   1.00 29.79 ? 1336 THR A OG1 1 
ATOM   800  C  CG2 . THR A 1 116 ? -3.276  27.347  -1.955  1.00 29.77 ? 1336 THR A CG2 1 
ATOM   801  N  N   . PHE A 1 117 ? -4.281  22.985  -1.614  1.00 28.40 ? 1337 PHE A N   1 
ATOM   802  C  CA  . PHE A 1 117 ? -4.438  21.618  -1.095  1.00 28.22 ? 1337 PHE A CA  1 
ATOM   803  C  C   . PHE A 1 117 ? -3.081  20.959  -0.877  1.00 27.68 ? 1337 PHE A C   1 
ATOM   804  O  O   . PHE A 1 117 ? -2.124  21.245  -1.600  1.00 27.03 ? 1337 PHE A O   1 
ATOM   805  C  CB  . PHE A 1 117 ? -5.310  20.790  -2.052  1.00 29.41 ? 1337 PHE A CB  1 
ATOM   806  C  CG  . PHE A 1 117 ? -6.609  21.456  -2.370  1.00 29.73 ? 1337 PHE A CG  1 
ATOM   807  C  CD1 . PHE A 1 117 ? -7.710  21.270  -1.548  1.00 30.23 ? 1337 PHE A CD1 1 
ATOM   808  C  CD2 . PHE A 1 117 ? -6.710  22.340  -3.443  1.00 30.38 ? 1337 PHE A CD2 1 
ATOM   809  C  CE1 . PHE A 1 117 ? -8.907  21.920  -1.812  1.00 30.84 ? 1337 PHE A CE1 1 
ATOM   810  C  CE2 . PHE A 1 117 ? -7.901  22.996  -3.708  1.00 31.03 ? 1337 PHE A CE2 1 
ATOM   811  C  CZ  . PHE A 1 117 ? -8.997  22.784  -2.890  1.00 30.27 ? 1337 PHE A CZ  1 
ATOM   812  N  N   . ARG A 1 118 ? -3.008  20.104  0.144   1.00 28.48 ? 1338 ARG A N   1 
ATOM   813  C  CA  . ARG A 1 118 ? -1.780  19.385  0.492   1.00 29.83 ? 1338 ARG A CA  1 
ATOM   814  C  C   . ARG A 1 118 ? -1.633  18.089  -0.300  1.00 31.18 ? 1338 ARG A C   1 
ATOM   815  O  O   . ARG A 1 118 ? -0.515  17.710  -0.656  1.00 30.58 ? 1338 ARG A O   1 
ATOM   816  C  CB  . ARG A 1 118 ? -1.754  19.071  1.991   1.00 31.14 ? 1338 ARG A CB  1 
ATOM   817  C  CG  . ARG A 1 118 ? -0.412  18.550  2.492   0.50 32.17 ? 1338 ARG A CG  1 
ATOM   818  C  CD  . ARG A 1 118 ? -0.390  18.319  3.998   0.50 32.99 ? 1338 ARG A CD  1 
ATOM   819  N  NE  . ARG A 1 118 ? -1.000  19.412  4.753   0.50 33.84 ? 1338 ARG A NE  1 
ATOM   820  C  CZ  . ARG A 1 118 ? -0.479  20.631  4.920   1.00 35.13 ? 1338 ARG A CZ  1 
ATOM   821  N  NH1 . ARG A 1 118 ? 0.698   20.980  4.382   1.00 32.43 ? 1338 ARG A NH1 1 
ATOM   822  N  NH2 . ARG A 1 118 ? -1.160  21.529  5.629   1.00 34.73 ? 1338 ARG A NH2 1 
ATOM   823  N  N   . PHE A 1 119 ? -2.755  17.407  -0.538  1.00 32.54 ? 1339 PHE A N   1 
ATOM   824  C  CA  . PHE A 1 119 ? -2.778  16.130  -1.257  1.00 34.98 ? 1339 PHE A CA  1 
ATOM   825  C  C   . PHE A 1 119 ? -3.567  16.292  -2.554  1.00 35.50 ? 1339 PHE A C   1 
ATOM   826  O  O   . PHE A 1 119 ? -4.549  17.034  -2.596  1.00 35.46 ? 1339 PHE A O   1 
ATOM   827  C  CB  . PHE A 1 119 ? -3.422  15.026  -0.404  1.00 36.48 ? 1339 PHE A CB  1 
ATOM   828  C  CG  . PHE A 1 119 ? -2.994  15.024  1.041   1.00 38.53 ? 1339 PHE A CG  1 
ATOM   829  C  CD1 . PHE A 1 119 ? -1.651  15.148  1.394   1.00 39.02 ? 1339 PHE A CD1 1 
ATOM   830  C  CD2 . PHE A 1 119 ? -3.936  14.872  2.056   1.00 39.55 ? 1339 PHE A CD2 1 
ATOM   831  C  CE1 . PHE A 1 119 ? -1.265  15.136  2.729   1.00 39.94 ? 1339 PHE A CE1 1 
ATOM   832  C  CE2 . PHE A 1 119 ? -3.551  14.859  3.391   1.00 40.49 ? 1339 PHE A CE2 1 
ATOM   833  C  CZ  . PHE A 1 119 ? -2.213  14.993  3.728   1.00 40.72 ? 1339 PHE A CZ  1 
ATOM   834  N  N   . VAL A 1 120 ? -3.135  15.592  -3.601  1.00 36.62 ? 1340 VAL A N   1 
ATOM   835  C  CA  . VAL A 1 120 ? -3.787  15.681  -4.914  1.00 37.44 ? 1340 VAL A CA  1 
ATOM   836  C  C   . VAL A 1 120 ? -5.239  15.173  -4.892  1.00 37.60 ? 1340 VAL A C   1 
ATOM   837  O  O   . VAL A 1 120 ? -6.083  15.713  -5.604  1.00 36.98 ? 1340 VAL A O   1 
ATOM   838  C  CB  . VAL A 1 120 ? -2.965  14.967  -6.022  1.00 38.13 ? 1340 VAL A CB  1 
ATOM   839  C  CG1 . VAL A 1 120 ? -3.039  13.449  -5.895  1.00 38.38 ? 1340 VAL A CG1 1 
ATOM   840  C  CG2 . VAL A 1 120 ? -3.424  15.415  -7.405  1.00 38.40 ? 1340 VAL A CG2 1 
ATOM   841  N  N   . SER A 1 121 ? -5.522  14.158  -4.072  1.00 38.62 ? 1341 SER A N   1 
ATOM   842  C  CA  . SER A 1 121 ? -6.884  13.627  -3.915  1.00 39.81 ? 1341 SER A CA  1 
ATOM   843  C  C   . SER A 1 121 ? -7.875  14.670  -3.384  1.00 40.92 ? 1341 SER A C   1 
ATOM   844  O  O   . SER A 1 121 ? -9.043  14.670  -3.777  1.00 41.33 ? 1341 SER A O   1 
ATOM   845  C  CB  . SER A 1 121 ? -6.891  12.395  -3.003  1.00 40.66 ? 1341 SER A CB  1 
ATOM   846  O  OG  . SER A 1 121 ? -6.370  12.698  -1.719  1.00 42.60 ? 1341 SER A OG  1 
ATOM   847  N  N   . ASP A 1 122 ? -7.403  15.552  -2.500  1.00 41.15 ? 1342 ASP A N   1 
ATOM   848  C  CA  . ASP A 1 122 ? -8.208  16.681  -2.014  1.00 41.82 ? 1342 ASP A CA  1 
ATOM   849  C  C   . ASP A 1 122 ? -8.468  17.697  -3.129  1.00 41.62 ? 1342 ASP A C   1 
ATOM   850  O  O   . ASP A 1 122 ? -9.564  18.255  -3.219  1.00 42.88 ? 1342 ASP A O   1 
ATOM   851  C  CB  . ASP A 1 122 ? -7.524  17.394  -0.838  1.00 42.97 ? 1342 ASP A CB  1 
ATOM   852  C  CG  . ASP A 1 122 ? -7.316  16.494  0.373   1.00 44.84 ? 1342 ASP A CG  1 
ATOM   853  O  OD1 . ASP A 1 122 ? -8.012  15.461  0.508   1.00 47.13 ? 1342 ASP A OD1 1 
ATOM   854  O  OD2 . ASP A 1 122 ? -6.446  16.834  1.204   1.00 45.20 ? 1342 ASP A OD2 1 
ATOM   855  N  N   . PHE A 1 123 ? -7.451  17.945  -3.956  1.00 41.47 ? 1343 PHE A N   1 
ATOM   856  C  CA  . PHE A 1 123 ? -7.572  18.844  -5.110  1.00 41.96 ? 1343 PHE A CA  1 
ATOM   857  C  C   . PHE A 1 123 ? -8.527  18.277  -6.166  1.00 43.59 ? 1343 PHE A C   1 
ATOM   858  O  O   . PHE A 1 123 ? -9.347  19.014  -6.715  1.00 43.95 ? 1343 PHE A O   1 
ATOM   859  C  CB  . PHE A 1 123 ? -6.183  19.132  -5.710  1.00 41.08 ? 1343 PHE A CB  1 
ATOM   860  C  CG  . PHE A 1 123 ? -6.185  20.097  -6.876  1.00 41.24 ? 1343 PHE A CG  1 
ATOM   861  C  CD1 . PHE A 1 123 ? -6.963  21.257  -6.863  1.00 41.36 ? 1343 PHE A CD1 1 
ATOM   862  C  CD2 . PHE A 1 123 ? -5.369  19.860  -7.983  1.00 41.51 ? 1343 PHE A CD2 1 
ATOM   863  C  CE1 . PHE A 1 123 ? -6.944  22.137  -7.935  1.00 41.43 ? 1343 PHE A CE1 1 
ATOM   864  C  CE2 . PHE A 1 123 ? -5.344  20.741  -9.054  1.00 41.81 ? 1343 PHE A CE2 1 
ATOM   865  C  CZ  . PHE A 1 123 ? -6.133  21.881  -9.031  1.00 41.95 ? 1343 PHE A CZ  1 
ATOM   866  N  N   . SER A 1 124 ? -8.422  16.975  -6.432  1.00 45.59 ? 1344 SER A N   1 
ATOM   867  C  CA  . SER A 1 124 ? -9.332  16.286  -7.361  1.00 48.08 ? 1344 SER A CA  1 
ATOM   868  C  C   . SER A 1 124 ? -10.778 16.282  -6.858  1.00 49.67 ? 1344 SER A C   1 
ATOM   869  O  O   . SER A 1 124 ? -11.707 16.492  -7.638  1.00 51.70 ? 1344 SER A O   1 
ATOM   870  C  CB  . SER A 1 124 ? -8.870  14.847  -7.604  1.00 48.27 ? 1344 SER A CB  1 
ATOM   871  O  OG  . SER A 1 124 ? -7.593  14.820  -8.216  1.00 49.81 ? 1344 SER A OG  1 
ATOM   872  N  N   . ARG A 1 125 ? -10.954 16.043  -5.559  1.00 50.83 ? 1345 ARG A N   1 
ATOM   873  C  CA  . ARG A 1 125 ? -12.273 16.096  -4.919  1.00 51.76 ? 1345 ARG A CA  1 
ATOM   874  C  C   . ARG A 1 125 ? -12.901 17.490  -5.012  1.00 51.58 ? 1345 ARG A C   1 
ATOM   875  O  O   . ARG A 1 125 ? -14.102 17.613  -5.266  1.00 51.77 ? 1345 ARG A O   1 
ATOM   876  C  CB  . ARG A 1 125 ? -12.169 15.663  -3.452  1.00 53.33 ? 1345 ARG A CB  1 
ATOM   877  C  CG  . ARG A 1 125 ? -13.498 15.589  -2.712  1.00 55.24 ? 1345 ARG A CG  1 
ATOM   878  C  CD  . ARG A 1 125 ? -13.358 14.870  -1.380  1.00 56.89 ? 1345 ARG A CD  1 
ATOM   879  N  NE  . ARG A 1 125 ? -12.407 15.532  -0.485  1.00 58.66 ? 1345 ARG A NE  1 
ATOM   880  C  CZ  . ARG A 1 125 ? -12.069 15.097  0.731   1.00 60.24 ? 1345 ARG A CZ  1 
ATOM   881  N  NH1 . ARG A 1 125 ? -12.604 13.983  1.237   1.00 61.23 ? 1345 ARG A NH1 1 
ATOM   882  N  NH2 . ARG A 1 125 ? -11.186 15.784  1.454   1.00 60.24 ? 1345 ARG A NH2 1 
ATOM   883  N  N   . HIS A 1 126 ? -12.087 18.527  -4.803  1.00 50.19 ? 1346 HIS A N   1 
ATOM   884  C  CA  . HIS A 1 126 ? -12.534 19.920  -4.932  1.00 49.84 ? 1346 HIS A CA  1 
ATOM   885  C  C   . HIS A 1 126 ? -12.996 20.249  -6.356  1.00 51.89 ? 1346 HIS A C   1 
ATOM   886  O  O   . HIS A 1 126 ? -14.042 20.875  -6.538  1.00 52.55 ? 1346 HIS A O   1 
ATOM   887  C  CB  . HIS A 1 126 ? -11.417 20.883  -4.504  1.00 48.04 ? 1346 HIS A CB  1 
ATOM   888  C  CG  . HIS A 1 126 ? -11.737 22.329  -4.727  1.00 46.12 ? 1346 HIS A CG  1 
ATOM   889  N  ND1 . HIS A 1 126 ? -12.605 23.035  -3.922  1.00 45.91 ? 1346 HIS A ND1 1 
ATOM   890  C  CD2 . HIS A 1 126 ? -11.283 23.209  -5.651  1.00 45.23 ? 1346 HIS A CD2 1 
ATOM   891  C  CE1 . HIS A 1 126 ? -12.682 24.283  -4.349  1.00 44.36 ? 1346 HIS A CE1 1 
ATOM   892  N  NE2 . HIS A 1 126 ? -11.888 24.415  -5.396  1.00 44.85 ? 1346 HIS A NE2 1 
ATOM   893  N  N   . LYS A 1 127 ? -12.213 19.827  -7.350  1.00 54.35 ? 1347 LYS A N   1 
ATOM   894  C  CA  . LYS A 1 127 ? -12.556 20.042  -8.764  1.00 56.39 ? 1347 LYS A CA  1 
ATOM   895  C  C   . LYS A 1 127 ? -13.806 19.273  -9.211  1.00 58.73 ? 1347 LYS A C   1 
ATOM   896  O  O   . LYS A 1 127 ? -14.517 19.730  -10.104 1.00 59.37 ? 1347 LYS A O   1 
ATOM   897  C  CB  . LYS A 1 127 ? -11.369 19.700  -9.676  1.00 56.45 ? 1347 LYS A CB  1 
ATOM   898  C  CG  . LYS A 1 127 ? -10.239 20.717  -9.610  1.00 56.44 ? 1347 LYS A CG  1 
ATOM   899  C  CD  . LYS A 1 127 ? -9.141  20.426  -10.622 1.00 56.59 ? 1347 LYS A CD  1 
ATOM   900  C  CE  . LYS A 1 127 ? -8.275  19.249  -10.202 1.00 56.41 ? 1347 LYS A CE  1 
ATOM   901  N  NZ  . LYS A 1 127 ? -7.146  19.014  -11.146 1.00 56.99 ? 1347 LYS A NZ  1 
ATOM   902  N  N   . ARG A 1 128 ? -14.061 18.112  -8.604  1.00 61.48 ? 1348 ARG A N   1 
ATOM   903  C  CA  . ARG A 1 128 ? -15.295 17.351  -8.856  1.00 63.80 ? 1348 ARG A CA  1 
ATOM   904  C  C   . ARG A 1 128 ? -16.507 17.983  -8.169  1.00 64.99 ? 1348 ARG A C   1 
ATOM   905  O  O   . ARG A 1 128 ? -17.558 18.145  -8.793  1.00 65.95 ? 1348 ARG A O   1 
ATOM   906  C  CB  . ARG A 1 128 ? -15.160 15.893  -8.397  1.00 65.11 ? 1348 ARG A CB  1 
ATOM   907  C  CG  . ARG A 1 128 ? -14.332 15.010  -9.319  1.00 66.25 ? 1348 ARG A CG  1 
ATOM   908  C  CD  . ARG A 1 128 ? -14.556 13.536  -9.015  1.00 67.48 ? 1348 ARG A CD  1 
ATOM   909  N  NE  . ARG A 1 128 ? -14.264 13.204  -7.616  1.00 68.44 ? 1348 ARG A NE  1 
ATOM   910  C  CZ  . ARG A 1 128 ? -13.060 12.910  -7.115  1.00 68.58 ? 1348 ARG A CZ  1 
ATOM   911  N  NH1 . ARG A 1 128 ? -11.966 12.895  -7.878  1.00 69.21 ? 1348 ARG A NH1 1 
ATOM   912  N  NH2 . ARG A 1 128 ? -12.946 12.627  -5.818  1.00 68.60 ? 1348 ARG A NH2 1 
ATOM   913  N  N   . LYS A 1 129 ? -16.356 18.322  -6.888  1.00 65.84 ? 1349 LYS A N   1 
ATOM   914  C  CA  . LYS A 1 129 ? -17.453 18.871  -6.076  1.00 66.61 ? 1349 LYS A CA  1 
ATOM   915  C  C   . LYS A 1 129 ? -17.920 20.230  -6.599  1.00 66.64 ? 1349 LYS A C   1 
ATOM   916  O  O   . LYS A 1 129 ? -19.121 20.460  -6.752  1.00 67.39 ? 1349 LYS A O   1 
ATOM   917  C  CB  . LYS A 1 129 ? -17.034 18.984  -4.605  1.00 67.46 ? 1349 LYS A CB  1 
ATOM   918  C  CG  . LYS A 1 129 ? -18.172 19.323  -3.648  1.00 68.19 ? 1349 LYS A CG  1 
ATOM   919  C  CD  . LYS A 1 129 ? -17.752 19.227  -2.184  1.00 68.74 ? 1349 LYS A CD  1 
ATOM   920  C  CE  . LYS A 1 129 ? -18.065 17.872  -1.561  1.00 69.37 ? 1349 LYS A CE  1 
ATOM   921  N  NZ  . LYS A 1 129 ? -17.262 16.750  -2.124  1.00 69.58 ? 1349 LYS A NZ  1 
ATOM   922  N  N   . THR A 1 130 ? -16.963 21.117  -6.866  1.00 66.25 ? 1350 THR A N   1 
ATOM   923  C  CA  . THR A 1 130 ? -17.228 22.399  -7.525  1.00 65.87 ? 1350 THR A CA  1 
ATOM   924  C  C   . THR A 1 130 ? -17.107 22.211  -9.044  1.00 66.57 ? 1350 THR A C   1 
ATOM   925  O  O   . THR A 1 130 ? -16.951 21.083  -9.516  1.00 67.42 ? 1350 THR A O   1 
ATOM   926  C  CB  . THR A 1 130 ? -16.258 23.496  -7.028  1.00 65.38 ? 1350 THR A CB  1 
ATOM   927  O  OG1 . THR A 1 130 ? -14.925 23.211  -7.469  1.00 64.29 ? 1350 THR A OG1 1 
ATOM   928  C  CG2 . THR A 1 130 ? -16.280 23.590  -5.506  1.00 65.16 ? 1350 THR A CG2 1 
ATOM   929  N  N   . GLY A 1 131 ? -17.206 23.304  -9.802  1.00 66.75 ? 1351 GLY A N   1 
ATOM   930  C  CA  . GLY A 1 131 ? -16.954 23.290  -11.250 1.00 67.39 ? 1351 GLY A CA  1 
ATOM   931  C  C   . GLY A 1 131 ? -15.736 24.124  -11.596 1.00 68.00 ? 1351 GLY A C   1 
ATOM   932  O  O   . GLY A 1 131 ? -15.783 24.953  -12.509 1.00 69.22 ? 1351 GLY A O   1 
ATOM   933  N  N   . HIS A 1 132 ? -14.642 23.885  -10.872 1.00 67.22 ? 1352 HIS A N   1 
ATOM   934  C  CA  . HIS A 1 132 ? -13.448 24.737  -10.923 1.00 66.70 ? 1352 HIS A CA  1 
ATOM   935  C  C   . HIS A 1 132 ? -12.336 24.151  -11.791 1.00 66.53 ? 1352 HIS A C   1 
ATOM   936  O  O   . HIS A 1 132 ? -12.203 22.930  -11.910 1.00 66.23 ? 1352 HIS A O   1 
ATOM   937  C  CB  . HIS A 1 132 ? -12.916 24.976  -9.505  1.00 66.18 ? 1352 HIS A CB  1 
ATOM   938  C  CG  . HIS A 1 132 ? -13.735 25.943  -8.706  1.00 65.63 ? 1352 HIS A CG  1 
ATOM   939  N  ND1 . HIS A 1 132 ? -13.197 26.722  -7.706  1.00 65.00 ? 1352 HIS A ND1 1 
ATOM   940  C  CD2 . HIS A 1 132 ? -15.047 26.271  -8.772  1.00 65.30 ? 1352 HIS A CD2 1 
ATOM   941  C  CE1 . HIS A 1 132 ? -14.144 27.477  -7.179  1.00 64.90 ? 1352 HIS A CE1 1 
ATOM   942  N  NE2 . HIS A 1 132 ? -15.276 27.223  -7.809  1.00 65.17 ? 1352 HIS A NE2 1 
ATOM   943  N  N   . SER A 1 133 ? -11.537 25.040  -12.379 1.00 67.33 ? 1353 SER A N   1 
ATOM   944  C  CA  . SER A 1 133 ? -10.398 24.654  -13.214 1.00 67.93 ? 1353 SER A CA  1 
ATOM   945  C  C   . SER A 1 133 ? -9.226  24.205  -12.344 1.00 69.52 ? 1353 SER A C   1 
ATOM   946  O  O   . SER A 1 133 ? -8.892  24.849  -11.347 1.00 70.18 ? 1353 SER A O   1 
ATOM   947  C  CB  . SER A 1 133 ? -9.971  25.826  -14.105 1.00 67.20 ? 1353 SER A CB  1 
ATOM   948  O  OG  . SER A 1 133 ? -8.942  25.445  -15.003 1.00 67.18 ? 1353 SER A OG  1 
HETATM 949  ZN ZN  . ZN  B 2 .   ? 2.493   -17.112 -5.391  0.90 32.62 ? 1401 ZN  A ZN  1 
HETATM 950  ZN ZN  . ZN  C 2 .   ? -5.798  -14.703 5.520   1.00 38.38 ? 1402 ZN  A ZN  1 
HETATM 951  ZN ZN  . ZN  D 2 .   ? 6.184   12.903  10.411  0.80 31.10 ? 1403 ZN  A ZN  1 
HETATM 952  ZN ZN  . ZN  E 2 .   ? -11.346 26.100  -6.619  1.00 56.45 ? 1404 ZN  A ZN  1 
HETATM 953  O  O   . HOH F 3 .   ? -7.138  30.803  -7.780  1.00 58.99 ? 1501 HOH A O   1 
HETATM 954  O  O   . HOH F 3 .   ? -8.549  -23.609 -2.785  1.00 27.05 ? 1502 HOH A O   1 
HETATM 955  O  O   . HOH F 3 .   ? 4.347   -7.290  10.981  1.00 42.22 ? 1503 HOH A O   1 
HETATM 956  O  O   . HOH F 3 .   ? -4.375  -19.709 6.251   1.00 33.83 ? 1504 HOH A O   1 
HETATM 957  O  O   . HOH F 3 .   ? 0.630   26.875  -2.553  1.00 38.38 ? 1505 HOH A O   1 
HETATM 958  O  O   . HOH F 3 .   ? 20.519  -13.697 -2.320  1.00 54.44 ? 1506 HOH A O   1 
HETATM 959  O  O   . HOH F 3 .   ? 7.244   -0.408  1.759   1.00 41.11 ? 1507 HOH A O   1 
HETATM 960  O  O   . HOH F 3 .   ? -1.007  -27.129 -5.452  1.00 37.05 ? 1508 HOH A O   1 
HETATM 961  O  O   . HOH F 3 .   ? -2.265  23.820  6.498   1.00 37.49 ? 1509 HOH A O   1 
HETATM 962  O  O   . HOH F 3 .   ? -9.967  -21.215 -8.786  1.00 45.35 ? 1510 HOH A O   1 
HETATM 963  O  O   . HOH F 3 .   ? 11.117  -20.622 7.915   1.00 54.45 ? 1511 HOH A O   1 
HETATM 964  O  O   . HOH F 3 .   ? -2.000  27.836  1.292   1.00 30.59 ? 1512 HOH A O   1 
HETATM 965  O  O   . HOH F 3 .   ? 5.007   0.818   12.421  1.00 44.41 ? 1513 HOH A O   1 
HETATM 966  O  O   . HOH F 3 .   ? 2.702   -9.111  -0.212  1.00 46.58 ? 1514 HOH A O   1 
HETATM 967  O  O   . HOH F 3 .   ? 6.542   -8.141  -3.813  1.00 47.83 ? 1515 HOH A O   1 
HETATM 968  O  O   . HOH F 3 .   ? 13.158  7.959   7.181   1.00 38.62 ? 1516 HOH A O   1 
HETATM 969  O  O   . HOH F 3 .   ? -12.408 22.166  0.029   1.00 47.19 ? 1517 HOH A O   1 
HETATM 970  O  O   . HOH F 3 .   ? 0.488   21.384  8.608   1.00 34.03 ? 1518 HOH A O   1 
HETATM 971  O  O   . HOH F 3 .   ? 6.730   -5.258  3.817   1.00 35.66 ? 1519 HOH A O   1 
HETATM 972  O  O   . HOH F 3 .   ? -3.720  11.986  -2.704  1.00 38.11 ? 1520 HOH A O   1 
HETATM 973  O  O   . HOH F 3 .   ? 5.217   -8.378  -9.001  1.00 55.14 ? 1521 HOH A O   1 
HETATM 974  O  O   . HOH F 3 .   ? 16.708  -13.688 -1.351  1.00 49.54 ? 1522 HOH A O   1 
HETATM 975  O  O   . HOH F 3 .   ? 7.274   19.269  1.563   1.00 37.64 ? 1523 HOH A O   1 
HETATM 976  O  O   . HOH F 3 .   ? -5.164  -16.008 12.078  1.00 56.66 ? 1524 HOH A O   1 
HETATM 977  O  O   . HOH F 3 .   ? -0.018  10.163  4.558   1.00 39.22 ? 1525 HOH A O   1 
HETATM 978  O  O   . HOH F 3 .   ? 4.162   18.700  12.466  1.00 39.91 ? 1526 HOH A O   1 
HETATM 979  O  O   . HOH F 3 .   ? 6.697   -7.772  7.180   1.00 29.63 ? 1527 HOH A O   1 
HETATM 980  O  O   . HOH F 3 .   ? 2.539   13.706  -4.862  1.00 35.19 ? 1528 HOH A O   1 
HETATM 981  O  O   . HOH F 3 .   ? 10.184  -14.583 -0.803  1.00 25.53 ? 1529 HOH A O   1 
HETATM 982  O  O   . HOH F 3 .   ? -9.645  -10.076 1.804   1.00 55.75 ? 1530 HOH A O   1 
HETATM 983  O  O   . HOH F 3 .   ? 6.705   -21.341 5.435   1.00 32.60 ? 1531 HOH A O   1 
HETATM 984  O  O   . HOH F 3 .   ? -5.514  19.431  1.328   1.00 33.93 ? 1532 HOH A O   1 
HETATM 985  O  O   . HOH F 3 .   ? 20.075  16.180  14.298  1.00 40.94 ? 1533 HOH A O   1 
HETATM 986  O  O   . HOH F 3 .   ? 0.874   26.155  4.999   1.00 33.07 ? 1534 HOH A O   1 
HETATM 987  O  O   . HOH F 3 .   ? 6.854   -22.841 -7.609  1.00 33.74 ? 1535 HOH A O   1 
HETATM 988  O  O   . HOH F 3 .   ? 3.160   24.045  -6.164  1.00 40.33 ? 1536 HOH A O   1 
HETATM 989  O  O   . HOH F 3 .   ? -1.378  -15.943 12.696  1.00 43.58 ? 1537 HOH A O   1 
HETATM 990  O  O   . HOH F 3 .   ? -0.197  -19.189 0.695   1.00 24.71 ? 1538 HOH A O   1 
HETATM 991  O  O   . HOH F 3 .   ? 4.132   -8.195  8.252   1.00 38.68 ? 1539 HOH A O   1 
HETATM 992  O  O   . HOH F 3 .   ? -0.661  23.761  -8.298  1.00 36.93 ? 1540 HOH A O   1 
HETATM 993  O  O   . HOH F 3 .   ? 8.768   24.607  4.771   1.00 31.27 ? 1541 HOH A O   1 
HETATM 994  O  O   . HOH F 3 .   ? 5.849   -33.621 -2.299  1.00 58.30 ? 1542 HOH A O   1 
HETATM 995  O  O   . HOH F 3 .   ? -4.259  11.220  0.121   1.00 53.28 ? 1543 HOH A O   1 
HETATM 996  O  O   . HOH F 3 .   ? -0.503  14.382  -3.423  1.00 33.72 ? 1544 HOH A O   1 
HETATM 997  O  O   . HOH F 3 .   ? 3.011   25.702  -0.271  1.00 43.41 ? 1545 HOH A O   1 
HETATM 998  O  O   . HOH F 3 .   ? 2.872   -1.310  12.954  1.00 71.59 ? 1546 HOH A O   1 
HETATM 999  O  O   . HOH F 3 .   ? -8.365  24.229  1.023   1.00 33.11 ? 1547 HOH A O   1 
HETATM 1000 O  O   . HOH F 3 .   ? 5.762   -1.472  11.001  1.00 38.61 ? 1548 HOH A O   1 
HETATM 1001 O  O   . HOH F 3 .   ? -11.411 -19.562 6.861   1.00 46.61 ? 1549 HOH A O   1 
HETATM 1002 O  O   . HOH F 3 .   ? 2.440   5.395   12.059  1.00 44.81 ? 1550 HOH A O   1 
HETATM 1003 O  O   . HOH F 3 .   ? 0.696   -2.499  6.626   1.00 46.10 ? 1551 HOH A O   1 
HETATM 1004 O  O   . HOH F 3 .   ? -2.014  11.149  3.007   1.00 59.56 ? 1552 HOH A O   1 
HETATM 1005 O  O   . HOH F 3 .   ? 8.665   8.759   0.832   1.00 33.78 ? 1553 HOH A O   1 
HETATM 1006 O  O   . HOH F 3 .   ? 0.968   -21.342 2.187   1.00 27.30 ? 1554 HOH A O   1 
HETATM 1007 O  O   . HOH F 3 .   ? -0.406  12.503  7.943   1.00 53.83 ? 1555 HOH A O   1 
HETATM 1008 O  O   . HOH F 3 .   ? -7.919  -21.783 -6.677  1.00 42.37 ? 1556 HOH A O   1 
HETATM 1009 O  O   . HOH F 3 .   ? 13.209  4.696   1.905   1.00 41.25 ? 1557 HOH A O   1 
HETATM 1010 O  O   . HOH F 3 .   ? 1.501   -17.367 -13.770 1.00 46.81 ? 1558 HOH A O   1 
HETATM 1011 O  O   . HOH F 3 .   ? 9.145   7.568   12.462  1.00 39.76 ? 1559 HOH A O   1 
HETATM 1012 O  O   . HOH F 3 .   ? -8.715  -14.000 8.586   1.00 49.67 ? 1560 HOH A O   1 
HETATM 1013 O  O   . HOH F 3 .   ? 13.683  -25.668 -2.479  1.00 56.09 ? 1561 HOH A O   1 
HETATM 1014 O  O   . HOH F 3 .   ? 13.603  11.772  16.280  1.00 41.04 ? 1562 HOH A O   1 
HETATM 1015 O  O   . HOH F 3 .   ? 16.427  19.755  14.791  1.00 30.21 ? 1563 HOH A O   1 
HETATM 1016 O  O   . HOH F 3 .   ? 12.635  4.242   7.048   1.00 38.37 ? 1564 HOH A O   1 
HETATM 1017 O  O   . HOH F 3 .   ? 9.322   -29.815 1.858   1.00 39.31 ? 1565 HOH A O   1 
HETATM 1018 O  O   . HOH F 3 .   ? 8.344   -12.621 -9.501  1.00 37.90 ? 1566 HOH A O   1 
HETATM 1019 O  O   . HOH F 3 .   ? -12.013 -22.281 4.424   1.00 58.14 ? 1567 HOH A O   1 
HETATM 1020 O  O   . HOH F 3 .   ? -4.949  -30.635 1.626   1.00 42.48 ? 1568 HOH A O   1 
HETATM 1021 O  O   . HOH F 3 .   ? 12.401  -23.649 -5.593  1.00 59.79 ? 1569 HOH A O   1 
HETATM 1022 O  O   . HOH F 3 .   ? 4.814   -27.496 6.547   1.00 31.92 ? 1570 HOH A O   1 
HETATM 1023 O  O   . HOH F 3 .   ? 4.344   -26.803 -5.863  1.00 43.55 ? 1571 HOH A O   1 
HETATM 1024 O  O   . HOH F 3 .   ? -4.768  -24.814 -7.697  1.00 46.27 ? 1572 HOH A O   1 
HETATM 1025 O  O   . HOH F 3 .   ? 12.214  18.105  13.290  1.00 30.63 ? 1573 HOH A O   1 
HETATM 1026 O  O   . HOH F 3 .   ? -8.222  -24.444 3.512   1.00 37.89 ? 1574 HOH A O   1 
HETATM 1027 O  O   . HOH F 3 .   ? 9.791   -23.985 -5.136  1.00 37.29 ? 1575 HOH A O   1 
HETATM 1028 O  O   . HOH F 3 .   ? 3.691   -11.887 -4.141  1.00 29.47 ? 1576 HOH A O   1 
HETATM 1029 O  O   . HOH F 3 .   ? 6.807   2.303   -1.445  1.00 44.08 ? 1577 HOH A O   1 
HETATM 1030 O  O   . HOH F 3 .   ? 6.793   -30.522 2.442   1.00 40.14 ? 1578 HOH A O   1 
HETATM 1031 O  O   . HOH F 3 .   ? 13.499  4.865   4.539   1.00 37.53 ? 1579 HOH A O   1 
HETATM 1032 O  O   . HOH F 3 .   ? -4.486  -14.359 -10.655 1.00 39.80 ? 1580 HOH A O   1 
HETATM 1033 O  O   . HOH F 3 .   ? -4.389  -19.853 -9.330  1.00 45.36 ? 1581 HOH A O   1 
HETATM 1034 O  O   . HOH F 3 .   ? 9.962   -31.544 -0.577  1.00 60.66 ? 1582 HOH A O   1 
HETATM 1035 O  O   . HOH F 3 .   ? 7.543   -13.162 -12.103 1.00 41.08 ? 1583 HOH A O   1 
HETATM 1036 O  O   . HOH F 3 .   ? 4.612   11.169  16.285  1.00 50.65 ? 1584 HOH A O   1 
HETATM 1037 O  O   . HOH F 3 .   ? -4.800  -17.619 -10.671 1.00 45.45 ? 1585 HOH A O   1 
HETATM 1038 O  O   . HOH F 3 .   ? -3.431  -22.750 10.154  1.00 52.23 ? 1586 HOH A O   1 
HETATM 1039 O  O   . HOH F 3 .   ? -11.120 16.346  -10.733 1.00 63.95 ? 1587 HOH A O   1 
HETATM 1040 O  O   . HOH F 3 .   ? -4.639  17.079  -10.627 1.00 74.04 ? 1588 HOH A O   1 
HETATM 1041 O  O   . HOH F 3 .   ? 0.142   13.171  -5.769  1.00 45.51 ? 1589 HOH A O   1 
HETATM 1042 O  O   . HOH F 3 .   ? 0.728   4.170   4.283   1.00 41.44 ? 1590 HOH A O   1 
HETATM 1043 O  O   . HOH F 3 .   ? 19.944  -16.737 1.284   1.00 51.55 ? 1591 HOH A O   1 
HETATM 1044 O  O   . HOH F 3 .   ? 3.549   -8.652  13.150  1.00 55.04 ? 1592 HOH A O   1 
HETATM 1045 O  O   . HOH F 3 .   ? 21.833  -17.988 4.231   1.00 64.62 ? 1593 HOH A O   1 
HETATM 1046 O  O   . HOH F 3 .   ? -7.372  -24.414 -5.975  1.00 44.93 ? 1594 HOH A O   1 
HETATM 1047 O  O   . HOH F 3 .   ? 3.424   -7.937  2.195   1.00 67.65 ? 1595 HOH A O   1 
HETATM 1048 O  O   . HOH F 3 .   ? 13.526  -22.003 4.341   1.00 51.37 ? 1596 HOH A O   1 
HETATM 1049 O  O   . HOH F 3 .   ? -6.613  22.254  -12.581 1.00 70.11 ? 1597 HOH A O   1 
HETATM 1050 O  O   . HOH F 3 .   ? 11.835  10.414  3.510   1.00 44.19 ? 1598 HOH A O   1 
HETATM 1051 O  O   . HOH F 3 .   ? -0.331  -6.763  -1.169  1.00 61.44 ? 1599 HOH A O   1 
HETATM 1052 O  O   . HOH F 3 .   ? 1.142   -10.840 10.566  1.00 52.47 ? 1600 HOH A O   1 
HETATM 1053 O  O   . HOH F 3 .   ? 11.361  10.131  16.919  1.00 63.07 ? 1601 HOH A O   1 
HETATM 1054 O  O   . HOH F 3 .   ? 13.876  9.102   4.698   1.00 48.56 ? 1602 HOH A O   1 
HETATM 1055 O  O   . HOH F 3 .   ? -4.179  31.113  -7.495  1.00 69.54 ? 1603 HOH A O   1 
HETATM 1056 O  O   . HOH F 3 .   ? -9.435  21.966  2.026   1.00 46.30 ? 1604 HOH A O   1 
HETATM 1057 O  O   . HOH F 3 .   ? -21.077 21.718  -9.771  1.00 68.73 ? 1605 HOH A O   1 
HETATM 1058 O  O   . HOH F 3 .   ? 8.660   -16.697 -11.455 1.00 59.30 ? 1606 HOH A O   1 
HETATM 1059 O  O   . HOH F 3 .   ? 2.464   -20.756 -13.500 1.00 69.50 ? 1607 HOH A O   1 
HETATM 1060 O  O   . HOH F 3 .   ? -7.233  -14.741 10.817  1.00 64.65 ? 1608 HOH A O   1 
HETATM 1061 O  O   . HOH F 3 .   ? -11.195 -22.200 -6.665  1.00 42.49 ? 1609 HOH A O   1 
HETATM 1062 O  O   . HOH F 3 .   ? 12.766  -19.154 3.887   1.00 54.97 ? 1610 HOH A O   1 
HETATM 1063 O  O   . HOH F 3 .   ? 2.211   -10.705 7.991   1.00 44.76 ? 1611 HOH A O   1 
HETATM 1064 O  O   . HOH F 3 .   ? 6.351   24.850  0.641   1.00 51.05 ? 1612 HOH A O   1 
HETATM 1065 O  O   . HOH F 3 .   ? -9.492  -15.773 -12.271 1.00 52.92 ? 1613 HOH A O   1 
HETATM 1066 O  O   . HOH F 3 .   ? -0.331  -24.666 9.736   1.00 52.48 ? 1614 HOH A O   1 
HETATM 1067 O  O   . HOH F 3 .   ? 6.954   -3.168  1.764   1.00 43.19 ? 1615 HOH A O   1 
HETATM 1068 O  O   . HOH F 3 .   ? 14.587  5.066   8.724   1.00 56.12 ? 1616 HOH A O   1 
HETATM 1069 O  O   . HOH F 3 .   ? 16.117  3.805   10.721  1.00 59.73 ? 1617 HOH A O   1 
HETATM 1070 O  O   . HOH F 3 .   ? 9.735   -34.243 1.230   1.00 60.13 ? 1618 HOH A O   1 
HETATM 1071 O  O   . HOH F 3 .   ? 3.460   0.511   18.958  1.00 84.00 ? 1619 HOH A O   1 
# 
